data_3N1L
# 
_entry.id   3N1L 
# 
_audit_conform.dict_name       mmcif_pdbx.dic 
_audit_conform.dict_version    5.379 
_audit_conform.dict_location   http://mmcif.pdb.org/dictionaries/ascii/mmcif_pdbx.dic 
# 
loop_
_database_2.database_id 
_database_2.database_code 
_database_2.pdbx_database_accession 
_database_2.pdbx_DOI 
PDB   3N1L         pdb_00003n1l 10.2210/pdb3n1l/pdb 
NDB   NA0568       ?            ?                   
RCSB  RCSB059264   ?            ?                   
WWPDB D_1000059264 ?            ?                   
# 
loop_
_pdbx_database_related.db_name 
_pdbx_database_related.db_id 
_pdbx_database_related.details 
_pdbx_database_related.content_type 
PDB 3N1H 'Crystal Structure of StWhy2'                unspecified 
PDB 3N1I 'Crystal Structure of StWhy2-ERE32 complex'  unspecified 
PDB 3N1J 'Crystal Structure of StWhy2-dT32 complex'   unspecified 
PDB 3N1K 'Crystal Structure of StWhy2-cERE32 complex' unspecified 
# 
_pdbx_database_status.status_code                     REL 
_pdbx_database_status.entry_id                        3N1L 
_pdbx_database_status.recvd_initial_deposition_date   2010-05-15 
_pdbx_database_status.deposit_site                    RCSB 
_pdbx_database_status.process_site                    RCSB 
_pdbx_database_status.status_code_sf                  REL 
_pdbx_database_status.status_code_mr                  ? 
_pdbx_database_status.SG_entry                        ? 
_pdbx_database_status.pdb_format_compatible           Y 
_pdbx_database_status.status_code_cs                  ? 
_pdbx_database_status.methods_development_category    ? 
_pdbx_database_status.status_code_nmr_data            ? 
# 
loop_
_audit_author.name 
_audit_author.pdbx_ordinal 
'Cappadocia, L.' 1 
'Brisson, N.'    2 
'Sygusch, J.'    3 
# 
_citation.id                        primary 
_citation.title                     
'Crystal Structures of DNA-Whirly Complexes and Their Role in Arabidopsis Organelle Genome Repair.' 
_citation.journal_abbrev            'Plant Cell' 
_citation.journal_volume            22 
_citation.page_first                1849 
_citation.page_last                 1867 
_citation.year                      2010 
_citation.journal_id_ASTM           PLCEEW 
_citation.country                   US 
_citation.journal_id_ISSN           1040-4651 
_citation.journal_id_CSD            2109 
_citation.book_publisher            ? 
_citation.pdbx_database_id_PubMed   20551348 
_citation.pdbx_database_id_DOI      10.1105/tpc.109.071399 
# 
loop_
_citation_author.citation_id 
_citation_author.name 
_citation_author.ordinal 
_citation_author.identifier_ORCID 
primary 'Cappadocia, L.' 1 ? 
primary 'Marechal, A.'   2 ? 
primary 'Parent, J.S.'   3 ? 
primary 'Lepage, E.'     4 ? 
primary 'Sygusch, J.'    5 ? 
primary 'Brisson, N.'    6 ? 
# 
_cell.entry_id           3N1L 
_cell.length_a           166.667 
_cell.length_b           166.667 
_cell.length_c           166.667 
_cell.angle_alpha        90.00 
_cell.angle_beta         90.00 
_cell.angle_gamma        90.00 
_cell.Z_PDB              96 
_cell.pdbx_unique_axis   ? 
_cell.length_a_esd       ? 
_cell.length_b_esd       ? 
_cell.length_c_esd       ? 
_cell.angle_alpha_esd    ? 
_cell.angle_beta_esd     ? 
_cell.angle_gamma_esd    ? 
# 
_symmetry.entry_id                         3N1L 
_symmetry.space_group_name_H-M             'F 4 3 2' 
_symmetry.pdbx_full_space_group_name_H-M   ? 
_symmetry.cell_setting                     ? 
_symmetry.Int_Tables_number                209 
_symmetry.space_group_name_Hall            ? 
# 
loop_
_entity.id 
_entity.type 
_entity.src_method 
_entity.pdbx_description 
_entity.formula_weight 
_entity.pdbx_number_of_molecules 
_entity.pdbx_ec 
_entity.pdbx_mutation 
_entity.pdbx_fragment 
_entity.details 
1 polymer man 'protein StWhy2'     20000.715 1  ? ? ? ? 
2 polymer syn 'DNA 32-mer rcERE32' 2773.904  1  ? ? ? ? 
3 water   nat water                18.015    60 ? ? ? ? 
# 
loop_
_entity_poly.entity_id 
_entity_poly.type 
_entity_poly.nstd_linkage 
_entity_poly.nstd_monomer 
_entity_poly.pdbx_seq_one_letter_code 
_entity_poly.pdbx_seq_one_letter_code_can 
_entity_poly.pdbx_strand_id 
_entity_poly.pdbx_target_identifier 
1 'polypeptide(L)'        no no 
;MADAGKREGRVFAPYSVFKGKAALSAEPRLPTFNRLDSGGVKLNRRGVIMLTFWPSVGERKYDWEKRQLFALSATEVGSL
ISMGTRDSSEFFHDPSMLSSNAGQVRKSLSIKPNADGSGYFISLSVVNNNLKTNDRFTVPVTTAEFAVMRTAFSFALPHI
MGWDRFTNRPLEHHHHHH
;
;MADAGKREGRVFAPYSVFKGKAALSAEPRLPTFNRLDSGGVKLNRRGVIMLTFWPSVGERKYDWEKRQLFALSATEVGSL
ISMGTRDSSEFFHDPSMLSSNAGQVRKSLSIKPNADGSGYFISLSVVNNNLKTNDRFTVPVTTAEFAVMRTAFSFALPHI
MGWDRFTNRPLEHHHHHH
;
A ? 
2 polydeoxyribonucleotide no no '(DA)(DA)(DA)(DA)(DA)(DA)(DA)(DA)(DA)' AAAAAAAAA B ? 
# 
loop_
_entity_poly_seq.entity_id 
_entity_poly_seq.num 
_entity_poly_seq.mon_id 
_entity_poly_seq.hetero 
1 1   MET n 
1 2   ALA n 
1 3   ASP n 
1 4   ALA n 
1 5   GLY n 
1 6   LYS n 
1 7   ARG n 
1 8   GLU n 
1 9   GLY n 
1 10  ARG n 
1 11  VAL n 
1 12  PHE n 
1 13  ALA n 
1 14  PRO n 
1 15  TYR n 
1 16  SER n 
1 17  VAL n 
1 18  PHE n 
1 19  LYS n 
1 20  GLY n 
1 21  LYS n 
1 22  ALA n 
1 23  ALA n 
1 24  LEU n 
1 25  SER n 
1 26  ALA n 
1 27  GLU n 
1 28  PRO n 
1 29  ARG n 
1 30  LEU n 
1 31  PRO n 
1 32  THR n 
1 33  PHE n 
1 34  ASN n 
1 35  ARG n 
1 36  LEU n 
1 37  ASP n 
1 38  SER n 
1 39  GLY n 
1 40  GLY n 
1 41  VAL n 
1 42  LYS n 
1 43  LEU n 
1 44  ASN n 
1 45  ARG n 
1 46  ARG n 
1 47  GLY n 
1 48  VAL n 
1 49  ILE n 
1 50  MET n 
1 51  LEU n 
1 52  THR n 
1 53  PHE n 
1 54  TRP n 
1 55  PRO n 
1 56  SER n 
1 57  VAL n 
1 58  GLY n 
1 59  GLU n 
1 60  ARG n 
1 61  LYS n 
1 62  TYR n 
1 63  ASP n 
1 64  TRP n 
1 65  GLU n 
1 66  LYS n 
1 67  ARG n 
1 68  GLN n 
1 69  LEU n 
1 70  PHE n 
1 71  ALA n 
1 72  LEU n 
1 73  SER n 
1 74  ALA n 
1 75  THR n 
1 76  GLU n 
1 77  VAL n 
1 78  GLY n 
1 79  SER n 
1 80  LEU n 
1 81  ILE n 
1 82  SER n 
1 83  MET n 
1 84  GLY n 
1 85  THR n 
1 86  ARG n 
1 87  ASP n 
1 88  SER n 
1 89  SER n 
1 90  GLU n 
1 91  PHE n 
1 92  PHE n 
1 93  HIS n 
1 94  ASP n 
1 95  PRO n 
1 96  SER n 
1 97  MET n 
1 98  LEU n 
1 99  SER n 
1 100 SER n 
1 101 ASN n 
1 102 ALA n 
1 103 GLY n 
1 104 GLN n 
1 105 VAL n 
1 106 ARG n 
1 107 LYS n 
1 108 SER n 
1 109 LEU n 
1 110 SER n 
1 111 ILE n 
1 112 LYS n 
1 113 PRO n 
1 114 ASN n 
1 115 ALA n 
1 116 ASP n 
1 117 GLY n 
1 118 SER n 
1 119 GLY n 
1 120 TYR n 
1 121 PHE n 
1 122 ILE n 
1 123 SER n 
1 124 LEU n 
1 125 SER n 
1 126 VAL n 
1 127 VAL n 
1 128 ASN n 
1 129 ASN n 
1 130 ASN n 
1 131 LEU n 
1 132 LYS n 
1 133 THR n 
1 134 ASN n 
1 135 ASP n 
1 136 ARG n 
1 137 PHE n 
1 138 THR n 
1 139 VAL n 
1 140 PRO n 
1 141 VAL n 
1 142 THR n 
1 143 THR n 
1 144 ALA n 
1 145 GLU n 
1 146 PHE n 
1 147 ALA n 
1 148 VAL n 
1 149 MET n 
1 150 ARG n 
1 151 THR n 
1 152 ALA n 
1 153 PHE n 
1 154 SER n 
1 155 PHE n 
1 156 ALA n 
1 157 LEU n 
1 158 PRO n 
1 159 HIS n 
1 160 ILE n 
1 161 MET n 
1 162 GLY n 
1 163 TRP n 
1 164 ASP n 
1 165 ARG n 
1 166 PHE n 
1 167 THR n 
1 168 ASN n 
1 169 ARG n 
1 170 PRO n 
1 171 LEU n 
1 172 GLU n 
1 173 HIS n 
1 174 HIS n 
1 175 HIS n 
1 176 HIS n 
1 177 HIS n 
1 178 HIS n 
2 1   DA  n 
2 2   DA  n 
2 3   DA  n 
2 4   DA  n 
2 5   DA  n 
2 6   DA  n 
2 7   DA  n 
2 8   DA  n 
2 9   DA  n 
# 
_entity_src_gen.entity_id                          1 
_entity_src_gen.pdbx_src_id                        1 
_entity_src_gen.pdbx_alt_source_flag               sample 
_entity_src_gen.pdbx_seq_type                      ? 
_entity_src_gen.pdbx_beg_seq_num                   ? 
_entity_src_gen.pdbx_end_seq_num                   ? 
_entity_src_gen.gene_src_common_name               Potato 
_entity_src_gen.gene_src_genus                     ? 
_entity_src_gen.pdbx_gene_src_gene                 StWhy2 
_entity_src_gen.gene_src_species                   ? 
_entity_src_gen.gene_src_strain                    Kennebec 
_entity_src_gen.gene_src_tissue                    ? 
_entity_src_gen.gene_src_tissue_fraction           ? 
_entity_src_gen.gene_src_details                   ? 
_entity_src_gen.pdbx_gene_src_fragment             ? 
_entity_src_gen.pdbx_gene_src_scientific_name      'Solanum tuberosum' 
_entity_src_gen.pdbx_gene_src_ncbi_taxonomy_id     4113 
_entity_src_gen.pdbx_gene_src_variant              ? 
_entity_src_gen.pdbx_gene_src_cell_line            ? 
_entity_src_gen.pdbx_gene_src_atcc                 ? 
_entity_src_gen.pdbx_gene_src_organ                ? 
_entity_src_gen.pdbx_gene_src_organelle            ? 
_entity_src_gen.pdbx_gene_src_cell                 ? 
_entity_src_gen.pdbx_gene_src_cellular_location    ? 
_entity_src_gen.host_org_common_name               ? 
_entity_src_gen.pdbx_host_org_scientific_name      'Escherichia coli' 
_entity_src_gen.pdbx_host_org_ncbi_taxonomy_id     469008 
_entity_src_gen.host_org_genus                     ? 
_entity_src_gen.pdbx_host_org_gene                 ? 
_entity_src_gen.pdbx_host_org_organ                ? 
_entity_src_gen.host_org_species                   ? 
_entity_src_gen.pdbx_host_org_tissue               ? 
_entity_src_gen.pdbx_host_org_tissue_fraction      ? 
_entity_src_gen.pdbx_host_org_strain               'BL21(DE3)' 
_entity_src_gen.pdbx_host_org_variant              ? 
_entity_src_gen.pdbx_host_org_cell_line            ? 
_entity_src_gen.pdbx_host_org_atcc                 ? 
_entity_src_gen.pdbx_host_org_culture_collection   ? 
_entity_src_gen.pdbx_host_org_cell                 ? 
_entity_src_gen.pdbx_host_org_organelle            ? 
_entity_src_gen.pdbx_host_org_cellular_location    ? 
_entity_src_gen.pdbx_host_org_vector_type          plasmid 
_entity_src_gen.pdbx_host_org_vector               ? 
_entity_src_gen.host_org_details                   ? 
_entity_src_gen.expression_system_id               ? 
_entity_src_gen.plasmid_name                       pET21a 
_entity_src_gen.plasmid_details                    ? 
_entity_src_gen.pdbx_description                   ? 
# 
_pdbx_entity_src_syn.entity_id              2 
_pdbx_entity_src_syn.pdbx_src_id            1 
_pdbx_entity_src_syn.pdbx_alt_source_flag   sample 
_pdbx_entity_src_syn.pdbx_beg_seq_num       ? 
_pdbx_entity_src_syn.pdbx_end_seq_num       ? 
_pdbx_entity_src_syn.organism_scientific    ? 
_pdbx_entity_src_syn.organism_common_name   ? 
_pdbx_entity_src_syn.ncbi_taxonomy_id       ? 
_pdbx_entity_src_syn.details                'DNA Synthesis' 
# 
loop_
_struct_ref.entity_id 
_struct_ref.pdbx_db_accession 
_struct_ref.id 
_struct_ref.db_name 
_struct_ref.db_code 
_struct_ref.pdbx_seq_one_letter_code 
_struct_ref.pdbx_align_begin 
_struct_ref.pdbx_db_isoform 
1 3N1K 1 PDB 3N1K 
;MADAGKREGRVFAPYSVFKGKAALSAEPRLPTFNRLDSGGVKLNRRGVIMLTFWPSVGERKYDWEKRQLFALSATEVGSL
ISMGTRDSSEFFHDPSMLSSNAGQVRKSLSIKPNADGSGYFISLSVVNNNLKTNDRFTVPVTTAEFAVMRTAFSFALPHI
MGWDRFTNRPLEHHHHHH
;
1 ? 
2 3N1K 2 PDB 3N1K AAAAAAAAA 1 ? 
# 
loop_
_struct_ref_seq.align_id 
_struct_ref_seq.ref_id 
_struct_ref_seq.pdbx_PDB_id_code 
_struct_ref_seq.pdbx_strand_id 
_struct_ref_seq.seq_align_beg 
_struct_ref_seq.pdbx_seq_align_beg_ins_code 
_struct_ref_seq.seq_align_end 
_struct_ref_seq.pdbx_seq_align_end_ins_code 
_struct_ref_seq.pdbx_db_accession 
_struct_ref_seq.db_align_beg 
_struct_ref_seq.pdbx_db_align_beg_ins_code 
_struct_ref_seq.db_align_end 
_struct_ref_seq.pdbx_db_align_end_ins_code 
_struct_ref_seq.pdbx_auth_seq_align_beg 
_struct_ref_seq.pdbx_auth_seq_align_end 
1 1 3N1L A 1 ? 178 ? 3N1K 1 ? 178 ? 47 224 
2 2 3N1L B 1 ? 9   ? 3N1K 1 ? 9   ? 1  9   
# 
loop_
_chem_comp.id 
_chem_comp.type 
_chem_comp.mon_nstd_flag 
_chem_comp.name 
_chem_comp.pdbx_synonyms 
_chem_comp.formula 
_chem_comp.formula_weight 
ALA 'L-peptide linking' y ALANINE                              ? 'C3 H7 N O2'      89.093  
ARG 'L-peptide linking' y ARGININE                             ? 'C6 H15 N4 O2 1'  175.209 
ASN 'L-peptide linking' y ASPARAGINE                           ? 'C4 H8 N2 O3'     132.118 
ASP 'L-peptide linking' y 'ASPARTIC ACID'                      ? 'C4 H7 N O4'      133.103 
DA  'DNA linking'       y "2'-DEOXYADENOSINE-5'-MONOPHOSPHATE" ? 'C10 H14 N5 O6 P' 331.222 
GLN 'L-peptide linking' y GLUTAMINE                            ? 'C5 H10 N2 O3'    146.144 
GLU 'L-peptide linking' y 'GLUTAMIC ACID'                      ? 'C5 H9 N O4'      147.129 
GLY 'peptide linking'   y GLYCINE                              ? 'C2 H5 N O2'      75.067  
HIS 'L-peptide linking' y HISTIDINE                            ? 'C6 H10 N3 O2 1'  156.162 
HOH non-polymer         . WATER                                ? 'H2 O'            18.015  
ILE 'L-peptide linking' y ISOLEUCINE                           ? 'C6 H13 N O2'     131.173 
LEU 'L-peptide linking' y LEUCINE                              ? 'C6 H13 N O2'     131.173 
LYS 'L-peptide linking' y LYSINE                               ? 'C6 H15 N2 O2 1'  147.195 
MET 'L-peptide linking' y METHIONINE                           ? 'C5 H11 N O2 S'   149.211 
PHE 'L-peptide linking' y PHENYLALANINE                        ? 'C9 H11 N O2'     165.189 
PRO 'L-peptide linking' y PROLINE                              ? 'C5 H9 N O2'      115.130 
SER 'L-peptide linking' y SERINE                               ? 'C3 H7 N O3'      105.093 
THR 'L-peptide linking' y THREONINE                            ? 'C4 H9 N O3'      119.119 
TRP 'L-peptide linking' y TRYPTOPHAN                           ? 'C11 H12 N2 O2'   204.225 
TYR 'L-peptide linking' y TYROSINE                             ? 'C9 H11 N O3'     181.189 
VAL 'L-peptide linking' y VALINE                               ? 'C5 H11 N O2'     117.146 
# 
_exptl.entry_id          3N1L 
_exptl.method            'X-RAY DIFFRACTION' 
_exptl.crystals_number   1 
# 
_exptl_crystal.id                    1 
_exptl_crystal.density_meas          ? 
_exptl_crystal.density_Matthews      2.15 
_exptl_crystal.density_percent_sol   47.35 
_exptl_crystal.description           ? 
_exptl_crystal.F_000                 ? 
_exptl_crystal.preparation           ? 
# 
_exptl_crystal_grow.crystal_id      1 
_exptl_crystal_grow.method          'VAPOR DIFFUSION, HANGING DROP' 
_exptl_crystal_grow.temp            298 
_exptl_crystal_grow.temp_details    ? 
_exptl_crystal_grow.pH              8.0 
_exptl_crystal_grow.pdbx_details    '21% PEG6000, 0.1M Tris, 2.0M LiCl, pH 8.0, VAPOR DIFFUSION, HANGING DROP, temperature 298K' 
_exptl_crystal_grow.pdbx_pH_range   ? 
# 
_diffrn.id                     1 
_diffrn.ambient_temp           100 
_diffrn.ambient_temp_details   ? 
_diffrn.crystal_id             1 
# 
_diffrn_detector.diffrn_id              1 
_diffrn_detector.detector               CCD 
_diffrn_detector.type                   'MARMOSAIC 300 mm CCD' 
_diffrn_detector.pdbx_collection_date   2007-06-04 
_diffrn_detector.details                ? 
# 
_diffrn_radiation.diffrn_id                        1 
_diffrn_radiation.wavelength_id                    1 
_diffrn_radiation.pdbx_monochromatic_or_laue_m_l   M 
_diffrn_radiation.monochromator                    'Si 220 CHANNEL' 
_diffrn_radiation.pdbx_diffrn_protocol             'SINGLE WAVELENGTH' 
_diffrn_radiation.pdbx_scattering_type             x-ray 
# 
_diffrn_radiation_wavelength.id           1 
_diffrn_radiation_wavelength.wavelength   1.10 
_diffrn_radiation_wavelength.wt           1.0 
# 
_diffrn_source.diffrn_id                   1 
_diffrn_source.source                      SYNCHROTRON 
_diffrn_source.type                        'APS BEAMLINE 22-ID' 
_diffrn_source.pdbx_synchrotron_site       APS 
_diffrn_source.pdbx_synchrotron_beamline   22-ID 
_diffrn_source.pdbx_wavelength             ? 
_diffrn_source.pdbx_wavelength_list        1.10 
# 
_reflns.entry_id                     3N1L 
_reflns.observed_criterion_sigma_I   0 
_reflns.observed_criterion_sigma_F   0 
_reflns.d_resolution_low             50 
_reflns.d_resolution_high            2.35 
_reflns.number_obs                   8716 
_reflns.number_all                   8763 
_reflns.percent_possible_obs         99.5 
_reflns.pdbx_Rmerge_I_obs            ? 
_reflns.pdbx_Rsym_value              0.954 
_reflns.pdbx_netI_over_sigmaI        16.5 
_reflns.B_iso_Wilson_estimate        56.10 
_reflns.pdbx_redundancy              29.1 
_reflns.R_free_details               ? 
_reflns.limit_h_max                  ? 
_reflns.limit_h_min                  ? 
_reflns.limit_k_max                  ? 
_reflns.limit_k_min                  ? 
_reflns.limit_l_max                  ? 
_reflns.limit_l_min                  ? 
_reflns.observed_criterion_F_max     ? 
_reflns.observed_criterion_F_min     ? 
_reflns.pdbx_chi_squared             ? 
_reflns.pdbx_scaling_rejects         ? 
_reflns.pdbx_diffrn_id               1 
_reflns.pdbx_ordinal                 1 
# 
_reflns_shell.d_res_high             2.35 
_reflns_shell.d_res_low              2.43 
_reflns_shell.percent_possible_all   95.4 
_reflns_shell.Rmerge_I_obs           ? 
_reflns_shell.pdbx_Rsym_value        0.75 
_reflns_shell.meanI_over_sigI_obs    2.3 
_reflns_shell.pdbx_redundancy        6.5 
_reflns_shell.percent_possible_obs   ? 
_reflns_shell.number_unique_all      805 
_reflns_shell.number_measured_all    ? 
_reflns_shell.number_measured_obs    ? 
_reflns_shell.number_unique_obs      ? 
_reflns_shell.pdbx_chi_squared       ? 
_reflns_shell.pdbx_diffrn_id         ? 
_reflns_shell.pdbx_ordinal           1 
# 
_refine.entry_id                                 3N1L 
_refine.ls_number_reflns_obs                     8437 
_refine.ls_number_reflns_all                     8716 
_refine.pdbx_ls_sigma_I                          ? 
_refine.pdbx_ls_sigma_F                          0.13 
_refine.pdbx_data_cutoff_high_absF               ? 
_refine.pdbx_data_cutoff_low_absF                ? 
_refine.pdbx_data_cutoff_high_rms_absF           ? 
_refine.ls_d_res_low                             41.667 
_refine.ls_d_res_high                            2.350 
_refine.ls_percent_reflns_obs                    96.35 
_refine.ls_R_factor_obs                          0.2221 
_refine.ls_R_factor_all                          ? 
_refine.ls_R_factor_R_work                       0.2170 
_refine.ls_R_factor_R_free                       0.2626 
_refine.ls_R_factor_R_free_error                 ? 
_refine.ls_R_factor_R_free_error_details         ? 
_refine.ls_percent_reflns_R_free                 10.67 
_refine.ls_number_reflns_R_free                  900 
_refine.ls_number_parameters                     ? 
_refine.ls_number_restraints                     ? 
_refine.occupancy_min                            ? 
_refine.occupancy_max                            ? 
_refine.correlation_coeff_Fo_to_Fc               ? 
_refine.correlation_coeff_Fo_to_Fc_free          ? 
_refine.B_iso_mean                               63.46 
_refine.aniso_B[1][1]                            -2.6398 
_refine.aniso_B[2][2]                            -2.6398 
_refine.aniso_B[3][3]                            -2.6398 
_refine.aniso_B[1][2]                            -0.0000 
_refine.aniso_B[1][3]                            -0.0000 
_refine.aniso_B[2][3]                            0.0000 
_refine.solvent_model_details                    'FLAT BULK SOLVENT MODEL' 
_refine.solvent_model_param_ksol                 0.329 
_refine.solvent_model_param_bsol                 78.698 
_refine.pdbx_solvent_vdw_probe_radii             1.11 
_refine.pdbx_solvent_ion_probe_radii             ? 
_refine.pdbx_solvent_shrinkage_radii             0.90 
_refine.pdbx_ls_cross_valid_method               THROUGHOUT 
_refine.details                                  ? 
_refine.pdbx_starting_model                      'PDB ENTRY 1L3A' 
_refine.pdbx_method_to_determine_struct          'MOLECULAR REPLACEMENT' 
_refine.pdbx_isotropic_thermal_model             Isotropic 
_refine.pdbx_stereochemistry_target_values       ML 
_refine.pdbx_stereochem_target_val_spec_case     ? 
_refine.pdbx_R_Free_selection_details            RANDOM 
_refine.pdbx_overall_ESU_R_Free                  ? 
_refine.overall_SU_ML                            2.36 
_refine.overall_SU_B                             ? 
_refine.overall_SU_R_Cruickshank_DPI             ? 
_refine.ls_redundancy_reflns_obs                 ? 
_refine.B_iso_min                                ? 
_refine.B_iso_max                                ? 
_refine.overall_SU_R_free                        ? 
_refine.ls_wR_factor_R_free                      ? 
_refine.ls_wR_factor_R_work                      ? 
_refine.overall_FOM_free_R_set                   ? 
_refine.overall_FOM_work_R_set                   ? 
_refine.pdbx_overall_phase_error                 ? 
_refine.pdbx_refine_id                           'X-RAY DIFFRACTION' 
_refine.pdbx_overall_ESU_R                       ? 
_refine.pdbx_diffrn_id                           1 
_refine.pdbx_TLS_residual_ADP_flag               ? 
_refine.pdbx_overall_SU_R_free_Cruickshank_DPI   ? 
_refine.pdbx_overall_SU_R_Blow_DPI               ? 
_refine.pdbx_overall_SU_R_free_Blow_DPI          ? 
# 
_refine_hist.pdbx_refine_id                   'X-RAY DIFFRACTION' 
_refine_hist.cycle_id                         LAST 
_refine_hist.pdbx_number_atoms_protein        1266 
_refine_hist.pdbx_number_atoms_nucleic_acid   189 
_refine_hist.pdbx_number_atoms_ligand         0 
_refine_hist.number_atoms_solvent             60 
_refine_hist.number_atoms_total               1515 
_refine_hist.d_res_high                       2.350 
_refine_hist.d_res_low                        41.667 
# 
loop_
_refine_ls_restr.type 
_refine_ls_restr.dev_ideal 
_refine_ls_restr.dev_ideal_target 
_refine_ls_restr.weight 
_refine_ls_restr.number 
_refine_ls_restr.pdbx_refine_id 
_refine_ls_restr.pdbx_restraint_function 
f_bond_d           0.010  ? ? 1513 'X-RAY DIFFRACTION' ? 
f_angle_d          1.321  ? ? 2083 'X-RAY DIFFRACTION' ? 
f_dihedral_angle_d 20.102 ? ? 558  'X-RAY DIFFRACTION' ? 
f_chiral_restr     0.077  ? ? 225  'X-RAY DIFFRACTION' ? 
f_plane_restr      0.006  ? ? 236  'X-RAY DIFFRACTION' ? 
# 
loop_
_refine_ls_shell.pdbx_total_number_of_bins_used 
_refine_ls_shell.d_res_high 
_refine_ls_shell.d_res_low 
_refine_ls_shell.number_reflns_R_work 
_refine_ls_shell.R_factor_R_work 
_refine_ls_shell.percent_reflns_obs 
_refine_ls_shell.R_factor_R_free 
_refine_ls_shell.R_factor_R_free_error 
_refine_ls_shell.percent_reflns_R_free 
_refine_ls_shell.number_reflns_R_free 
_refine_ls_shell.number_reflns_all 
_refine_ls_shell.R_factor_all 
_refine_ls_shell.number_reflns_obs 
_refine_ls_shell.redundancy_reflns_obs 
_refine_ls_shell.pdbx_refine_id 
. 2.3505 2.4977  1091 0.2749 86.00  0.3848 . . 113 . . . . 'X-RAY DIFFRACTION' 
. 2.4977 2.6905  1225 0.2591 96.00  0.3311 . . 137 . . . . 'X-RAY DIFFRACTION' 
. 2.6905 2.9612  1234 0.2624 97.00  0.3276 . . 152 . . . . 'X-RAY DIFFRACTION' 
. 2.9612 3.3895  1267 0.2266 99.00  0.2783 . . 160 . . . . 'X-RAY DIFFRACTION' 
. 3.3895 4.2698  1307 0.1801 100.00 0.2362 . . 157 . . . . 'X-RAY DIFFRACTION' 
. 4.2698 41.6733 1413 0.2076 100.00 0.2382 . . 181 . . . . 'X-RAY DIFFRACTION' 
# 
_struct.entry_id                  3N1L 
_struct.title                     'Crystal Structure of a StWhy2-rcERE32 complex' 
_struct.pdbx_model_details        ? 
_struct.pdbx_CASP_flag            ? 
_struct.pdbx_model_type_details   ? 
# 
_struct_keywords.entry_id        3N1L 
_struct_keywords.pdbx_keywords   'DNA BINDING PROTEIN/DNA' 
_struct_keywords.text            
'Single-stranded DNA binding protein, Plant, Whirly, Protein-DNA complex, DNA BINDING PROTEIN-DNA complex' 
# 
loop_
_struct_asym.id 
_struct_asym.pdbx_blank_PDB_chainid_flag 
_struct_asym.pdbx_modified 
_struct_asym.entity_id 
_struct_asym.details 
A N N 1 ? 
B N N 2 ? 
C N N 3 ? 
D N N 3 ? 
# 
_struct_biol.id        1 
_struct_biol.details   
;Authors state that the biological unit is a tetramer protein plus a 32-mer DNA molecule, as indicated as pentamer in remark 350. Please refer to remark 999 for more details on the sequences specificity of this crystal structure.
;
# 
loop_
_struct_conf.conf_type_id 
_struct_conf.id 
_struct_conf.pdbx_PDB_helix_id 
_struct_conf.beg_label_comp_id 
_struct_conf.beg_label_asym_id 
_struct_conf.beg_label_seq_id 
_struct_conf.pdbx_beg_PDB_ins_code 
_struct_conf.end_label_comp_id 
_struct_conf.end_label_asym_id 
_struct_conf.end_label_seq_id 
_struct_conf.pdbx_end_PDB_ins_code 
_struct_conf.beg_auth_comp_id 
_struct_conf.beg_auth_asym_id 
_struct_conf.beg_auth_seq_id 
_struct_conf.end_auth_comp_id 
_struct_conf.end_auth_asym_id 
_struct_conf.end_auth_seq_id 
_struct_conf.pdbx_PDB_helix_class 
_struct_conf.details 
_struct_conf.pdbx_PDB_helix_length 
HELX_P HELX_P1 1 TRP A 64  ? ARG A 67  ? TRP A 110 ARG A 113 5 ? 4  
HELX_P HELX_P2 2 SER A 73  ? SER A 82  ? SER A 119 SER A 128 1 ? 10 
HELX_P HELX_P3 3 THR A 143 ? MET A 161 ? THR A 189 MET A 207 1 ? 19 
HELX_P HELX_P4 4 GLY A 162 ? PHE A 166 ? GLY A 208 PHE A 212 5 ? 5  
# 
_struct_conf_type.id          HELX_P 
_struct_conf_type.criteria    ? 
_struct_conf_type.reference   ? 
# 
loop_
_struct_sheet.id 
_struct_sheet.type 
_struct_sheet.number_strands 
_struct_sheet.details 
A ? 4 ? 
B ? 4 ? 
C ? 2 ? 
D ? 4 ? 
# 
loop_
_struct_sheet_order.sheet_id 
_struct_sheet_order.range_id_1 
_struct_sheet_order.range_id_2 
_struct_sheet_order.offset 
_struct_sheet_order.sense 
A 1 2 ? anti-parallel 
A 2 3 ? anti-parallel 
A 3 4 ? anti-parallel 
B 1 2 ? anti-parallel 
B 2 3 ? anti-parallel 
B 3 4 ? anti-parallel 
C 1 2 ? anti-parallel 
D 1 2 ? anti-parallel 
D 2 3 ? anti-parallel 
D 3 4 ? anti-parallel 
# 
loop_
_struct_sheet_range.sheet_id 
_struct_sheet_range.id 
_struct_sheet_range.beg_label_comp_id 
_struct_sheet_range.beg_label_asym_id 
_struct_sheet_range.beg_label_seq_id 
_struct_sheet_range.pdbx_beg_PDB_ins_code 
_struct_sheet_range.end_label_comp_id 
_struct_sheet_range.end_label_asym_id 
_struct_sheet_range.end_label_seq_id 
_struct_sheet_range.pdbx_end_PDB_ins_code 
_struct_sheet_range.beg_auth_comp_id 
_struct_sheet_range.beg_auth_asym_id 
_struct_sheet_range.beg_auth_seq_id 
_struct_sheet_range.end_auth_comp_id 
_struct_sheet_range.end_auth_asym_id 
_struct_sheet_range.end_auth_seq_id 
A 1 TYR A 15  ? PHE A 18  ? TYR A 61  PHE A 64  
A 2 ALA A 22  ? ARG A 29  ? ALA A 68  ARG A 75  
A 3 VAL A 48  ? VAL A 57  ? VAL A 94  VAL A 103 
A 4 LYS A 61  ? TYR A 62  ? LYS A 107 TYR A 108 
B 1 TYR A 15  ? PHE A 18  ? TYR A 61  PHE A 64  
B 2 ALA A 22  ? ARG A 29  ? ALA A 68  ARG A 75  
B 3 VAL A 48  ? VAL A 57  ? VAL A 94  VAL A 103 
B 4 GLN A 68  ? LEU A 72  ? GLN A 114 LEU A 118 
C 1 THR A 32  ? ARG A 35  ? THR A 78  ARG A 81  
C 2 VAL A 41  ? ARG A 45  ? VAL A 87  ARG A 91  
D 1 SER A 89  ? HIS A 93  ? SER A 135 HIS A 139 
D 2 VAL A 105 ? PRO A 113 ? VAL A 151 PRO A 159 
D 3 GLY A 119 ? ASN A 128 ? GLY A 165 ASN A 174 
D 4 THR A 133 ? THR A 142 ? THR A 179 THR A 188 
# 
loop_
_pdbx_struct_sheet_hbond.sheet_id 
_pdbx_struct_sheet_hbond.range_id_1 
_pdbx_struct_sheet_hbond.range_id_2 
_pdbx_struct_sheet_hbond.range_1_label_atom_id 
_pdbx_struct_sheet_hbond.range_1_label_comp_id 
_pdbx_struct_sheet_hbond.range_1_label_asym_id 
_pdbx_struct_sheet_hbond.range_1_label_seq_id 
_pdbx_struct_sheet_hbond.range_1_PDB_ins_code 
_pdbx_struct_sheet_hbond.range_1_auth_atom_id 
_pdbx_struct_sheet_hbond.range_1_auth_comp_id 
_pdbx_struct_sheet_hbond.range_1_auth_asym_id 
_pdbx_struct_sheet_hbond.range_1_auth_seq_id 
_pdbx_struct_sheet_hbond.range_2_label_atom_id 
_pdbx_struct_sheet_hbond.range_2_label_comp_id 
_pdbx_struct_sheet_hbond.range_2_label_asym_id 
_pdbx_struct_sheet_hbond.range_2_label_seq_id 
_pdbx_struct_sheet_hbond.range_2_PDB_ins_code 
_pdbx_struct_sheet_hbond.range_2_auth_atom_id 
_pdbx_struct_sheet_hbond.range_2_auth_comp_id 
_pdbx_struct_sheet_hbond.range_2_auth_asym_id 
_pdbx_struct_sheet_hbond.range_2_auth_seq_id 
A 1 2 N VAL A 17  ? N VAL A 63  O LEU A 24  ? O LEU A 70  
A 2 3 N ALA A 23  ? N ALA A 69  O TRP A 54  ? O TRP A 100 
A 3 4 N VAL A 57  ? N VAL A 103 O LYS A 61  ? O LYS A 107 
B 1 2 N VAL A 17  ? N VAL A 63  O LEU A 24  ? O LEU A 70  
B 2 3 N ALA A 23  ? N ALA A 69  O TRP A 54  ? O TRP A 100 
B 3 4 N LEU A 51  ? N LEU A 97  O PHE A 70  ? O PHE A 116 
C 1 2 N THR A 32  ? N THR A 78  O ASN A 44  ? O ASN A 90  
D 1 2 N HIS A 93  ? N HIS A 139 O LYS A 107 ? O LYS A 153 
D 2 3 N LYS A 112 ? N LYS A 158 O PHE A 121 ? O PHE A 167 
D 3 4 N TYR A 120 ? N TYR A 166 O VAL A 141 ? O VAL A 187 
# 
_atom_sites.entry_id                    3N1L 
_atom_sites.fract_transf_matrix[1][1]   0.00323807 
_atom_sites.fract_transf_matrix[1][2]   0.00238322 
_atom_sites.fract_transf_matrix[1][3]   0.00445367 
_atom_sites.fract_transf_matrix[2][1]   0.00032540 
_atom_sites.fract_transf_matrix[2][2]   -0.00537763 
_atom_sites.fract_transf_matrix[2][3]   0.00264106 
_atom_sites.fract_transf_matrix[3][1]   0.00504074 
_atom_sites.fract_transf_matrix[3][2]   -0.00118379 
_atom_sites.fract_transf_matrix[3][3]   -0.00303144 
_atom_sites.fract_transf_vector[1]      0.411042 
_atom_sites.fract_transf_vector[2]      0.735214 
_atom_sites.fract_transf_vector[3]      -0.414775 
# 
loop_
_atom_type.symbol 
C 
N 
O 
P 
S 
# 
loop_
_atom_site.group_PDB 
_atom_site.id 
_atom_site.type_symbol 
_atom_site.label_atom_id 
_atom_site.label_alt_id 
_atom_site.label_comp_id 
_atom_site.label_asym_id 
_atom_site.label_entity_id 
_atom_site.label_seq_id 
_atom_site.pdbx_PDB_ins_code 
_atom_site.Cartn_x 
_atom_site.Cartn_y 
_atom_site.Cartn_z 
_atom_site.occupancy 
_atom_site.B_iso_or_equiv 
_atom_site.pdbx_formal_charge 
_atom_site.auth_seq_id 
_atom_site.auth_comp_id 
_atom_site.auth_asym_id 
_atom_site.auth_atom_id 
_atom_site.pdbx_PDB_model_num 
ATOM   1    N N     . GLY A 1 9   ? -2.096  -17.037 14.081  1.00 80.96  ? 55  GLY A N     1 
ATOM   2    C CA    . GLY A 1 9   ? -1.713  -17.062 12.678  1.00 92.99  ? 55  GLY A CA    1 
ATOM   3    C C     . GLY A 1 9   ? -2.121  -15.805 11.914  1.00 92.41  ? 55  GLY A C     1 
ATOM   4    O O     . GLY A 1 9   ? -2.299  -14.732 12.504  1.00 88.10  ? 55  GLY A O     1 
ATOM   5    N N     . ARG A 1 10  ? -2.266  -15.936 10.598  1.00 86.34  ? 56  ARG A N     1 
ATOM   6    C CA    . ARG A 1 10  ? -2.704  -14.830 9.760   1.00 84.16  ? 56  ARG A CA    1 
ATOM   7    C C     . ARG A 1 10  ? -3.961  -14.164 10.295  1.00 82.57  ? 56  ARG A C     1 
ATOM   8    O O     . ARG A 1 10  ? -4.720  -14.760 11.055  1.00 82.88  ? 56  ARG A O     1 
ATOM   9    C CB    . ARG A 1 10  ? -3.005  -15.306 8.335   1.00 90.26  ? 56  ARG A CB    1 
ATOM   10   C CG    . ARG A 1 10  ? -1.813  -15.372 7.378   1.00 95.76  ? 56  ARG A CG    1 
ATOM   11   C CD    . ARG A 1 10  ? -1.430  -16.815 7.068   1.00 93.26  ? 56  ARG A CD    1 
ATOM   12   N NE    . ARG A 1 10  ? -0.308  -17.270 7.884   1.00 100.32 ? 56  ARG A NE    1 
ATOM   13   C CZ    . ARG A 1 10  ? 0.965   -17.168 7.510   1.00 102.97 ? 56  ARG A CZ    1 
ATOM   14   N NH1   . ARG A 1 10  ? 1.263   -16.628 6.331   1.00 104.21 ? 56  ARG A NH1   1 
ATOM   15   N NH2   . ARG A 1 10  ? 1.936   -17.604 8.308   1.00 99.56  ? 56  ARG A NH2   1 
ATOM   16   N N     . VAL A 1 11  ? -4.168  -12.919 9.871   1.00 83.41  ? 57  VAL A N     1 
ATOM   17   C CA    . VAL A 1 11  ? -5.417  -12.178 10.080  1.00 76.48  ? 57  VAL A CA    1 
ATOM   18   C C     . VAL A 1 11  ? -5.733  -11.405 8.796   1.00 71.25  ? 57  VAL A C     1 
ATOM   19   O O     . VAL A 1 11  ? -4.857  -10.754 8.228   1.00 72.00  ? 57  VAL A O     1 
ATOM   20   C CB    . VAL A 1 11  ? -5.330  -11.204 11.270  1.00 70.54  ? 57  VAL A CB    1 
ATOM   21   C CG1   . VAL A 1 11  ? -6.577  -10.341 11.343  1.00 64.28  ? 57  VAL A CG1   1 
ATOM   22   C CG2   . VAL A 1 11  ? -5.140  -11.968 12.557  1.00 65.05  ? 57  VAL A CG2   1 
ATOM   23   N N     . PHE A 1 12  ? -6.976  -11.504 8.332   1.00 69.53  ? 58  PHE A N     1 
ATOM   24   C CA    . PHE A 1 12  ? -7.380  -10.920 7.057   1.00 68.58  ? 58  PHE A CA    1 
ATOM   25   C C     . PHE A 1 12  ? -8.519  -9.923  7.257   1.00 70.24  ? 58  PHE A C     1 
ATOM   26   O O     . PHE A 1 12  ? -9.693  -10.305 7.303   1.00 68.29  ? 58  PHE A O     1 
ATOM   27   C CB    . PHE A 1 12  ? -7.805  -12.011 6.067   1.00 72.96  ? 58  PHE A CB    1 
ATOM   28   C CG    . PHE A 1 12  ? -6.763  -13.078 5.855   1.00 83.58  ? 58  PHE A CG    1 
ATOM   29   C CD1   . PHE A 1 12  ? -6.797  -14.262 6.582   1.00 81.11  ? 58  PHE A CD1   1 
ATOM   30   C CD2   . PHE A 1 12  ? -5.739  -12.897 4.936   1.00 84.81  ? 58  PHE A CD2   1 
ATOM   31   C CE1   . PHE A 1 12  ? -5.830  -15.234 6.394   1.00 83.38  ? 58  PHE A CE1   1 
ATOM   32   C CE2   . PHE A 1 12  ? -4.766  -13.874 4.746   1.00 86.53  ? 58  PHE A CE2   1 
ATOM   33   C CZ    . PHE A 1 12  ? -4.813  -15.038 5.476   1.00 84.31  ? 58  PHE A CZ    1 
ATOM   34   N N     . ALA A 1 13  ? -8.171  -8.642  7.365   1.00 65.01  ? 59  ALA A N     1 
ATOM   35   C CA    . ALA A 1 13  ? -9.153  -7.598  7.653   1.00 59.07  ? 59  ALA A CA    1 
ATOM   36   C C     . ALA A 1 13  ? -8.809  -6.366  6.837   1.00 55.17  ? 59  ALA A C     1 
ATOM   37   O O     . ALA A 1 13  ? -8.428  -5.338  7.374   1.00 49.57  ? 59  ALA A O     1 
ATOM   38   C CB    . ALA A 1 13  ? -9.157  -7.277  9.135   1.00 53.28  ? 59  ALA A CB    1 
ATOM   39   N N     . PRO A 1 14  ? -8.944  -6.473  5.520   1.00 59.21  ? 60  PRO A N     1 
ATOM   40   C CA    . PRO A 1 14  ? -8.483  -5.388  4.665   1.00 56.87  ? 60  PRO A CA    1 
ATOM   41   C C     . PRO A 1 14  ? -9.523  -4.288  4.682   1.00 56.57  ? 60  PRO A C     1 
ATOM   42   O O     . PRO A 1 14  ? -10.698 -4.607  4.828   1.00 50.55  ? 60  PRO A O     1 
ATOM   43   C CB    . PRO A 1 14  ? -8.464  -6.029  3.268   1.00 59.18  ? 60  PRO A CB    1 
ATOM   44   C CG    . PRO A 1 14  ? -8.952  -7.484  3.454   1.00 57.01  ? 60  PRO A CG    1 
ATOM   45   C CD    . PRO A 1 14  ? -9.656  -7.510  4.756   1.00 58.21  ? 60  PRO A CD    1 
ATOM   46   N N     . TYR A 1 15  ? -9.101  -3.030  4.558   1.00 54.57  ? 61  TYR A N     1 
ATOM   47   C CA    . TYR A 1 15  ? -10.036 -1.961  4.259   1.00 47.17  ? 61  TYR A CA    1 
ATOM   48   C C     . TYR A 1 15  ? -10.072 -1.869  2.750   1.00 48.38  ? 61  TYR A C     1 
ATOM   49   O O     . TYR A 1 15  ? -9.026  -1.747  2.092   1.00 47.55  ? 61  TYR A O     1 
ATOM   50   C CB    . TYR A 1 15  ? -9.589  -0.636  4.878   1.00 49.89  ? 61  TYR A CB    1 
ATOM   51   C CG    . TYR A 1 15  ? -10.486 0.510   4.500   1.00 48.47  ? 61  TYR A CG    1 
ATOM   52   C CD1   . TYR A 1 15  ? -11.815 0.520   4.903   1.00 49.14  ? 61  TYR A CD1   1 
ATOM   53   C CD2   . TYR A 1 15  ? -10.020 1.569   3.717   1.00 48.03  ? 61  TYR A CD2   1 
ATOM   54   C CE1   . TYR A 1 15  ? -12.669 1.564   4.555   1.00 47.98  ? 61  TYR A CE1   1 
ATOM   55   C CE2   . TYR A 1 15  ? -10.865 2.635   3.354   1.00 46.31  ? 61  TYR A CE2   1 
ATOM   56   C CZ    . TYR A 1 15  ? -12.192 2.624   3.789   1.00 51.09  ? 61  TYR A CZ    1 
ATOM   57   O OH    . TYR A 1 15  ? -13.076 3.639   3.470   1.00 48.39  ? 61  TYR A OH    1 
ATOM   58   N N     . SER A 1 16  ? -11.269 -1.941  2.189   1.00 52.10  ? 62  SER A N     1 
ATOM   59   C CA    . SER A 1 16  ? -11.397 -2.018  0.744   1.00 52.42  ? 62  SER A CA    1 
ATOM   60   C C     . SER A 1 16  ? -12.282 -0.932  0.196   1.00 52.58  ? 62  SER A C     1 
ATOM   61   O O     . SER A 1 16  ? -13.276 -0.548  0.808   1.00 57.40  ? 62  SER A O     1 
ATOM   62   C CB    . SER A 1 16  ? -11.962 -3.377  0.332   1.00 55.00  ? 62  SER A CB    1 
ATOM   63   O OG    . SER A 1 16  ? -11.239 -4.406  0.965   1.00 61.24  ? 62  SER A OG    1 
ATOM   64   N N     . VAL A 1 17  ? -11.918 -0.463  -0.988  1.00 51.03  ? 63  VAL A N     1 
ATOM   65   C CA    . VAL A 1 17  ? -12.708 0.502   -1.711  1.00 51.50  ? 63  VAL A CA    1 
ATOM   66   C C     . VAL A 1 17  ? -13.001 -0.068  -3.100  1.00 50.83  ? 63  VAL A C     1 
ATOM   67   O O     . VAL A 1 17  ? -12.094 -0.432  -3.843  1.00 55.68  ? 63  VAL A O     1 
ATOM   68   C CB    . VAL A 1 17  ? -11.948 1.835   -1.824  1.00 54.32  ? 63  VAL A CB    1 
ATOM   69   C CG1   . VAL A 1 17  ? -12.823 2.902   -2.441  1.00 53.97  ? 63  VAL A CG1   1 
ATOM   70   C CG2   . VAL A 1 17  ? -11.480 2.285   -0.446  1.00 53.34  ? 63  VAL A CG2   1 
ATOM   71   N N     . PHE A 1 18  ? -14.274 -0.172  -3.438  1.00 53.04  ? 64  PHE A N     1 
ATOM   72   C CA    . PHE A 1 18  ? -14.689 -0.744  -4.710  1.00 56.64  ? 64  PHE A CA    1 
ATOM   73   C C     . PHE A 1 18  ? -15.282 0.361   -5.574  1.00 57.37  ? 64  PHE A C     1 
ATOM   74   O O     . PHE A 1 18  ? -16.268 0.990   -5.204  1.00 60.86  ? 64  PHE A O     1 
ATOM   75   C CB    . PHE A 1 18  ? -15.720 -1.863  -4.492  1.00 56.81  ? 64  PHE A CB    1 
ATOM   76   C CG    . PHE A 1 18  ? -15.174 -3.072  -3.768  1.00 57.72  ? 64  PHE A CG    1 
ATOM   77   C CD1   . PHE A 1 18  ? -14.743 -4.184  -4.471  1.00 55.63  ? 64  PHE A CD1   1 
ATOM   78   C CD2   . PHE A 1 18  ? -15.105 -3.099  -2.386  1.00 58.93  ? 64  PHE A CD2   1 
ATOM   79   C CE1   . PHE A 1 18  ? -14.240 -5.300  -3.808  1.00 60.11  ? 64  PHE A CE1   1 
ATOM   80   C CE2   . PHE A 1 18  ? -14.595 -4.206  -1.719  1.00 57.07  ? 64  PHE A CE2   1 
ATOM   81   C CZ    . PHE A 1 18  ? -14.164 -5.310  -2.431  1.00 57.91  ? 64  PHE A CZ    1 
ATOM   82   N N     . LYS A 1 19  ? -14.672 0.636   -6.717  1.00 55.89  ? 65  LYS A N     1 
ATOM   83   C CA    . LYS A 1 19  ? -15.207 1.685   -7.577  1.00 58.04  ? 65  LYS A CA    1 
ATOM   84   C C     . LYS A 1 19  ? -15.468 1.190   -8.996  1.00 61.34  ? 65  LYS A C     1 
ATOM   85   O O     . LYS A 1 19  ? -15.370 -0.004  -9.280  1.00 62.46  ? 65  LYS A O     1 
ATOM   86   C CB    . LYS A 1 19  ? -14.309 2.933   -7.585  1.00 56.81  ? 65  LYS A CB    1 
ATOM   87   C CG    . LYS A 1 19  ? -14.244 3.661   -6.237  1.00 53.64  ? 65  LYS A CG    1 
ATOM   88   C CD    . LYS A 1 19  ? -15.616 4.209   -5.830  1.00 56.09  ? 65  LYS A CD    1 
ATOM   89   C CE    . LYS A 1 19  ? -15.650 4.633   -4.353  1.00 50.65  ? 65  LYS A CE    1 
ATOM   90   N NZ    . LYS A 1 19  ? -14.963 5.917   -4.067  1.00 50.35  ? 65  LYS A NZ    1 
ATOM   91   N N     . GLY A 1 20  ? -15.816 2.122   -9.878  1.00 62.71  ? 66  GLY A N     1 
ATOM   92   C CA    . GLY A 1 20  ? -16.202 1.782   -11.234 1.00 59.27  ? 66  GLY A CA    1 
ATOM   93   C C     . GLY A 1 20  ? -15.235 0.855   -11.936 1.00 62.47  ? 66  GLY A C     1 
ATOM   94   O O     . GLY A 1 20  ? -15.607 -0.230  -12.363 1.00 59.97  ? 66  GLY A O     1 
ATOM   95   N N     . LYS A 1 21  ? -13.981 1.261   -12.043 1.00 65.22  ? 67  LYS A N     1 
ATOM   96   C CA    . LYS A 1 21  ? -13.036 0.499   -12.843 1.00 63.11  ? 67  LYS A CA    1 
ATOM   97   C C     . LYS A 1 21  ? -12.123 -0.454  -12.083 1.00 65.59  ? 67  LYS A C     1 
ATOM   98   O O     . LYS A 1 21  ? -11.582 -1.390  -12.672 1.00 67.42  ? 67  LYS A O     1 
ATOM   99   C CB    . LYS A 1 21  ? -12.215 1.461   -13.683 1.00 65.53  ? 67  LYS A CB    1 
ATOM   100  C CG    . LYS A 1 21  ? -13.067 2.217   -14.665 1.00 66.51  ? 67  LYS A CG    1 
ATOM   101  C CD    . LYS A 1 21  ? -12.236 2.780   -15.794 1.00 70.21  ? 67  LYS A CD    1 
ATOM   102  C CE    . LYS A 1 21  ? -13.130 3.288   -16.892 1.00 68.66  ? 67  LYS A CE    1 
ATOM   103  N NZ    . LYS A 1 21  ? -13.806 4.603   -16.604 1.00 66.60  ? 67  LYS A NZ    1 
ATOM   104  N N     . ALA A 1 22  ? -11.941 -0.231  -10.787 1.00 63.29  ? 68  ALA A N     1 
ATOM   105  C CA    . ALA A 1 22  ? -11.117 -1.160  -10.019 1.00 60.73  ? 68  ALA A CA    1 
ATOM   106  C C     . ALA A 1 22  ? -11.386 -1.128  -8.509  1.00 57.16  ? 68  ALA A C     1 
ATOM   107  O O     . ALA A 1 22  ? -12.121 -0.269  -8.007  1.00 52.25  ? 68  ALA A O     1 
ATOM   108  C CB    . ALA A 1 22  ? -9.637  -0.927  -10.327 1.00 53.19  ? 68  ALA A CB    1 
ATOM   109  N N     . ALA A 1 23  ? -10.784 -2.090  -7.818  1.00 56.46  ? 69  ALA A N     1 
ATOM   110  C CA    . ALA A 1 23  ? -10.869 -2.189  -6.382  1.00 55.32  ? 69  ALA A CA    1 
ATOM   111  C C     . ALA A 1 23  ? -9.512  -1.865  -5.778  1.00 58.56  ? 69  ALA A C     1 
ATOM   112  O O     . ALA A 1 23  ? -8.458  -2.030  -6.419  1.00 51.35  ? 69  ALA A O     1 
ATOM   113  C CB    . ALA A 1 23  ? -11.296 -3.594  -5.972  1.00 56.87  ? 69  ALA A CB    1 
ATOM   114  N N     . LEU A 1 24  ? -9.547  -1.437  -4.523  1.00 57.84  ? 70  LEU A N     1 
ATOM   115  C CA    . LEU A 1 24  ? -8.341  -1.130  -3.784  1.00 50.20  ? 70  LEU A CA    1 
ATOM   116  C C     . LEU A 1 24  ? -8.473  -1.698  -2.400  1.00 50.90  ? 70  LEU A C     1 
ATOM   117  O O     . LEU A 1 24  ? -9.502  -1.553  -1.750  1.00 52.88  ? 70  LEU A O     1 
ATOM   118  C CB    . LEU A 1 24  ? -8.188  0.372   -3.684  1.00 53.60  ? 70  LEU A CB    1 
ATOM   119  C CG    . LEU A 1 24  ? -7.022  0.867   -2.854  1.00 50.99  ? 70  LEU A CG    1 
ATOM   120  C CD1   . LEU A 1 24  ? -5.752  0.169   -3.318  1.00 49.36  ? 70  LEU A CD1   1 
ATOM   121  C CD2   . LEU A 1 24  ? -6.948  2.377   -3.055  1.00 50.46  ? 70  LEU A CD2   1 
ATOM   122  N N     . SER A 1 25  ? -7.416  -2.338  -1.947  1.00 51.56  ? 71  SER A N     1 
ATOM   123  C CA    . SER A 1 25  ? -7.426  -2.959  -0.653  1.00 51.62  ? 71  SER A CA    1 
ATOM   124  C C     . SER A 1 25  ? -6.186  -2.522  0.081   1.00 48.46  ? 71  SER A C     1 
ATOM   125  O O     . SER A 1 25  ? -5.156  -2.335  -0.528  1.00 48.39  ? 71  SER A O     1 
ATOM   126  C CB    . SER A 1 25  ? -7.394  -4.465  -0.811  1.00 49.42  ? 71  SER A CB    1 
ATOM   127  O OG    . SER A 1 25  ? -7.783  -5.048  0.398   1.00 61.42  ? 71  SER A OG    1 
ATOM   128  N N     . ALA A 1 26  ? -6.275  -2.386  1.397   1.00 50.06  ? 72  ALA A N     1 
ATOM   129  C CA    . ALA A 1 26  ? -5.109  -2.007  2.196   1.00 50.02  ? 72  ALA A CA    1 
ATOM   130  C C     . ALA A 1 26  ? -5.031  -2.777  3.494   1.00 44.53  ? 72  ALA A C     1 
ATOM   131  O O     . ALA A 1 26  ? -5.987  -2.823  4.267   1.00 46.88  ? 72  ALA A O     1 
ATOM   132  C CB    . ALA A 1 26  ? -5.144  -0.523  2.493   1.00 40.46  ? 72  ALA A CB    1 
ATOM   133  N N     . GLU A 1 27  ? -3.886  -3.385  3.755   1.00 47.88  ? 73  GLU A N     1 
ATOM   134  C CA    . GLU A 1 27  ? -3.714  -3.977  5.072   1.00 52.95  ? 73  GLU A CA    1 
ATOM   135  C C     . GLU A 1 27  ? -2.272  -4.051  5.490   1.00 44.47  ? 73  GLU A C     1 
ATOM   136  O O     . GLU A 1 27  ? -1.397  -4.300  4.683   1.00 48.62  ? 73  GLU A O     1 
ATOM   137  C CB    . GLU A 1 27  ? -4.396  -5.356  5.169   1.00 53.90  ? 73  GLU A CB    1 
ATOM   138  C CG    . GLU A 1 27  ? -3.910  -6.362  4.176   1.00 61.23  ? 73  GLU A CG    1 
ATOM   139  C CD    . GLU A 1 27  ? -4.525  -7.746  4.387   1.00 71.55  ? 73  GLU A CD    1 
ATOM   140  O OE1   . GLU A 1 27  ? -5.096  -8.010  5.478   1.00 68.27  ? 73  GLU A OE1   1 
ATOM   141  O OE2   . GLU A 1 27  ? -4.435  -8.566  3.446   1.00 73.01  ? 73  GLU A OE2   1 
ATOM   142  N N     . PRO A 1 28  ? -2.040  -3.832  6.783   1.00 43.86  ? 74  PRO A N     1 
ATOM   143  C CA    . PRO A 1 28  ? -0.727  -3.934  7.411   1.00 44.06  ? 74  PRO A CA    1 
ATOM   144  C C     . PRO A 1 28  ? -0.142  -5.331  7.283   1.00 52.45  ? 74  PRO A C     1 
ATOM   145  O O     . PRO A 1 28  ? -0.851  -6.328  7.344   1.00 53.13  ? 74  PRO A O     1 
ATOM   146  C CB    . PRO A 1 28  ? -1.021  -3.661  8.894   1.00 44.49  ? 74  PRO A CB    1 
ATOM   147  C CG    . PRO A 1 28  ? -2.354  -3.044  8.934   1.00 49.28  ? 74  PRO A CG    1 
ATOM   148  C CD    . PRO A 1 28  ? -3.107  -3.542  7.756   1.00 43.15  ? 74  PRO A CD    1 
ATOM   149  N N     . ARG A 1 29  ? 1.167   -5.383  7.106   1.00 49.84  ? 75  ARG A N     1 
ATOM   150  C CA    . ARG A 1 29  ? 1.941   -6.597  7.145   1.00 51.21  ? 75  ARG A CA    1 
ATOM   151  C C     . ARG A 1 29  ? 2.918   -6.313  8.254   1.00 52.38  ? 75  ARG A C     1 
ATOM   152  O O     . ARG A 1 29  ? 3.716   -5.386  8.136   1.00 54.40  ? 75  ARG A O     1 
ATOM   153  C CB    . ARG A 1 29  ? 2.731   -6.739  5.846   1.00 54.93  ? 75  ARG A CB    1 
ATOM   154  C CG    . ARG A 1 29  ? 2.383   -7.939  4.999   1.00 60.04  ? 75  ARG A CG    1 
ATOM   155  C CD    . ARG A 1 29  ? 0.902   -8.064  4.779   1.00 66.07  ? 75  ARG A CD    1 
ATOM   156  N NE    . ARG A 1 29  ? 0.565   -8.616  3.466   1.00 66.98  ? 75  ARG A NE    1 
ATOM   157  C CZ    . ARG A 1 29  ? -0.653  -8.563  2.938   1.00 72.07  ? 75  ARG A CZ    1 
ATOM   158  N NH1   . ARG A 1 29  ? -1.633  -7.995  3.624   1.00 64.83  ? 75  ARG A NH1   1 
ATOM   159  N NH2   . ARG A 1 29  ? -0.889  -9.064  1.728   1.00 72.70  ? 75  ARG A NH2   1 
ATOM   160  N N     . LEU A 1 30  ? 2.862   -7.079  9.330   1.00 48.24  ? 76  LEU A N     1 
ATOM   161  C CA    . LEU A 1 30  ? 3.635   -6.746  10.508  1.00 55.23  ? 76  LEU A CA    1 
ATOM   162  C C     . LEU A 1 30  ? 5.102   -7.057  10.295  1.00 53.73  ? 76  LEU A C     1 
ATOM   163  O O     . LEU A 1 30  ? 5.449   -7.853  9.423   1.00 52.66  ? 76  LEU A O     1 
ATOM   164  C CB    . LEU A 1 30  ? 3.100   -7.489  11.725  1.00 54.41  ? 76  LEU A CB    1 
ATOM   165  C CG    . LEU A 1 30  ? 1.836   -6.832  12.281  1.00 65.36  ? 76  LEU A CG    1 
ATOM   166  C CD1   . LEU A 1 30  ? 1.166   -7.750  13.323  1.00 69.15  ? 76  LEU A CD1   1 
ATOM   167  C CD2   . LEU A 1 30  ? 2.172   -5.471  12.890  1.00 58.42  ? 76  LEU A CD2   1 
ATOM   168  N N     . PRO A 1 31  ? 5.969   -6.422  11.091  1.00 49.91  ? 77  PRO A N     1 
ATOM   169  C CA    . PRO A 1 31  ? 7.396   -6.702  10.989  1.00 56.38  ? 77  PRO A CA    1 
ATOM   170  C C     . PRO A 1 31  ? 7.673   -8.078  11.574  1.00 60.56  ? 77  PRO A C     1 
ATOM   171  O O     . PRO A 1 31  ? 6.851   -8.570  12.353  1.00 57.25  ? 77  PRO A O     1 
ATOM   172  C CB    . PRO A 1 31  ? 8.028   -5.657  11.908  1.00 48.22  ? 77  PRO A CB    1 
ATOM   173  C CG    . PRO A 1 31  ? 6.928   -5.121  12.742  1.00 55.10  ? 77  PRO A CG    1 
ATOM   174  C CD    . PRO A 1 31  ? 5.639   -5.765  12.359  1.00 52.63  ? 77  PRO A CD    1 
ATOM   175  N N     . THR A 1 32  ? 8.818   -8.668  11.239  1.00 62.94  ? 78  THR A N     1 
ATOM   176  C CA    . THR A 1 32  ? 9.233   -9.942  11.836  1.00 71.60  ? 78  THR A CA    1 
ATOM   177  C C     . THR A 1 32  ? 10.397  -9.694  12.770  1.00 68.54  ? 78  THR A C     1 
ATOM   178  O O     . THR A 1 32  ? 11.278  -8.898  12.464  1.00 70.75  ? 78  THR A O     1 
ATOM   179  C CB    . THR A 1 32  ? 9.714   -10.947 10.773  1.00 67.61  ? 78  THR A CB    1 
ATOM   180  O OG1   . THR A 1 32  ? 10.546  -10.269 9.826   1.00 67.70  ? 78  THR A OG1   1 
ATOM   181  C CG2   . THR A 1 32  ? 8.545   -11.564 10.042  1.00 66.64  ? 78  THR A CG2   1 
ATOM   182  N N     . PHE A 1 33  ? 10.414  -10.394 13.896  1.00 73.16  ? 79  PHE A N     1 
ATOM   183  C CA    . PHE A 1 33  ? 11.507  -10.266 14.863  1.00 75.15  ? 79  PHE A CA    1 
ATOM   184  C C     . PHE A 1 33  ? 12.366  -11.538 14.943  1.00 77.60  ? 79  PHE A C     1 
ATOM   185  O O     . PHE A 1 33  ? 11.999  -12.580 14.393  1.00 73.28  ? 79  PHE A O     1 
ATOM   186  C CB    . PHE A 1 33  ? 10.957  -9.929  16.247  1.00 70.96  ? 79  PHE A CB    1 
ATOM   187  C CG    . PHE A 1 33  ? 10.262  -8.605  16.313  1.00 73.16  ? 79  PHE A CG    1 
ATOM   188  C CD1   . PHE A 1 33  ? 9.174   -8.341  15.503  1.00 71.92  ? 79  PHE A CD1   1 
ATOM   189  C CD2   . PHE A 1 33  ? 10.690  -7.624  17.188  1.00 70.77  ? 79  PHE A CD2   1 
ATOM   190  C CE1   . PHE A 1 33  ? 8.533   -7.122  15.556  1.00 68.46  ? 79  PHE A CE1   1 
ATOM   191  C CE2   . PHE A 1 33  ? 10.048  -6.403  17.248  1.00 70.72  ? 79  PHE A CE2   1 
ATOM   192  C CZ    . PHE A 1 33  ? 8.971   -6.156  16.426  1.00 67.47  ? 79  PHE A CZ    1 
ATOM   193  N N     . ASN A 1 34  ? 13.507  -11.423 15.626  1.00 77.58  ? 80  ASN A N     1 
ATOM   194  C CA    . ASN A 1 34  ? 14.418  -12.530 15.890  1.00 72.08  ? 80  ASN A CA    1 
ATOM   195  C C     . ASN A 1 34  ? 14.768  -12.518 17.363  1.00 80.63  ? 80  ASN A C     1 
ATOM   196  O O     . ASN A 1 34  ? 15.158  -11.475 17.890  1.00 82.48  ? 80  ASN A O     1 
ATOM   197  C CB    . ASN A 1 34  ? 15.719  -12.365 15.106  1.00 69.11  ? 80  ASN A CB    1 
ATOM   198  C CG    . ASN A 1 34  ? 15.557  -12.613 13.624  1.00 75.93  ? 80  ASN A CG    1 
ATOM   199  O OD1   . ASN A 1 34  ? 14.652  -13.327 13.190  1.00 82.39  ? 80  ASN A OD1   1 
ATOM   200  N ND2   . ASN A 1 34  ? 16.452  -12.026 12.830  1.00 75.26  ? 80  ASN A ND2   1 
ATOM   201  N N     . ARG A 1 35  ? 14.651  -13.659 18.037  1.00 84.73  ? 81  ARG A N     1 
ATOM   202  C CA    . ARG A 1 35  ? 15.033  -13.716 19.449  1.00 90.31  ? 81  ARG A CA    1 
ATOM   203  C C     . ARG A 1 35  ? 16.555  -13.799 19.582  1.00 89.67  ? 81  ARG A C     1 
ATOM   204  O O     . ARG A 1 35  ? 17.139  -14.864 19.425  1.00 94.57  ? 81  ARG A O     1 
ATOM   205  C CB    . ARG A 1 35  ? 14.323  -14.874 20.171  1.00 96.78  ? 81  ARG A CB    1 
ATOM   206  C CG    . ARG A 1 35  ? 12.790  -14.681 20.294  1.00 104.51 ? 81  ARG A CG    1 
ATOM   207  C CD    . ARG A 1 35  ? 12.051  -15.848 20.988  1.00 108.24 ? 81  ARG A CD    1 
ATOM   208  N NE    . ARG A 1 35  ? 11.996  -17.065 20.175  1.00 114.18 ? 81  ARG A NE    1 
ATOM   209  C CZ    . ARG A 1 35  ? 10.921  -17.505 19.522  1.00 114.27 ? 81  ARG A CZ    1 
ATOM   210  N NH1   . ARG A 1 35  ? 9.780   -16.833 19.574  1.00 115.99 ? 81  ARG A NH1   1 
ATOM   211  N NH2   . ARG A 1 35  ? 10.987  -18.626 18.812  1.00 112.62 ? 81  ARG A NH2   1 
ATOM   212  N N     . LEU A 1 36  ? 17.198  -12.665 19.838  1.00 90.17  ? 82  LEU A N     1 
ATOM   213  C CA    . LEU A 1 36  ? 18.640  -12.656 20.056  1.00 93.84  ? 82  LEU A CA    1 
ATOM   214  C C     . LEU A 1 36  ? 19.038  -13.747 21.044  1.00 103.80 ? 82  LEU A C     1 
ATOM   215  O O     . LEU A 1 36  ? 18.200  -14.227 21.818  1.00 105.83 ? 82  LEU A O     1 
ATOM   216  C CB    . LEU A 1 36  ? 19.101  -11.309 20.612  1.00 96.08  ? 82  LEU A CB    1 
ATOM   217  C CG    . LEU A 1 36  ? 18.881  -10.075 19.743  1.00 92.16  ? 82  LEU A CG    1 
ATOM   218  C CD1   . LEU A 1 36  ? 19.518  -8.858  20.406  1.00 90.18  ? 82  LEU A CD1   1 
ATOM   219  C CD2   . LEU A 1 36  ? 19.456  -10.307 18.359  1.00 90.38  ? 82  LEU A CD2   1 
ATOM   220  N N     . ASP A 1 37  ? 20.313  -14.133 21.026  1.00 104.91 ? 83  ASP A N     1 
ATOM   221  C CA    . ASP A 1 37  ? 20.825  -15.091 21.997  1.00 100.76 ? 83  ASP A CA    1 
ATOM   222  C C     . ASP A 1 37  ? 21.190  -14.344 23.277  1.00 103.37 ? 83  ASP A C     1 
ATOM   223  O O     . ASP A 1 37  ? 21.473  -14.958 24.299  1.00 109.17 ? 83  ASP A O     1 
ATOM   224  C CB    . ASP A 1 37  ? 22.029  -15.851 21.431  1.00 96.75  ? 83  ASP A CB    1 
ATOM   225  C CG    . ASP A 1 37  ? 22.179  -17.250 22.027  1.00 99.35  ? 83  ASP A CG    1 
ATOM   226  O OD1   . ASP A 1 37  ? 22.102  -17.402 23.270  1.00 99.00  ? 83  ASP A OD1   1 
ATOM   227  O OD2   . ASP A 1 37  ? 22.380  -18.210 21.246  1.00 96.13  ? 83  ASP A OD2   1 
ATOM   228  N N     . SER A 1 38  ? 21.170  -13.014 23.216  1.00 105.24 ? 84  SER A N     1 
ATOM   229  C CA    . SER A 1 38  ? 21.338  -12.195 24.415  1.00 107.76 ? 84  SER A CA    1 
ATOM   230  C C     . SER A 1 38  ? 20.071  -12.255 25.280  1.00 106.26 ? 84  SER A C     1 
ATOM   231  O O     . SER A 1 38  ? 20.039  -11.719 26.391  1.00 108.17 ? 84  SER A O     1 
ATOM   232  C CB    . SER A 1 38  ? 21.652  -10.729 24.060  1.00 108.49 ? 84  SER A CB    1 
ATOM   233  O OG    . SER A 1 38  ? 22.878  -10.594 23.354  1.00 107.69 ? 84  SER A OG    1 
ATOM   234  N N     . GLY A 1 39  ? 19.027  -12.904 24.766  1.00 103.60 ? 85  GLY A N     1 
ATOM   235  C CA    . GLY A 1 39  ? 17.761  -13.007 25.474  1.00 100.99 ? 85  GLY A CA    1 
ATOM   236  C C     . GLY A 1 39  ? 16.693  -12.085 24.916  1.00 100.17 ? 85  GLY A C     1 
ATOM   237  O O     . GLY A 1 39  ? 15.536  -12.480 24.734  1.00 98.44  ? 85  GLY A O     1 
ATOM   238  N N     . GLY A 1 40  ? 17.086  -10.848 24.633  1.00 98.00  ? 86  GLY A N     1 
ATOM   239  C CA    . GLY A 1 40  ? 16.168  -9.870  24.084  1.00 91.35  ? 86  GLY A CA    1 
ATOM   240  C C     . GLY A 1 40  ? 15.677  -10.199 22.686  1.00 88.82  ? 86  GLY A C     1 
ATOM   241  O O     . GLY A 1 40  ? 15.835  -11.312 22.189  1.00 89.33  ? 86  GLY A O     1 
ATOM   242  N N     . VAL A 1 41  ? 15.071  -9.209  22.045  1.00 85.27  ? 87  VAL A N     1 
ATOM   243  C CA    . VAL A 1 41  ? 14.487  -9.397  20.728  1.00 77.65  ? 87  VAL A CA    1 
ATOM   244  C C     . VAL A 1 41  ? 14.895  -8.269  19.793  1.00 77.56  ? 87  VAL A C     1 
ATOM   245  O O     . VAL A 1 41  ? 15.204  -7.157  20.221  1.00 75.03  ? 87  VAL A O     1 
ATOM   246  C CB    . VAL A 1 41  ? 12.966  -9.484  20.811  1.00 75.62  ? 87  VAL A CB    1 
ATOM   247  C CG1   . VAL A 1 41  ? 12.378  -9.730  19.446  1.00 77.24  ? 87  VAL A CG1   1 
ATOM   248  C CG2   . VAL A 1 41  ? 12.574  -10.598 21.763  1.00 80.59  ? 87  VAL A CG2   1 
ATOM   249  N N     . LYS A 1 42  ? 14.908  -8.566  18.507  1.00 74.27  ? 88  LYS A N     1 
ATOM   250  C CA    . LYS A 1 42  ? 15.451  -7.640  17.544  1.00 70.04  ? 88  LYS A CA    1 
ATOM   251  C C     . LYS A 1 42  ? 14.605  -7.682  16.299  1.00 74.65  ? 88  LYS A C     1 
ATOM   252  O O     . LYS A 1 42  ? 14.263  -8.757  15.800  1.00 73.89  ? 88  LYS A O     1 
ATOM   253  C CB    . LYS A 1 42  ? 16.891  -8.019  17.214  1.00 79.59  ? 88  LYS A CB    1 
ATOM   254  C CG    . LYS A 1 42  ? 17.320  -7.651  15.820  1.00 79.91  ? 88  LYS A CG    1 
ATOM   255  C CD    . LYS A 1 42  ? 18.457  -8.537  15.350  1.00 86.95  ? 88  LYS A CD    1 
ATOM   256  C CE    . LYS A 1 42  ? 18.763  -8.262  13.884  1.00 93.10  ? 88  LYS A CE    1 
ATOM   257  N NZ    . LYS A 1 42  ? 19.913  -9.055  13.370  1.00 97.43  ? 88  LYS A NZ    1 
ATOM   258  N N     . LEU A 1 43  ? 14.251  -6.499  15.806  1.00 70.41  ? 89  LEU A N     1 
ATOM   259  C CA    . LEU A 1 43  ? 13.413  -6.398  14.623  1.00 69.16  ? 89  LEU A CA    1 
ATOM   260  C C     . LEU A 1 43  ? 14.203  -6.775  13.393  1.00 68.26  ? 89  LEU A C     1 
ATOM   261  O O     . LEU A 1 43  ? 15.306  -6.267  13.163  1.00 66.47  ? 89  LEU A O     1 
ATOM   262  C CB    . LEU A 1 43  ? 12.825  -4.989  14.474  1.00 71.13  ? 89  LEU A CB    1 
ATOM   263  C CG    . LEU A 1 43  ? 11.892  -4.785  13.270  1.00 62.89  ? 89  LEU A CG    1 
ATOM   264  C CD1   . LEU A 1 43  ? 10.774  -3.826  13.602  1.00 59.40  ? 89  LEU A CD1   1 
ATOM   265  C CD2   . LEU A 1 43  ? 12.667  -4.313  12.055  1.00 63.82  ? 89  LEU A CD2   1 
ATOM   266  N N     . ASN A 1 44  ? 13.607  -7.658  12.600  1.00 68.59  ? 90  ASN A N     1 
ATOM   267  C CA    . ASN A 1 44  ? 14.278  -8.272  11.458  1.00 74.27  ? 90  ASN A CA    1 
ATOM   268  C C     . ASN A 1 44  ? 13.824  -7.706  10.115  1.00 73.25  ? 90  ASN A C     1 
ATOM   269  O O     . ASN A 1 44  ? 14.502  -6.876  9.515   1.00 72.10  ? 90  ASN A O     1 
ATOM   270  C CB    . ASN A 1 44  ? 14.067  -9.790  11.492  1.00 71.68  ? 90  ASN A CB    1 
ATOM   271  C CG    . ASN A 1 44  ? 14.599  -10.478 10.263  1.00 79.43  ? 90  ASN A CG    1 
ATOM   272  O OD1   . ASN A 1 44  ? 15.384  -9.896  9.496   1.00 78.17  ? 90  ASN A OD1   1 
ATOM   273  N ND2   . ASN A 1 44  ? 14.178  -11.728 10.058  1.00 80.25  ? 90  ASN A ND2   1 
ATOM   274  N N     . ARG A 1 45  ? 12.686  -8.168  9.621   1.00 72.95  ? 91  ARG A N     1 
ATOM   275  C CA    . ARG A 1 45  ? 12.173  -7.636  8.365   1.00 73.60  ? 91  ARG A CA    1 
ATOM   276  C C     . ARG A 1 45  ? 11.053  -6.610  8.613   1.00 70.71  ? 91  ARG A C     1 
ATOM   277  O O     . ARG A 1 45  ? 10.138  -6.821  9.445   1.00 60.47  ? 91  ARG A O     1 
ATOM   278  C CB    . ARG A 1 45  ? 11.661  -8.759  7.471   1.00 75.17  ? 91  ARG A CB    1 
ATOM   279  C CG    . ARG A 1 45  ? 11.406  -8.312  6.045   1.00 79.18  ? 91  ARG A CG    1 
ATOM   280  C CD    . ARG A 1 45  ? 9.999   -8.664  5.656   1.00 79.57  ? 91  ARG A CD    1 
ATOM   281  N NE    . ARG A 1 45  ? 9.964   -9.467  4.441   1.00 89.17  ? 91  ARG A NE    1 
ATOM   282  C CZ    . ARG A 1 45  ? 9.053   -10.405 4.195   1.00 93.14  ? 91  ARG A CZ    1 
ATOM   283  N NH1   . ARG A 1 45  ? 8.093   -10.656 5.082   1.00 82.34  ? 91  ARG A NH1   1 
ATOM   284  N NH2   . ARG A 1 45  ? 9.110   -11.094 3.058   1.00 95.77  ? 91  ARG A NH2   1 
ATOM   285  N N     . ARG A 1 46  ? 11.108  -5.501  7.887   1.00 67.50  ? 92  ARG A N     1 
ATOM   286  C CA    . ARG A 1 46  ? 10.186  -4.413  8.176   1.00 62.54  ? 92  ARG A CA    1 
ATOM   287  C C     . ARG A 1 46  ? 8.739   -4.611  7.726   1.00 53.89  ? 92  ARG A C     1 
ATOM   288  O O     . ARG A 1 46  ? 8.464   -5.213  6.692   1.00 61.86  ? 92  ARG A O     1 
ATOM   289  C CB    . ARG A 1 46  ? 10.745  -3.105  7.645   1.00 67.49  ? 92  ARG A CB    1 
ATOM   290  C CG    . ARG A 1 46  ? 11.319  -2.283  8.780   1.00 74.01  ? 92  ARG A CG    1 
ATOM   291  C CD    . ARG A 1 46  ? 10.221  -1.755  9.698   1.00 68.44  ? 92  ARG A CD    1 
ATOM   292  N NE    . ARG A 1 46  ? 9.999   -0.331  9.455   1.00 72.07  ? 92  ARG A NE    1 
ATOM   293  C CZ    . ARG A 1 46  ? 10.700  0.641   10.035  1.00 72.82  ? 92  ARG A CZ    1 
ATOM   294  N NH1   . ARG A 1 46  ? 11.669  0.354   10.909  1.00 68.29  ? 92  ARG A NH1   1 
ATOM   295  N NH2   . ARG A 1 46  ? 10.424  1.903   9.751   1.00 71.68  ? 92  ARG A NH2   1 
ATOM   296  N N     . GLY A 1 47  ? 7.819   -4.109  8.537   1.00 49.55  ? 93  GLY A N     1 
ATOM   297  C CA    . GLY A 1 47  ? 6.419   -4.121  8.178   1.00 45.92  ? 93  GLY A CA    1 
ATOM   298  C C     . GLY A 1 47  ? 6.157   -3.133  7.064   1.00 44.25  ? 93  GLY A C     1 
ATOM   299  O O     . GLY A 1 47  ? 6.959   -2.234  6.798   1.00 46.12  ? 93  GLY A O     1 
ATOM   300  N N     . VAL A 1 48  ? 5.032   -3.318  6.391   1.00 40.53  ? 94  VAL A N     1 
ATOM   301  C CA    . VAL A 1 48  ? 4.589   -2.403  5.345   1.00 42.09  ? 94  VAL A CA    1 
ATOM   302  C C     . VAL A 1 48  ? 3.085   -2.294  5.453   1.00 47.06  ? 94  VAL A C     1 
ATOM   303  O O     . VAL A 1 48  ? 2.470   -2.985  6.257   1.00 45.58  ? 94  VAL A O     1 
ATOM   304  C CB    . VAL A 1 48  ? 4.986   -2.865  3.917   1.00 46.76  ? 94  VAL A CB    1 
ATOM   305  C CG1   . VAL A 1 48  ? 6.497   -2.925  3.767   1.00 43.50  ? 94  VAL A CG1   1 
ATOM   306  C CG2   . VAL A 1 48  ? 4.326   -4.242  3.568   1.00 43.30  ? 94  VAL A CG2   1 
ATOM   307  N N     . ILE A 1 49  ? 2.483   -1.370  4.717   1.00 45.03  ? 95  ILE A N     1 
ATOM   308  C CA    . ILE A 1 49  ? 1.041   -1.410  4.578   1.00 44.37  ? 95  ILE A CA    1 
ATOM   309  C C     . ILE A 1 49  ? 0.862   -1.820  3.148   1.00 46.55  ? 95  ILE A C     1 
ATOM   310  O O     . ILE A 1 49  ? 1.279   -1.106  2.244   1.00 46.56  ? 95  ILE A O     1 
ATOM   311  C CB    . ILE A 1 49  ? 0.395   -0.045  4.826   1.00 44.78  ? 95  ILE A CB    1 
ATOM   312  C CG1   . ILE A 1 49  ? 0.493   0.306   6.311   1.00 47.34  ? 95  ILE A CG1   1 
ATOM   313  C CG2   . ILE A 1 49  ? -1.047  -0.052  4.443   1.00 43.80  ? 95  ILE A CG2   1 
ATOM   314  C CD1   . ILE A 1 49  ? -0.689  1.043   6.819   1.00 50.58  ? 95  ILE A CD1   1 
ATOM   315  N N     . MET A 1 50  ? 0.312   -3.003  2.924   1.00 47.25  ? 96  MET A N     1 
ATOM   316  C CA    . MET A 1 50  ? 0.255   -3.536  1.572   1.00 48.51  ? 96  MET A CA    1 
ATOM   317  C C     . MET A 1 50  ? -0.983  -3.025  0.853   1.00 46.12  ? 96  MET A C     1 
ATOM   318  O O     . MET A 1 50  ? -2.103  -3.063  1.383   1.00 49.90  ? 96  MET A O     1 
ATOM   319  C CB    . MET A 1 50  ? 0.220   -5.057  1.611   1.00 54.49  ? 96  MET A CB    1 
ATOM   320  C CG    . MET A 1 50  ? 0.180   -5.647  0.237   1.00 52.84  ? 96  MET A CG    1 
ATOM   321  S SD    . MET A 1 50  ? 1.759   -5.427  -0.607  1.00 54.66  ? 96  MET A SD    1 
ATOM   322  C CE    . MET A 1 50  ? 2.813   -6.462  0.435   1.00 54.46  ? 96  MET A CE    1 
ATOM   323  N N     . LEU A 1 51  ? -0.786  -2.531  -0.358  1.00 45.70  ? 97  LEU A N     1 
ATOM   324  C CA    . LEU A 1 51  ? -1.919  -2.085  -1.159  1.00 47.53  ? 97  LEU A CA    1 
ATOM   325  C C     . LEU A 1 51  ? -2.156  -3.092  -2.276  1.00 48.23  ? 97  LEU A C     1 
ATOM   326  O O     . LEU A 1 51  ? -1.206  -3.493  -2.976  1.00 46.70  ? 97  LEU A O     1 
ATOM   327  C CB    . LEU A 1 51  ? -1.664  -0.700  -1.776  1.00 43.93  ? 97  LEU A CB    1 
ATOM   328  C CG    . LEU A 1 51  ? -1.510  0.500   -0.843  1.00 42.38  ? 97  LEU A CG    1 
ATOM   329  C CD1   . LEU A 1 51  ? -1.335  1.767   -1.690  1.00 46.67  ? 97  LEU A CD1   1 
ATOM   330  C CD2   . LEU A 1 51  ? -2.721  0.635   0.076   1.00 40.58  ? 97  LEU A CD2   1 
ATOM   331  N N     . THR A 1 52  ? -3.414  -3.496  -2.450  1.00 51.69  ? 98  THR A N     1 
ATOM   332  C CA    . THR A 1 52  ? -3.785  -4.402  -3.542  1.00 52.61  ? 98  THR A CA    1 
ATOM   333  C C     . THR A 1 52  ? -4.801  -3.724  -4.451  1.00 52.99  ? 98  THR A C     1 
ATOM   334  O O     . THR A 1 52  ? -5.845  -3.245  -3.978  1.00 51.17  ? 98  THR A O     1 
ATOM   335  C CB    . THR A 1 52  ? -4.359  -5.731  -3.020  1.00 48.46  ? 98  THR A CB    1 
ATOM   336  O OG1   . THR A 1 52  ? -3.398  -6.358  -2.174  1.00 49.47  ? 98  THR A OG1   1 
ATOM   337  C CG2   . THR A 1 52  ? -4.638  -6.662  -4.169  1.00 53.25  ? 98  THR A CG2   1 
ATOM   338  N N     . PHE A 1 53  ? -4.464  -3.656  -5.740  1.00 49.62  ? 99  PHE A N     1 
ATOM   339  C CA    . PHE A 1 53  ? -5.369  -3.148  -6.764  1.00 55.25  ? 99  PHE A CA    1 
ATOM   340  C C     . PHE A 1 53  ? -5.835  -4.307  -7.645  1.00 54.49  ? 99  PHE A C     1 
ATOM   341  O O     . PHE A 1 53  ? -5.045  -5.178  -8.017  1.00 52.33  ? 99  PHE A O     1 
ATOM   342  C CB    . PHE A 1 53  ? -4.669  -2.125  -7.668  1.00 54.40  ? 99  PHE A CB    1 
ATOM   343  C CG    . PHE A 1 53  ? -4.337  -0.816  -6.994  1.00 49.34  ? 99  PHE A CG    1 
ATOM   344  C CD1   . PHE A 1 53  ? -3.215  -0.695  -6.198  1.00 45.87  ? 99  PHE A CD1   1 
ATOM   345  C CD2   . PHE A 1 53  ? -5.130  0.311   -7.209  1.00 51.11  ? 99  PHE A CD2   1 
ATOM   346  C CE1   . PHE A 1 53  ? -2.908  0.523   -5.596  1.00 51.83  ? 99  PHE A CE1   1 
ATOM   347  C CE2   . PHE A 1 53  ? -4.824  1.533   -6.604  1.00 48.12  ? 99  PHE A CE2   1 
ATOM   348  C CZ    . PHE A 1 53  ? -3.715  1.630   -5.799  1.00 49.74  ? 99  PHE A CZ    1 
ATOM   349  N N     . TRP A 1 54  ? -7.113  -4.308  -8.002  1.00 55.56  ? 100 TRP A N     1 
ATOM   350  C CA    . TRP A 1 54  ? -7.600  -5.276  -8.986  1.00 58.45  ? 100 TRP A CA    1 
ATOM   351  C C     . TRP A 1 54  ? -8.759  -4.761  -9.842  1.00 60.14  ? 100 TRP A C     1 
ATOM   352  O O     . TRP A 1 54  ? -9.551  -3.902  -9.412  1.00 54.08  ? 100 TRP A O     1 
ATOM   353  C CB    . TRP A 1 54  ? -7.833  -6.697  -8.402  1.00 58.52  ? 100 TRP A CB    1 
ATOM   354  C CG    . TRP A 1 54  ? -8.958  -6.902  -7.396  1.00 61.02  ? 100 TRP A CG    1 
ATOM   355  C CD1   . TRP A 1 54  ? -10.083 -7.640  -7.584  1.00 61.28  ? 100 TRP A CD1   1 
ATOM   356  C CD2   . TRP A 1 54  ? -9.010  -6.419  -6.024  1.00 60.25  ? 100 TRP A CD2   1 
ATOM   357  N NE1   . TRP A 1 54  ? -10.849 -7.631  -6.440  1.00 61.73  ? 100 TRP A NE1   1 
ATOM   358  C CE2   . TRP A 1 54  ? -10.231 -6.909  -5.491  1.00 62.93  ? 100 TRP A CE2   1 
ATOM   359  C CE3   . TRP A 1 54  ? -8.173  -5.635  -5.239  1.00 57.16  ? 100 TRP A CE3   1 
ATOM   360  C CZ2   . TRP A 1 54  ? -10.609 -6.603  -4.167  1.00 63.56  ? 100 TRP A CZ2   1 
ATOM   361  C CZ3   . TRP A 1 54  ? -8.568  -5.342  -3.933  1.00 55.22  ? 100 TRP A CZ3   1 
ATOM   362  C CH2   . TRP A 1 54  ? -9.774  -5.822  -3.417  1.00 58.14  ? 100 TRP A CH2   1 
ATOM   363  N N     . PRO A 1 55  ? -8.826  -5.265  -11.088 1.00 62.40  ? 101 PRO A N     1 
ATOM   364  C CA    . PRO A 1 55  ? -9.714  -4.817  -12.174 1.00 60.44  ? 101 PRO A CA    1 
ATOM   365  C C     . PRO A 1 55  ? -11.157 -5.300  -12.067 1.00 62.29  ? 101 PRO A C     1 
ATOM   366  O O     . PRO A 1 55  ? -11.415 -6.455  -11.717 1.00 67.08  ? 101 PRO A O     1 
ATOM   367  C CB    . PRO A 1 55  ? -9.089  -5.446  -13.417 1.00 54.95  ? 101 PRO A CB    1 
ATOM   368  C CG    . PRO A 1 55  ? -7.804  -6.082  -12.974 1.00 61.99  ? 101 PRO A CG    1 
ATOM   369  C CD    . PRO A 1 55  ? -7.929  -6.343  -11.526 1.00 59.13  ? 101 PRO A CD    1 
ATOM   370  N N     . SER A 1 56  ? -12.090 -4.417  -12.405 1.00 64.74  ? 102 SER A N     1 
ATOM   371  C CA    . SER A 1 56  ? -13.507 -4.776  -12.456 1.00 69.34  ? 102 SER A CA    1 
ATOM   372  C C     . SER A 1 56  ? -13.852 -5.457  -13.769 1.00 72.53  ? 102 SER A C     1 
ATOM   373  O O     . SER A 1 56  ? -13.791 -4.830  -14.821 1.00 74.84  ? 102 SER A O     1 
ATOM   374  C CB    . SER A 1 56  ? -14.366 -3.527  -12.327 1.00 68.43  ? 102 SER A CB    1 
ATOM   375  O OG    . SER A 1 56  ? -14.564 -2.907  -13.590 1.00 71.83  ? 102 SER A OG    1 
ATOM   376  N N     . VAL A 1 57  ? -14.219 -6.733  -13.718 1.00 74.27  ? 103 VAL A N     1 
ATOM   377  C CA    . VAL A 1 57  ? -14.666 -7.422  -14.923 1.00 75.26  ? 103 VAL A CA    1 
ATOM   378  C C     . VAL A 1 57  ? -16.182 -7.431  -14.956 1.00 82.70  ? 103 VAL A C     1 
ATOM   379  O O     . VAL A 1 57  ? -16.829 -7.386  -13.901 1.00 87.91  ? 103 VAL A O     1 
ATOM   380  C CB    . VAL A 1 57  ? -14.166 -8.860  -14.964 1.00 78.19  ? 103 VAL A CB    1 
ATOM   381  C CG1   . VAL A 1 57  ? -12.649 -8.880  -15.159 1.00 76.44  ? 103 VAL A CG1   1 
ATOM   382  C CG2   . VAL A 1 57  ? -14.559 -9.584  -13.679 1.00 78.28  ? 103 VAL A CG2   1 
ATOM   383  N N     . GLY A 1 58  ? -16.748 -7.479  -16.159 1.00 81.13  ? 104 GLY A N     1 
ATOM   384  C CA    . GLY A 1 58  ? -18.190 -7.477  -16.309 1.00 83.50  ? 104 GLY A CA    1 
ATOM   385  C C     . GLY A 1 58  ? -18.815 -6.362  -15.489 1.00 89.01  ? 104 GLY A C     1 
ATOM   386  O O     . GLY A 1 58  ? -18.309 -5.243  -15.488 1.00 87.94  ? 104 GLY A O     1 
ATOM   387  N N     . GLU A 1 59  ? -19.896 -6.665  -14.767 1.00 95.46  ? 105 GLU A N     1 
ATOM   388  C CA    . GLU A 1 59  ? -20.652 -5.643  -14.029 1.00 97.27  ? 105 GLU A CA    1 
ATOM   389  C C     . GLU A 1 59  ? -20.496 -5.843  -12.524 1.00 96.33  ? 105 GLU A C     1 
ATOM   390  O O     . GLU A 1 59  ? -20.889 -6.884  -11.993 1.00 94.56  ? 105 GLU A O     1 
ATOM   391  C CB    . GLU A 1 59  ? -22.139 -5.689  -14.396 1.00 104.01 ? 105 GLU A CB    1 
ATOM   392  C CG    . GLU A 1 59  ? -22.465 -6.025  -15.857 1.00 105.01 ? 105 GLU A CG    1 
ATOM   393  C CD    . GLU A 1 59  ? -23.966 -6.240  -16.101 1.00 112.03 ? 105 GLU A CD    1 
ATOM   394  O OE1   . GLU A 1 59  ? -24.723 -6.399  -15.115 1.00 112.88 ? 105 GLU A OE1   1 
ATOM   395  O OE2   . GLU A 1 59  ? -24.378 -6.254  -17.290 1.00 105.23 ? 105 GLU A OE2   1 
ATOM   396  N N     . ARG A 1 60  ? -19.983 -4.822  -11.834 1.00 94.79  ? 106 ARG A N     1 
ATOM   397  C CA    . ARG A 1 60  ? -19.724 -4.937  -10.400 1.00 87.90  ? 106 ARG A CA    1 
ATOM   398  C C     . ARG A 1 60  ? -19.290 -6.367  -10.095 1.00 83.04  ? 106 ARG A C     1 
ATOM   399  O O     . ARG A 1 60  ? -19.967 -7.106  -9.366  1.00 81.86  ? 106 ARG A O     1 
ATOM   400  C CB    . ARG A 1 60  ? -20.966 -4.576  -9.596  1.00 91.17  ? 106 ARG A CB    1 
ATOM   401  C CG    . ARG A 1 60  ? -20.799 -4.718  -8.089  1.00 92.26  ? 106 ARG A CG    1 
ATOM   402  C CD    . ARG A 1 60  ? -22.086 -4.354  -7.345  1.00 99.09  ? 106 ARG A CD    1 
ATOM   403  N NE    . ARG A 1 60  ? -22.176 -2.933  -7.017  1.00 101.87 ? 106 ARG A NE    1 
ATOM   404  C CZ    . ARG A 1 60  ? -22.894 -2.045  -7.706  1.00 101.52 ? 106 ARG A CZ    1 
ATOM   405  N NH1   . ARG A 1 60  ? -23.614 -2.416  -8.766  1.00 97.08  ? 106 ARG A NH1   1 
ATOM   406  N NH2   . ARG A 1 60  ? -22.902 -0.775  -7.320  1.00 101.15 ? 106 ARG A NH2   1 
ATOM   407  N N     . LYS A 1 61  ? -18.173 -6.751  -10.697 1.00 78.87  ? 107 LYS A N     1 
ATOM   408  C CA    . LYS A 1 61  ? -17.487 -7.972  -10.338 1.00 76.12  ? 107 LYS A CA    1 
ATOM   409  C C     . LYS A 1 61  ? -16.001 -7.717  -10.599 1.00 73.39  ? 107 LYS A C     1 
ATOM   410  O O     . LYS A 1 61  ? -15.644 -6.901  -11.454 1.00 70.34  ? 107 LYS A O     1 
ATOM   411  C CB    . LYS A 1 61  ? -18.034 -9.146  -11.131 1.00 77.64  ? 107 LYS A CB    1 
ATOM   412  C CG    . LYS A 1 61  ? -17.799 -10.492 -10.470 1.00 81.49  ? 107 LYS A CG    1 
ATOM   413  C CD    . LYS A 1 61  ? -16.797 -11.315 -11.264 1.00 82.40  ? 107 LYS A CD    1 
ATOM   414  C CE    . LYS A 1 61  ? -17.441 -11.831 -12.546 1.00 83.30  ? 107 LYS A CE    1 
ATOM   415  N NZ    . LYS A 1 61  ? -16.443 -12.361 -13.517 1.00 81.66  ? 107 LYS A NZ    1 
ATOM   416  N N     . TYR A 1 62  ? -15.129 -8.383  -9.853  1.00 69.43  ? 108 TYR A N     1 
ATOM   417  C CA    . TYR A 1 62  ? -13.737 -7.962  -9.825  1.00 66.36  ? 108 TYR A CA    1 
ATOM   418  C C     . TYR A 1 62  ? -12.764 -9.113  -9.945  1.00 70.37  ? 108 TYR A C     1 
ATOM   419  O O     . TYR A 1 62  ? -12.870 -10.117 -9.230  1.00 75.88  ? 108 TYR A O     1 
ATOM   420  C CB    . TYR A 1 62  ? -13.457 -7.156  -8.551  1.00 63.62  ? 108 TYR A CB    1 
ATOM   421  C CG    . TYR A 1 62  ? -14.202 -5.836  -8.482  1.00 63.38  ? 108 TYR A CG    1 
ATOM   422  C CD1   . TYR A 1 62  ? -15.508 -5.777  -8.022  1.00 59.48  ? 108 TYR A CD1   1 
ATOM   423  C CD2   . TYR A 1 62  ? -13.597 -4.647  -8.884  1.00 61.39  ? 108 TYR A CD2   1 
ATOM   424  C CE1   . TYR A 1 62  ? -16.194 -4.570  -7.968  1.00 61.43  ? 108 TYR A CE1   1 
ATOM   425  C CE2   . TYR A 1 62  ? -14.275 -3.440  -8.825  1.00 58.21  ? 108 TYR A CE2   1 
ATOM   426  C CZ    . TYR A 1 62  ? -15.571 -3.409  -8.367  1.00 56.89  ? 108 TYR A CZ    1 
ATOM   427  O OH    . TYR A 1 62  ? -16.240 -2.212  -8.291  1.00 55.44  ? 108 TYR A OH    1 
ATOM   428  N N     . ASP A 1 63  ? -11.794 -8.950  -10.836 1.00 69.13  ? 109 ASP A N     1 
ATOM   429  C CA    . ASP A 1 63  ? -10.925 -10.055 -11.222 1.00 68.27  ? 109 ASP A CA    1 
ATOM   430  C C     . ASP A 1 63  ? -9.666  -10.207 -10.355 1.00 66.65  ? 109 ASP A C     1 
ATOM   431  O O     . ASP A 1 63  ? -8.566  -9.767  -10.722 1.00 63.83  ? 109 ASP A O     1 
ATOM   432  C CB    . ASP A 1 63  ? -10.554 -9.910  -12.682 1.00 66.05  ? 109 ASP A CB    1 
ATOM   433  C CG    . ASP A 1 63  ? -9.862  -11.127 -13.219 1.00 74.95  ? 109 ASP A CG    1 
ATOM   434  O OD1   . ASP A 1 63  ? -9.347  -11.947 -12.415 1.00 74.31  ? 109 ASP A OD1   1 
ATOM   435  O OD2   . ASP A 1 63  ? -9.816  -11.275 -14.451 1.00 77.67  ? 109 ASP A OD2   1 
ATOM   436  N N     . TRP A 1 64  ? -9.843  -10.873 -9.222  1.00 62.86  ? 110 TRP A N     1 
ATOM   437  C CA    . TRP A 1 64  ? -8.792  -11.027 -8.237  1.00 64.85  ? 110 TRP A CA    1 
ATOM   438  C C     . TRP A 1 64  ? -7.527  -11.635 -8.832  1.00 66.81  ? 110 TRP A C     1 
ATOM   439  O O     . TRP A 1 64  ? -6.434  -11.510 -8.277  1.00 67.71  ? 110 TRP A O     1 
ATOM   440  C CB    . TRP A 1 64  ? -9.302  -11.883 -7.094  1.00 63.04  ? 110 TRP A CB    1 
ATOM   441  C CG    . TRP A 1 64  ? -8.305  -12.077 -6.052  1.00 68.61  ? 110 TRP A CG    1 
ATOM   442  C CD1   . TRP A 1 64  ? -7.596  -13.210 -5.795  1.00 71.92  ? 110 TRP A CD1   1 
ATOM   443  C CD2   . TRP A 1 64  ? -7.866  -11.103 -5.107  1.00 69.85  ? 110 TRP A CD2   1 
ATOM   444  N NE1   . TRP A 1 64  ? -6.745  -13.005 -4.738  1.00 71.55  ? 110 TRP A NE1   1 
ATOM   445  C CE2   . TRP A 1 64  ? -6.890  -11.715 -4.300  1.00 67.33  ? 110 TRP A CE2   1 
ATOM   446  C CE3   . TRP A 1 64  ? -8.204  -9.770  -4.863  1.00 67.49  ? 110 TRP A CE3   1 
ATOM   447  C CZ2   . TRP A 1 64  ? -6.252  -11.046 -3.266  1.00 66.85  ? 110 TRP A CZ2   1 
ATOM   448  C CZ3   . TRP A 1 64  ? -7.573  -9.108  -3.840  1.00 62.22  ? 110 TRP A CZ3   1 
ATOM   449  C CH2   . TRP A 1 64  ? -6.609  -9.745  -3.050  1.00 63.55  ? 110 TRP A CH2   1 
ATOM   450  N N     . GLU A 1 65  ? -7.676  -12.283 -9.975  1.00 66.23  ? 111 GLU A N     1 
ATOM   451  C CA    . GLU A 1 65  ? -6.567  -12.997 -10.587 1.00 71.21  ? 111 GLU A CA    1 
ATOM   452  C C     . GLU A 1 65  ? -5.566  -12.023 -11.167 1.00 67.28  ? 111 GLU A C     1 
ATOM   453  O O     . GLU A 1 65  ? -4.387  -12.340 -11.315 1.00 69.02  ? 111 GLU A O     1 
ATOM   454  C CB    . GLU A 1 65  ? -7.077  -13.938 -11.685 1.00 72.84  ? 111 GLU A CB    1 
ATOM   455  C CG    . GLU A 1 65  ? -7.877  -15.142 -11.179 1.00 83.77  ? 111 GLU A CG    1 
ATOM   456  C CD    . GLU A 1 65  ? -7.157  -15.902 -10.054 1.00 94.60  ? 111 GLU A CD    1 
ATOM   457  O OE1   . GLU A 1 65  ? -5.931  -16.146 -10.176 1.00 91.66  ? 111 GLU A OE1   1 
ATOM   458  O OE2   . GLU A 1 65  ? -7.820  -16.261 -9.047  1.00 97.36  ? 111 GLU A OE2   1 
ATOM   459  N N     . LYS A 1 66  ? -6.041  -10.827 -11.485 1.00 65.44  ? 112 LYS A N     1 
ATOM   460  C CA    . LYS A 1 66  ? -5.206  -9.835  -12.142 1.00 66.48  ? 112 LYS A CA    1 
ATOM   461  C C     . LYS A 1 66  ? -4.759  -8.729  -11.210 1.00 61.96  ? 112 LYS A C     1 
ATOM   462  O O     . LYS A 1 66  ? -4.574  -7.612  -11.659 1.00 62.15  ? 112 LYS A O     1 
ATOM   463  C CB    . LYS A 1 66  ? -5.970  -9.215  -13.306 1.00 66.90  ? 112 LYS A CB    1 
ATOM   464  C CG    . LYS A 1 66  ? -6.685  -10.213 -14.173 1.00 69.94  ? 112 LYS A CG    1 
ATOM   465  C CD    . LYS A 1 66  ? -6.582  -9.836  -15.638 1.00 70.28  ? 112 LYS A CD    1 
ATOM   466  C CE    . LYS A 1 66  ? -7.110  -10.945 -16.527 1.00 78.36  ? 112 LYS A CE    1 
ATOM   467  N NZ    . LYS A 1 66  ? -6.838  -12.311 -15.973 1.00 76.96  ? 112 LYS A NZ    1 
ATOM   468  N N     . ARG A 1 67  ? -4.592  -9.039  -9.931  1.00 54.37  ? 113 ARG A N     1 
ATOM   469  C CA    . ARG A 1 67  ? -4.225  -8.026  -8.966  1.00 59.59  ? 113 ARG A CA    1 
ATOM   470  C C     . ARG A 1 67  ? -2.756  -7.589  -9.072  1.00 59.62  ? 113 ARG A C     1 
ATOM   471  O O     . ARG A 1 67  ? -1.903  -8.322  -9.577  1.00 58.17  ? 113 ARG A O     1 
ATOM   472  C CB    . ARG A 1 67  ? -4.533  -8.512  -7.548  1.00 58.29  ? 113 ARG A CB    1 
ATOM   473  C CG    . ARG A 1 67  ? -3.799  -9.774  -7.150  1.00 54.46  ? 113 ARG A CG    1 
ATOM   474  C CD    . ARG A 1 67  ? -4.411  -10.323 -5.899  1.00 58.48  ? 113 ARG A CD    1 
ATOM   475  N NE    . ARG A 1 67  ? -3.684  -11.477 -5.386  1.00 68.19  ? 113 ARG A NE    1 
ATOM   476  C CZ    . ARG A 1 67  ? -3.863  -12.728 -5.817  1.00 72.33  ? 113 ARG A CZ    1 
ATOM   477  N NH1   . ARG A 1 67  ? -4.736  -12.983 -6.787  1.00 67.03  ? 113 ARG A NH1   1 
ATOM   478  N NH2   . ARG A 1 67  ? -3.165  -13.724 -5.278  1.00 66.66  ? 113 ARG A NH2   1 
ATOM   479  N N     . GLN A 1 68  ? -2.479  -6.374  -8.613  1.00 59.36  ? 114 GLN A N     1 
ATOM   480  C CA    . GLN A 1 68  ? -1.110  -5.901  -8.480  1.00 56.50  ? 114 GLN A CA    1 
ATOM   481  C C     . GLN A 1 68  ? -0.932  -5.339  -7.088  1.00 55.81  ? 114 GLN A C     1 
ATOM   482  O O     . GLN A 1 68  ? -1.858  -4.718  -6.549  1.00 48.80  ? 114 GLN A O     1 
ATOM   483  C CB    . GLN A 1 68  ? -0.819  -4.832  -9.514  1.00 56.05  ? 114 GLN A CB    1 
ATOM   484  C CG    . GLN A 1 68  ? -1.075  -5.280  -10.939 1.00 56.03  ? 114 GLN A CG    1 
ATOM   485  C CD    . GLN A 1 68  ? 0.043   -6.136  -11.496 1.00 59.95  ? 114 GLN A CD    1 
ATOM   486  O OE1   . GLN A 1 68  ? 0.953   -6.585  -10.770 1.00 59.22  ? 114 GLN A OE1   1 
ATOM   487  N NE2   . GLN A 1 68  ? -0.009  -6.361  -12.800 1.00 63.06  ? 114 GLN A NE2   1 
ATOM   488  N N     . LEU A 1 69  ? 0.256   -5.551  -6.526  1.00 56.32  ? 115 LEU A N     1 
ATOM   489  C CA    . LEU A 1 69  ? 0.536   -5.154  -5.162  1.00 53.84  ? 115 LEU A CA    1 
ATOM   490  C C     . LEU A 1 69  ? 1.491   -3.966  -5.120  1.00 54.28  ? 115 LEU A C     1 
ATOM   491  O O     . LEU A 1 69  ? 2.306   -3.783  -6.036  1.00 50.58  ? 115 LEU A O     1 
ATOM   492  C CB    . LEU A 1 69  ? 1.162   -6.320  -4.416  1.00 54.59  ? 115 LEU A CB    1 
ATOM   493  C CG    . LEU A 1 69  ? 0.339   -7.597  -4.385  1.00 58.91  ? 115 LEU A CG    1 
ATOM   494  C CD1   . LEU A 1 69  ? 0.830   -8.501  -3.278  1.00 61.05  ? 115 LEU A CD1   1 
ATOM   495  C CD2   . LEU A 1 69  ? -1.092  -7.211  -4.152  1.00 58.14  ? 115 LEU A CD2   1 
ATOM   496  N N     . PHE A 1 70  ? 1.384   -3.168  -4.058  1.00 48.00  ? 116 PHE A N     1 
ATOM   497  C CA    . PHE A 1 70  ? 2.347   -2.102  -3.791  1.00 43.87  ? 116 PHE A CA    1 
ATOM   498  C C     . PHE A 1 70  ? 2.549   -1.995  -2.290  1.00 39.76  ? 116 PHE A C     1 
ATOM   499  O O     . PHE A 1 70  ? 1.588   -1.813  -1.564  1.00 48.76  ? 116 PHE A O     1 
ATOM   500  C CB    . PHE A 1 70  ? 1.833   -0.765  -4.348  1.00 44.84  ? 116 PHE A CB    1 
ATOM   501  C CG    . PHE A 1 70  ? 2.906   0.298   -4.490  1.00 48.27  ? 116 PHE A CG    1 
ATOM   502  C CD1   . PHE A 1 70  ? 3.518   0.521   -5.718  1.00 44.57  ? 116 PHE A CD1   1 
ATOM   503  C CD2   . PHE A 1 70  ? 3.306   1.069   -3.395  1.00 44.80  ? 116 PHE A CD2   1 
ATOM   504  C CE1   . PHE A 1 70  ? 4.499   1.479   -5.846  1.00 48.48  ? 116 PHE A CE1   1 
ATOM   505  C CE2   . PHE A 1 70  ? 4.278   2.023   -3.529  1.00 46.19  ? 116 PHE A CE2   1 
ATOM   506  C CZ    . PHE A 1 70  ? 4.880   2.230   -4.753  1.00 47.93  ? 116 PHE A CZ    1 
ATOM   507  N N     . ALA A 1 71  ? 3.786   -2.133  -1.821  1.00 41.84  ? 117 ALA A N     1 
ATOM   508  C CA    . ALA A 1 71  ? 4.074   -2.127  -0.394  1.00 43.74  ? 117 ALA A CA    1 
ATOM   509  C C     . ALA A 1 71  ? 4.538   -0.763  0.091   1.00 44.84  ? 117 ALA A C     1 
ATOM   510  O O     . ALA A 1 71  ? 5.627   -0.327  -0.236  1.00 45.73  ? 117 ALA A O     1 
ATOM   511  C CB    . ALA A 1 71  ? 5.140   -3.172  -0.073  1.00 47.61  ? 117 ALA A CB    1 
ATOM   512  N N     . LEU A 1 72  ? 3.727   -0.108  0.902   1.00 46.58  ? 118 LEU A N     1 
ATOM   513  C CA    . LEU A 1 72  ? 4.126   1.150   1.504   1.00 42.81  ? 118 LEU A CA    1 
ATOM   514  C C     . LEU A 1 72  ? 5.037   0.957   2.734   1.00 45.33  ? 118 LEU A C     1 
ATOM   515  O O     . LEU A 1 72  ? 4.638   0.346   3.725   1.00 44.31  ? 118 LEU A O     1 
ATOM   516  C CB    . LEU A 1 72  ? 2.882   1.936   1.926   1.00 42.63  ? 118 LEU A CB    1 
ATOM   517  C CG    . LEU A 1 72  ? 1.912   2.281   0.812   1.00 42.84  ? 118 LEU A CG    1 
ATOM   518  C CD1   . LEU A 1 72  ? 0.725   2.972   1.380   1.00 36.96  ? 118 LEU A CD1   1 
ATOM   519  C CD2   . LEU A 1 72  ? 2.574   3.144   -0.254  1.00 45.30  ? 118 LEU A CD2   1 
ATOM   520  N N     . SER A 1 73  ? 6.248   1.509   2.688   1.00 47.73  ? 119 SER A N     1 
ATOM   521  C CA    . SER A 1 73  ? 7.138   1.520   3.852   1.00 44.37  ? 119 SER A CA    1 
ATOM   522  C C     . SER A 1 73  ? 6.627   2.492   4.905   1.00 47.45  ? 119 SER A C     1 
ATOM   523  O O     . SER A 1 73  ? 5.685   3.262   4.651   1.00 47.89  ? 119 SER A O     1 
ATOM   524  C CB    . SER A 1 73  ? 8.542   1.943   3.444   1.00 48.62  ? 119 SER A CB    1 
ATOM   525  O OG    . SER A 1 73  ? 8.501   3.135   2.669   1.00 52.52  ? 119 SER A OG    1 
ATOM   526  N N     . ALA A 1 74  ? 7.256   2.459   6.077   1.00 44.36  ? 120 ALA A N     1 
ATOM   527  C CA    . ALA A 1 74  ? 6.941   3.398   7.154   1.00 49.50  ? 120 ALA A CA    1 
ATOM   528  C C     . ALA A 1 74  ? 6.981   4.825   6.628   1.00 45.85  ? 120 ALA A C     1 
ATOM   529  O O     . ALA A 1 74  ? 6.119   5.649   6.941   1.00 39.86  ? 120 ALA A O     1 
ATOM   530  C CB    . ALA A 1 74  ? 7.931   3.248   8.315   1.00 42.59  ? 120 ALA A CB    1 
ATOM   531  N N     . THR A 1 75  ? 7.995   5.115   5.828   1.00 41.28  ? 121 THR A N     1 
ATOM   532  C CA    . THR A 1 75  ? 8.227   6.482   5.413   1.00 43.25  ? 121 THR A CA    1 
ATOM   533  C C     . THR A 1 75  ? 7.212   6.903   4.376   1.00 43.26  ? 121 THR A C     1 
ATOM   534  O O     . THR A 1 75  ? 6.773   8.039   4.382   1.00 43.26  ? 121 THR A O     1 
ATOM   535  C CB    . THR A 1 75  ? 9.664   6.656   4.970   1.00 43.47  ? 121 THR A CB    1 
ATOM   536  O OG1   . THR A 1 75  ? 10.512  6.396   6.109   1.00 43.92  ? 121 THR A OG1   1 
ATOM   537  C CG2   . THR A 1 75  ? 9.898   8.063   4.480   1.00 45.53  ? 121 THR A CG2   1 
ATOM   538  N N     . GLU A 1 76  ? 6.783   5.990   3.514   1.00 45.41  ? 122 GLU A N     1 
ATOM   539  C CA    . GLU A 1 76  ? 5.746   6.345   2.539   1.00 43.22  ? 122 GLU A CA    1 
ATOM   540  C C     . GLU A 1 76  ? 4.417   6.595   3.227   1.00 41.94  ? 122 GLU A C     1 
ATOM   541  O O     . GLU A 1 76  ? 3.680   7.495   2.847   1.00 44.79  ? 122 GLU A O     1 
ATOM   542  C CB    . GLU A 1 76  ? 5.640   5.260   1.472   1.00 45.81  ? 122 GLU A CB    1 
ATOM   543  C CG    . GLU A 1 76  ? 6.706   5.417   0.395   1.00 52.70  ? 122 GLU A CG    1 
ATOM   544  C CD    . GLU A 1 76  ? 7.214   4.109   -0.217  1.00 56.32  ? 122 GLU A CD    1 
ATOM   545  O OE1   . GLU A 1 76  ? 6.949   3.004   0.316   1.00 56.78  ? 122 GLU A OE1   1 
ATOM   546  O OE2   . GLU A 1 76  ? 7.911   4.187   -1.261  1.00 64.19  ? 122 GLU A OE2   1 
ATOM   547  N N     . VAL A 1 77  ? 4.115   5.793   4.240   1.00 42.83  ? 123 VAL A N     1 
ATOM   548  C CA    . VAL A 1 77  ? 2.923   5.996   5.045   1.00 41.05  ? 123 VAL A CA    1 
ATOM   549  C C     . VAL A 1 77  ? 2.950   7.383   5.692   1.00 40.80  ? 123 VAL A C     1 
ATOM   550  O O     . VAL A 1 77  ? 1.951   8.097   5.704   1.00 39.63  ? 123 VAL A O     1 
ATOM   551  C CB    . VAL A 1 77  ? 2.828   4.910   6.185   1.00 43.61  ? 123 VAL A CB    1 
ATOM   552  C CG1   . VAL A 1 77  ? 1.791   5.269   7.232   1.00 39.42  ? 123 VAL A CG1   1 
ATOM   553  C CG2   . VAL A 1 77  ? 2.533   3.555   5.590   1.00 41.61  ? 123 VAL A CG2   1 
ATOM   554  N N     . GLY A 1 78  ? 4.089   7.777   6.247   1.00 38.70  ? 124 GLY A N     1 
ATOM   555  C CA    . GLY A 1 78  ? 4.171   9.091   6.876   1.00 42.48  ? 124 GLY A CA    1 
ATOM   556  C C     . GLY A 1 78  ? 3.909   10.160  5.825   1.00 45.74  ? 124 GLY A C     1 
ATOM   557  O O     . GLY A 1 78  ? 3.382   11.220  6.111   1.00 44.12  ? 124 GLY A O     1 
ATOM   558  N N     . SER A 1 79  ? 4.279   9.882   4.587   1.00 43.84  ? 125 SER A N     1 
ATOM   559  C CA    . SER A 1 79  ? 4.072   10.849  3.507   1.00 46.48  ? 125 SER A CA    1 
ATOM   560  C C     . SER A 1 79  ? 2.574   11.017  3.157   1.00 47.49  ? 125 SER A C     1 
ATOM   561  O O     . SER A 1 79  ? 2.096   12.093  2.872   1.00 46.37  ? 125 SER A O     1 
ATOM   562  C CB    . SER A 1 79  ? 4.860   10.387  2.289   1.00 44.27  ? 125 SER A CB    1 
ATOM   563  O OG    . SER A 1 79  ? 4.468   11.089  1.149   1.00 51.63  ? 125 SER A OG    1 
ATOM   564  N N     . LEU A 1 80  ? 1.831   9.929   3.215   1.00 45.92  ? 126 LEU A N     1 
ATOM   565  C CA    . LEU A 1 80  ? 0.427   9.954   2.896   1.00 47.23  ? 126 LEU A CA    1 
ATOM   566  C C     . LEU A 1 80  ? -0.412  10.575  4.007   1.00 47.37  ? 126 LEU A C     1 
ATOM   567  O O     . LEU A 1 80  ? -1.373  11.293  3.737   1.00 49.82  ? 126 LEU A O     1 
ATOM   568  C CB    . LEU A 1 80  ? -0.019  8.530   2.611   1.00 43.57  ? 126 LEU A CB    1 
ATOM   569  C CG    . LEU A 1 80  ? -1.420  8.244   2.104   1.00 49.43  ? 126 LEU A CG    1 
ATOM   570  C CD1   . LEU A 1 80  ? -1.377  6.860   1.502   1.00 46.13  ? 126 LEU A CD1   1 
ATOM   571  C CD2   . LEU A 1 80  ? -2.496  8.332   3.236   1.00 48.88  ? 126 LEU A CD2   1 
ATOM   572  N N     . ILE A 1 81  ? -0.052  10.305  5.251   1.00 45.45  ? 127 ILE A N     1 
ATOM   573  C CA    . ILE A 1 81  ? -0.868  10.774  6.365   1.00 49.54  ? 127 ILE A CA    1 
ATOM   574  C C     . ILE A 1 81  ? -0.661  12.249  6.605   1.00 49.80  ? 127 ILE A C     1 
ATOM   575  O O     . ILE A 1 81  ? -1.450  12.885  7.295   1.00 50.48  ? 127 ILE A O     1 
ATOM   576  C CB    . ILE A 1 81  ? -0.540  10.054  7.694   1.00 43.20  ? 127 ILE A CB    1 
ATOM   577  C CG1   . ILE A 1 81  ? 0.901   10.316  8.105   1.00 44.62  ? 127 ILE A CG1   1 
ATOM   578  C CG2   . ILE A 1 81  ? -0.817  8.564   7.589   1.00 47.12  ? 127 ILE A CG2   1 
ATOM   579  C CD1   . ILE A 1 81  ? 1.391   9.359   9.196   1.00 51.69  ? 127 ILE A CD1   1 
ATOM   580  N N     . SER A 1 82  ? 0.428   12.790  6.081   1.00 49.45  ? 128 SER A N     1 
ATOM   581  C CA    . SER A 1 82  ? 0.697   14.184  6.333   1.00 49.27  ? 128 SER A CA    1 
ATOM   582  C C     . SER A 1 82  ? 0.351   15.046  5.119   1.00 53.97  ? 128 SER A C     1 
ATOM   583  O O     . SER A 1 82  ? 0.715   16.221  5.068   1.00 60.07  ? 128 SER A O     1 
ATOM   584  C CB    . SER A 1 82  ? 2.145   14.373  6.782   1.00 47.81  ? 128 SER A CB    1 
ATOM   585  O OG    . SER A 1 82  ? 3.049   13.985  5.759   1.00 54.98  ? 128 SER A OG    1 
ATOM   586  N N     . MET A 1 83  ? -0.362  14.459  4.154   1.00 57.28  ? 129 MET A N     1 
ATOM   587  C CA    . MET A 1 83  ? -0.793  15.178  2.951   1.00 54.25  ? 129 MET A CA    1 
ATOM   588  C C     . MET A 1 83  ? -1.948  16.129  3.221   1.00 57.57  ? 129 MET A C     1 
ATOM   589  O O     . MET A 1 83  ? -3.009  15.711  3.712   1.00 54.25  ? 129 MET A O     1 
ATOM   590  C CB    . MET A 1 83  ? -1.300  14.208  1.883   1.00 50.53  ? 129 MET A CB    1 
ATOM   591  C CG    . MET A 1 83  ? -0.258  13.437  1.112   1.00 59.53  ? 129 MET A CG    1 
ATOM   592  S SD    . MET A 1 83  ? -1.104  12.365  -0.060  1.00 57.75  ? 129 MET A SD    1 
ATOM   593  C CE    . MET A 1 83  ? -1.621  13.566  -1.279  1.00 56.32  ? 129 MET A CE    1 
ATOM   594  N N     . GLY A 1 84  ? -1.761  17.393  2.841   1.00 61.83  ? 130 GLY A N     1 
ATOM   595  C CA    . GLY A 1 84  ? -2.868  18.328  2.746   1.00 59.65  ? 130 GLY A CA    1 
ATOM   596  C C     . GLY A 1 84  ? -3.875  17.986  1.641   1.00 60.08  ? 130 GLY A C     1 
ATOM   597  O O     . GLY A 1 84  ? -3.620  17.150  0.758   1.00 52.58  ? 130 GLY A O     1 
ATOM   598  N N     . THR A 1 85  ? -5.026  18.657  1.700   1.00 62.47  ? 131 THR A N     1 
ATOM   599  C CA    . THR A 1 85  ? -6.116  18.500  0.750   1.00 60.08  ? 131 THR A CA    1 
ATOM   600  C C     . THR A 1 85  ? -5.661  18.691  -0.690  1.00 60.79  ? 131 THR A C     1 
ATOM   601  O O     . THR A 1 85  ? -6.220  18.102  -1.619  1.00 59.55  ? 131 THR A O     1 
ATOM   602  C CB    . THR A 1 85  ? -7.242  19.515  1.068   1.00 63.61  ? 131 THR A CB    1 
ATOM   603  O OG1   . THR A 1 85  ? -7.749  19.274  2.389   1.00 70.96  ? 131 THR A OG1   1 
ATOM   604  C CG2   . THR A 1 85  ? -8.389  19.407  0.071   1.00 66.54  ? 131 THR A CG2   1 
ATOM   605  N N     . ARG A 1 86  ? -4.661  19.536  -0.884  1.00 57.62  ? 132 ARG A N     1 
ATOM   606  C CA    . ARG A 1 86  ? -4.244  19.881  -2.230  1.00 60.25  ? 132 ARG A CA    1 
ATOM   607  C C     . ARG A 1 86  ? -2.925  19.244  -2.605  1.00 63.08  ? 132 ARG A C     1 
ATOM   608  O O     . ARG A 1 86  ? -2.443  19.415  -3.719  1.00 62.21  ? 132 ARG A O     1 
ATOM   609  C CB    . ARG A 1 86  ? -4.148  21.391  -2.368  1.00 66.06  ? 132 ARG A CB    1 
ATOM   610  C CG    . ARG A 1 86  ? -5.350  21.988  -3.063  1.00 76.67  ? 132 ARG A CG    1 
ATOM   611  C CD    . ARG A 1 86  ? -6.360  22.490  -2.081  1.00 80.25  ? 132 ARG A CD    1 
ATOM   612  N NE    . ARG A 1 86  ? -7.727  22.163  -2.485  1.00 89.38  ? 132 ARG A NE    1 
ATOM   613  C CZ    . ARG A 1 86  ? -8.814  22.622  -1.870  1.00 89.68  ? 132 ARG A CZ    1 
ATOM   614  N NH1   . ARG A 1 86  ? -8.685  23.440  -0.832  1.00 84.00  ? 132 ARG A NH1   1 
ATOM   615  N NH2   . ARG A 1 86  ? -10.024 22.270  -2.291  1.00 88.79  ? 132 ARG A NH2   1 
ATOM   616  N N     . ASP A 1 87  ? -2.334  18.519  -1.666  1.00 61.23  ? 133 ASP A N     1 
ATOM   617  C CA    . ASP A 1 87  ? -1.050  17.885  -1.906  1.00 61.81  ? 133 ASP A CA    1 
ATOM   618  C C     . ASP A 1 87  ? -1.222  16.682  -2.811  1.00 57.00  ? 133 ASP A C     1 
ATOM   619  O O     . ASP A 1 87  ? -2.319  16.126  -2.932  1.00 54.77  ? 133 ASP A O     1 
ATOM   620  C CB    . ASP A 1 87  ? -0.411  17.446  -0.583  1.00 61.66  ? 133 ASP A CB    1 
ATOM   621  C CG    . ASP A 1 87  ? 0.067   18.618  0.247   1.00 66.84  ? 133 ASP A CG    1 
ATOM   622  O OD1   . ASP A 1 87  ? 0.425   19.662  -0.347  1.00 68.56  ? 133 ASP A OD1   1 
ATOM   623  O OD2   . ASP A 1 87  ? 0.094   18.498  1.493   1.00 68.56  ? 133 ASP A OD2   1 
ATOM   624  N N     . SER A 1 88  ? -0.134  16.296  -3.463  1.00 57.72  ? 134 SER A N     1 
ATOM   625  C CA    . SER A 1 88  ? -0.092  14.994  -4.093  1.00 59.94  ? 134 SER A CA    1 
ATOM   626  C C     . SER A 1 88  ? 1.297   14.375  -3.985  1.00 63.77  ? 134 SER A C     1 
ATOM   627  O O     . SER A 1 88  ? 2.294   15.087  -3.807  1.00 65.85  ? 134 SER A O     1 
ATOM   628  C CB    . SER A 1 88  ? -0.538  15.103  -5.540  1.00 59.57  ? 134 SER A CB    1 
ATOM   629  O OG    . SER A 1 88  ? 0.250   16.032  -6.214  1.00 54.97  ? 134 SER A OG    1 
ATOM   630  N N     . SER A 1 89  ? 1.347   13.044  -4.070  1.00 61.96  ? 135 SER A N     1 
ATOM   631  C CA    . SER A 1 89  ? 2.609   12.312  -3.973  1.00 58.42  ? 135 SER A CA    1 
ATOM   632  C C     . SER A 1 89  ? 2.722   11.221  -5.021  1.00 57.79  ? 135 SER A C     1 
ATOM   633  O O     . SER A 1 89  ? 1.725   10.769  -5.570  1.00 57.38  ? 135 SER A O     1 
ATOM   634  C CB    . SER A 1 89  ? 2.805   11.725  -2.570  1.00 61.59  ? 135 SER A CB    1 
ATOM   635  O OG    . SER A 1 89  ? 1.609   11.147  -2.083  1.00 61.24  ? 135 SER A OG    1 
ATOM   636  N N     . GLU A 1 90  ? 3.952   10.808  -5.309  1.00 57.85  ? 136 GLU A N     1 
ATOM   637  C CA    . GLU A 1 90  ? 4.180   9.703   -6.225  1.00 52.73  ? 136 GLU A CA    1 
ATOM   638  C C     . GLU A 1 90  ? 5.337   8.807   -5.783  1.00 52.33  ? 136 GLU A C     1 
ATOM   639  O O     . GLU A 1 90  ? 6.445   9.283   -5.570  1.00 56.92  ? 136 GLU A O     1 
ATOM   640  C CB    . GLU A 1 90  ? 4.417   10.211  -7.641  1.00 56.27  ? 136 GLU A CB    1 
ATOM   641  C CG    . GLU A 1 90  ? 4.219   9.090   -8.699  1.00 67.64  ? 136 GLU A CG    1 
ATOM   642  C CD    . GLU A 1 90  ? 3.961   9.610   -10.128 1.00 75.28  ? 136 GLU A CD    1 
ATOM   643  O OE1   . GLU A 1 90  ? 4.290   10.785  -10.431 1.00 79.96  ? 136 GLU A OE1   1 
ATOM   644  O OE2   . GLU A 1 90  ? 3.436   8.834   -10.960 1.00 76.06  ? 136 GLU A OE2   1 
ATOM   645  N N     . PHE A 1 91  ? 5.078   7.509   -5.662  1.00 50.93  ? 137 PHE A N     1 
ATOM   646  C CA    . PHE A 1 91  ? 6.087   6.552   -5.188  1.00 51.58  ? 137 PHE A CA    1 
ATOM   647  C C     . PHE A 1 91  ? 6.499   5.561   -6.295  1.00 49.98  ? 137 PHE A C     1 
ATOM   648  O O     . PHE A 1 91  ? 5.650   5.109   -7.063  1.00 47.04  ? 137 PHE A O     1 
ATOM   649  C CB    . PHE A 1 91  ? 5.561   5.803   -3.950  1.00 48.20  ? 137 PHE A CB    1 
ATOM   650  C CG    . PHE A 1 91  ? 4.928   6.698   -2.916  1.00 52.73  ? 137 PHE A CG    1 
ATOM   651  C CD1   . PHE A 1 91  ? 5.638   7.757   -2.343  1.00 58.65  ? 137 PHE A CD1   1 
ATOM   652  C CD2   . PHE A 1 91  ? 3.630   6.475   -2.495  1.00 55.04  ? 137 PHE A CD2   1 
ATOM   653  C CE1   . PHE A 1 91  ? 5.040   8.583   -1.375  1.00 56.46  ? 137 PHE A CE1   1 
ATOM   654  C CE2   . PHE A 1 91  ? 3.035   7.291   -1.532  1.00 55.48  ? 137 PHE A CE2   1 
ATOM   655  C CZ    . PHE A 1 91  ? 3.744   8.344   -0.975  1.00 51.19  ? 137 PHE A CZ    1 
ATOM   656  N N     . PHE A 1 92  ? 7.790   5.220   -6.362  1.00 52.02  ? 138 PHE A N     1 
ATOM   657  C CA    . PHE A 1 92  ? 8.328   4.357   -7.428  1.00 52.50  ? 138 PHE A CA    1 
ATOM   658  C C     . PHE A 1 92  ? 9.076   3.180   -6.877  1.00 53.14  ? 138 PHE A C     1 
ATOM   659  O O     . PHE A 1 92  ? 10.021  3.352   -6.109  1.00 58.57  ? 138 PHE A O     1 
ATOM   660  C CB    . PHE A 1 92  ? 9.284   5.134   -8.340  1.00 49.83  ? 138 PHE A CB    1 
ATOM   661  C CG    . PHE A 1 92  ? 8.637   6.299   -9.014  1.00 56.46  ? 138 PHE A CG    1 
ATOM   662  C CD1   . PHE A 1 92  ? 8.621   7.551   -8.401  1.00 59.27  ? 138 PHE A CD1   1 
ATOM   663  C CD2   . PHE A 1 92  ? 8.004   6.149   -10.248 1.00 57.01  ? 138 PHE A CD2   1 
ATOM   664  C CE1   . PHE A 1 92  ? 7.987   8.648   -9.022  1.00 63.05  ? 138 PHE A CE1   1 
ATOM   665  C CE2   . PHE A 1 92  ? 7.378   7.236   -10.877 1.00 63.59  ? 138 PHE A CE2   1 
ATOM   666  C CZ    . PHE A 1 92  ? 7.369   8.486   -10.261 1.00 64.36  ? 138 PHE A CZ    1 
ATOM   667  N N     . HIS A 1 93  ? 8.675   1.986   -7.300  1.00 52.72  ? 139 HIS A N     1 
ATOM   668  C CA    . HIS A 1 93  ? 9.172   0.738   -6.712  1.00 52.89  ? 139 HIS A CA    1 
ATOM   669  C C     . HIS A 1 93  ? 9.626   -0.271  -7.759  1.00 59.09  ? 139 HIS A C     1 
ATOM   670  O O     . HIS A 1 93  ? 9.011   -0.414  -8.825  1.00 56.81  ? 139 HIS A O     1 
ATOM   671  C CB    . HIS A 1 93  ? 8.077   0.085   -5.885  1.00 51.83  ? 139 HIS A CB    1 
ATOM   672  C CG    . HIS A 1 93  ? 7.903   0.702   -4.532  1.00 55.66  ? 139 HIS A CG    1 
ATOM   673  N ND1   . HIS A 1 93  ? 7.290   0.031   -3.490  1.00 54.00  ? 139 HIS A ND1   1 
ATOM   674  C CD2   . HIS A 1 93  ? 8.259   1.901   -4.042  1.00 53.39  ? 139 HIS A CD2   1 
ATOM   675  C CE1   . HIS A 1 93  ? 7.266   0.806   -2.422  1.00 52.97  ? 139 HIS A CE1   1 
ATOM   676  N NE2   . HIS A 1 93  ? 7.857   1.959   -2.737  1.00 54.93  ? 139 HIS A NE2   1 
ATOM   677  N N     . ASP A 1 94  ? 10.706  -0.973  -7.445  1.00 63.24  ? 140 ASP A N     1 
ATOM   678  C CA    . ASP A 1 94  ? 11.127  -2.132  -8.225  1.00 63.77  ? 140 ASP A CA    1 
ATOM   679  C C     . ASP A 1 94  ? 11.172  -3.352  -7.316  1.00 64.89  ? 140 ASP A C     1 
ATOM   680  O O     . ASP A 1 94  ? 12.075  -3.474  -6.497  1.00 64.73  ? 140 ASP A O     1 
ATOM   681  C CB    . ASP A 1 94  ? 12.495  -1.877  -8.859  1.00 65.59  ? 140 ASP A CB    1 
ATOM   682  C CG    . ASP A 1 94  ? 12.955  -3.025  -9.747  1.00 72.88  ? 140 ASP A CG    1 
ATOM   683  O OD1   . ASP A 1 94  ? 12.235  -4.049  -9.844  1.00 66.89  ? 140 ASP A OD1   1 
ATOM   684  O OD2   . ASP A 1 94  ? 14.040  -2.897  -10.355 1.00 74.91  ? 140 ASP A OD2   1 
ATOM   685  N N     . PRO A 1 95  ? 10.186  -4.254  -7.464  1.00 66.59  ? 141 PRO A N     1 
ATOM   686  C CA    . PRO A 1 95  ? 9.979   -5.429  -6.596  1.00 70.79  ? 141 PRO A CA    1 
ATOM   687  C C     . PRO A 1 95  ? 11.240  -6.279  -6.487  1.00 75.41  ? 141 PRO A C     1 
ATOM   688  O O     . PRO A 1 95  ? 11.588  -6.797  -5.411  1.00 76.54  ? 141 PRO A O     1 
ATOM   689  C CB    . PRO A 1 95  ? 8.909   -6.241  -7.345  1.00 70.43  ? 141 PRO A CB    1 
ATOM   690  C CG    . PRO A 1 95  ? 8.248   -5.271  -8.285  1.00 66.77  ? 141 PRO A CG    1 
ATOM   691  C CD    . PRO A 1 95  ? 9.295   -4.253  -8.641  1.00 63.53  ? 141 PRO A CD    1 
ATOM   692  N N     . SER A 1 96  ? 11.911  -6.415  -7.626  1.00 74.25  ? 142 SER A N     1 
ATOM   693  C CA    . SER A 1 96  ? 13.108  -7.233  -7.755  1.00 76.54  ? 142 SER A CA    1 
ATOM   694  C C     . SER A 1 96  ? 14.306  -6.301  -7.717  1.00 79.27  ? 142 SER A C     1 
ATOM   695  O O     . SER A 1 96  ? 15.139  -6.304  -8.629  1.00 74.45  ? 142 SER A O     1 
ATOM   696  C CB    . SER A 1 96  ? 13.090  -8.002  -9.079  1.00 77.32  ? 142 SER A CB    1 
ATOM   697  O OG    . SER A 1 96  ? 11.770  -8.369  -9.466  1.00 73.39  ? 142 SER A OG    1 
ATOM   698  N N     . MET A 1 97  ? 14.363  -5.484  -6.667  1.00 77.96  ? 143 MET A N     1 
ATOM   699  C CA    . MET A 1 97  ? 15.463  -4.547  -6.465  1.00 78.18  ? 143 MET A CA    1 
ATOM   700  C C     . MET A 1 97  ? 16.664  -5.261  -5.852  1.00 81.23  ? 143 MET A C     1 
ATOM   701  O O     . MET A 1 97  ? 16.501  -6.243  -5.115  1.00 85.84  ? 143 MET A O     1 
ATOM   702  C CB    . MET A 1 97  ? 15.030  -3.404  -5.545  1.00 74.25  ? 143 MET A CB    1 
ATOM   703  C CG    . MET A 1 97  ? 15.920  -2.175  -5.656  1.00 77.02  ? 143 MET A CG    1 
ATOM   704  S SD    . MET A 1 97  ? 15.732  -0.996  -4.300  1.00 84.32  ? 143 MET A SD    1 
ATOM   705  C CE    . MET A 1 97  ? 16.035  0.545   -5.170  1.00 72.98  ? 143 MET A CE    1 
ATOM   706  N N     . LEU A 1 98  ? 17.860  -4.765  -6.158  1.00 75.23  ? 144 LEU A N     1 
ATOM   707  C CA    . LEU A 1 98  ? 19.092  -5.322  -5.616  1.00 80.02  ? 144 LEU A CA    1 
ATOM   708  C C     . LEU A 1 98  ? 19.221  -6.815  -5.878  1.00 89.49  ? 144 LEU A C     1 
ATOM   709  O O     . LEU A 1 98  ? 20.064  -7.485  -5.269  1.00 94.55  ? 144 LEU A O     1 
ATOM   710  C CB    . LEU A 1 98  ? 19.207  -5.055  -4.115  1.00 73.01  ? 144 LEU A CB    1 
ATOM   711  C CG    . LEU A 1 98  ? 19.309  -3.584  -3.724  1.00 74.57  ? 144 LEU A CG    1 
ATOM   712  C CD1   . LEU A 1 98  ? 19.846  -3.465  -2.312  1.00 80.87  ? 144 LEU A CD1   1 
ATOM   713  C CD2   . LEU A 1 98  ? 20.192  -2.831  -4.707  1.00 75.07  ? 144 LEU A CD2   1 
ATOM   714  N N     . SER A 1 99  ? 18.389  -7.344  -6.772  1.00 86.80  ? 145 SER A N     1 
ATOM   715  C CA    . SER A 1 99  ? 18.489  -8.755  -7.137  1.00 87.71  ? 145 SER A CA    1 
ATOM   716  C C     . SER A 1 99  ? 18.829  -8.881  -8.615  1.00 90.10  ? 145 SER A C     1 
ATOM   717  O O     . SER A 1 99  ? 19.217  -7.897  -9.261  1.00 86.40  ? 145 SER A O     1 
ATOM   718  C CB    . SER A 1 99  ? 17.203  -9.521  -6.786  1.00 84.90  ? 145 SER A CB    1 
ATOM   719  O OG    . SER A 1 99  ? 16.317  -9.597  -7.890  1.00 84.30  ? 145 SER A OG    1 
ATOM   720  N N     . SER A 1 100 ? 18.679  -10.089 -9.149  1.00 93.57  ? 146 SER A N     1 
ATOM   721  C CA    . SER A 1 100 ? 19.049  -10.374 -10.535 1.00 93.91  ? 146 SER A CA    1 
ATOM   722  C C     . SER A 1 100 ? 18.039  -9.823  -11.550 1.00 88.40  ? 146 SER A C     1 
ATOM   723  O O     . SER A 1 100 ? 18.405  -9.446  -12.665 1.00 88.90  ? 146 SER A O     1 
ATOM   724  C CB    . SER A 1 100 ? 19.269  -11.892 -10.730 1.00 92.04  ? 146 SER A CB    1 
ATOM   725  O OG    . SER A 1 100 ? 18.457  -12.659 -9.850  1.00 86.62  ? 146 SER A OG    1 
ATOM   726  N N     . ASN A 1 101 ? 16.775  -9.758  -11.143 1.00 84.36  ? 147 ASN A N     1 
ATOM   727  C CA    . ASN A 1 101 ? 15.676  -9.440  -12.058 1.00 89.91  ? 147 ASN A CA    1 
ATOM   728  C C     . ASN A 1 101 ? 15.264  -7.957  -12.090 1.00 85.95  ? 147 ASN A C     1 
ATOM   729  O O     . ASN A 1 101 ? 14.163  -7.621  -12.543 1.00 83.30  ? 147 ASN A O     1 
ATOM   730  C CB    . ASN A 1 101 ? 14.458  -10.304 -11.713 1.00 89.52  ? 147 ASN A CB    1 
ATOM   731  C CG    . ASN A 1 101 ? 14.843  -11.604 -11.025 1.00 91.40  ? 147 ASN A CG    1 
ATOM   732  O OD1   . ASN A 1 101 ? 15.292  -11.604 -9.873  1.00 91.38  ? 147 ASN A OD1   1 
ATOM   733  N ND2   . ASN A 1 101 ? 14.660  -12.720 -11.722 1.00 91.58  ? 147 ASN A ND2   1 
ATOM   734  N N     . ALA A 1 102 ? 16.155  -7.082  -11.624 1.00 83.74  ? 148 ALA A N     1 
ATOM   735  C CA    . ALA A 1 102 ? 15.872  -5.652  -11.499 1.00 79.23  ? 148 ALA A CA    1 
ATOM   736  C C     . ALA A 1 102 ? 15.762  -4.923  -12.849 1.00 80.68  ? 148 ALA A C     1 
ATOM   737  O O     . ALA A 1 102 ? 16.358  -5.334  -13.844 1.00 81.06  ? 148 ALA A O     1 
ATOM   738  C CB    . ALA A 1 102 ? 16.925  -4.979  -10.608 1.00 74.36  ? 148 ALA A CB    1 
ATOM   739  N N     . GLY A 1 103 ? 14.999  -3.831  -12.870 1.00 76.03  ? 149 GLY A N     1 
ATOM   740  C CA    . GLY A 1 103 ? 14.845  -3.016  -14.062 1.00 74.56  ? 149 GLY A CA    1 
ATOM   741  C C     . GLY A 1 103 ? 13.757  -3.552  -14.968 1.00 72.79  ? 149 GLY A C     1 
ATOM   742  O O     . GLY A 1 103 ? 13.249  -2.857  -15.860 1.00 70.87  ? 149 GLY A O     1 
ATOM   743  N N     . GLN A 1 104 ? 13.393  -4.804  -14.728 1.00 73.44  ? 150 GLN A N     1 
ATOM   744  C CA    . GLN A 1 104 ? 12.393  -5.474  -15.540 1.00 73.89  ? 150 GLN A CA    1 
ATOM   745  C C     . GLN A 1 104 ? 10.985  -4.984  -15.188 1.00 68.23  ? 150 GLN A C     1 
ATOM   746  O O     . GLN A 1 104 ? 10.212  -4.593  -16.071 1.00 67.29  ? 150 GLN A O     1 
ATOM   747  C CB    . GLN A 1 104 ? 12.546  -6.994  -15.386 1.00 76.61  ? 150 GLN A CB    1 
ATOM   748  C CG    . GLN A 1 104 ? 13.926  -7.483  -15.851 1.00 83.89  ? 150 GLN A CG    1 
ATOM   749  C CD    . GLN A 1 104 ? 14.326  -8.836  -15.266 1.00 90.19  ? 150 GLN A CD    1 
ATOM   750  O OE1   . GLN A 1 104 ? 13.554  -9.465  -14.535 1.00 90.11  ? 150 GLN A OE1   1 
ATOM   751  N NE2   . GLN A 1 104 ? 15.543  -9.285  -15.585 1.00 87.41  ? 150 GLN A NE2   1 
ATOM   752  N N     . VAL A 1 105 ? 10.660  -4.979  -13.903 1.00 60.71  ? 151 VAL A N     1 
ATOM   753  C CA    . VAL A 1 105 ? 9.324   -4.581  -13.493 1.00 62.65  ? 151 VAL A CA    1 
ATOM   754  C C     . VAL A 1 105 ? 9.384   -3.284  -12.708 1.00 62.33  ? 151 VAL A C     1 
ATOM   755  O O     . VAL A 1 105 ? 10.228  -3.096  -11.829 1.00 60.71  ? 151 VAL A O     1 
ATOM   756  C CB    . VAL A 1 105 ? 8.608   -5.707  -12.718 1.00 62.14  ? 151 VAL A CB    1 
ATOM   757  C CG1   . VAL A 1 105 ? 7.404   -5.176  -11.972 1.00 56.53  ? 151 VAL A CG1   1 
ATOM   758  C CG2   . VAL A 1 105 ? 8.198   -6.815  -13.683 1.00 60.18  ? 151 VAL A CG2   1 
ATOM   759  N N     . ARG A 1 106 ? 8.491   -2.372  -13.058 1.00 59.69  ? 152 ARG A N     1 
ATOM   760  C CA    . ARG A 1 106 ? 8.519   -1.037  -12.479 1.00 58.68  ? 152 ARG A CA    1 
ATOM   761  C C     . ARG A 1 106 ? 7.116   -0.619  -12.058 1.00 54.74  ? 152 ARG A C     1 
ATOM   762  O O     . ARG A 1 106 ? 6.207   -0.604  -12.889 1.00 51.09  ? 152 ARG A O     1 
ATOM   763  C CB    . ARG A 1 106 ? 9.056   -0.072  -13.518 1.00 58.09  ? 152 ARG A CB    1 
ATOM   764  C CG    . ARG A 1 106 ? 9.808   1.108   -12.948 1.00 66.64  ? 152 ARG A CG    1 
ATOM   765  C CD    . ARG A 1 106 ? 10.312  2.021   -14.072 1.00 70.33  ? 152 ARG A CD    1 
ATOM   766  N NE    . ARG A 1 106 ? 9.246   2.448   -14.980 1.00 60.32  ? 152 ARG A NE    1 
ATOM   767  C CZ    . ARG A 1 106 ? 9.251   2.235   -16.292 1.00 56.85  ? 152 ARG A CZ    1 
ATOM   768  N NH1   . ARG A 1 106 ? 10.274  1.610   -16.855 1.00 54.47  ? 152 ARG A NH1   1 
ATOM   769  N NH2   . ARG A 1 106 ? 8.237   2.664   -17.045 1.00 52.53  ? 152 ARG A NH2   1 
ATOM   770  N N     . LYS A 1 107 ? 6.941   -0.310  -10.771 1.00 53.20  ? 153 LYS A N     1 
ATOM   771  C CA    . LYS A 1 107 ? 5.632   0.075   -10.234 1.00 50.37  ? 153 LYS A CA    1 
ATOM   772  C C     . LYS A 1 107 ? 5.649   1.528   -9.780  1.00 48.75  ? 153 LYS A C     1 
ATOM   773  O O     . LYS A 1 107 ? 6.591   1.980   -9.145  1.00 48.74  ? 153 LYS A O     1 
ATOM   774  C CB    . LYS A 1 107 ? 5.252   -0.789  -9.034  1.00 44.98  ? 153 LYS A CB    1 
ATOM   775  C CG    . LYS A 1 107 ? 5.296   -2.277  -9.264  1.00 54.03  ? 153 LYS A CG    1 
ATOM   776  C CD    . LYS A 1 107 ? 4.705   -3.008  -8.058  1.00 54.10  ? 153 LYS A CD    1 
ATOM   777  C CE    . LYS A 1 107 ? 4.716   -4.507  -8.231  1.00 50.62  ? 153 LYS A CE    1 
ATOM   778  N NZ    . LYS A 1 107 ? 4.305   -5.178  -6.966  1.00 59.76  ? 153 LYS A NZ    1 
ATOM   779  N N     . SER A 1 108 ? 4.595   2.261   -10.081 1.00 46.86  ? 154 SER A N     1 
ATOM   780  C CA    . SER A 1 108 ? 4.489   3.605   -9.550  1.00 49.09  ? 154 SER A CA    1 
ATOM   781  C C     . SER A 1 108 ? 3.083   3.905   -9.053  1.00 46.88  ? 154 SER A C     1 
ATOM   782  O O     . SER A 1 108 ? 2.094   3.688   -9.770  1.00 45.50  ? 154 SER A O     1 
ATOM   783  C CB    . SER A 1 108 ? 4.917   4.634   -10.598 1.00 53.07  ? 154 SER A CB    1 
ATOM   784  O OG    . SER A 1 108 ? 3.808   4.996   -11.394 1.00 62.73  ? 154 SER A OG    1 
ATOM   785  N N     . LEU A 1 109 ? 3.008   4.379   -7.811  1.00 44.43  ? 155 LEU A N     1 
ATOM   786  C CA    . LEU A 1 109 ? 1.741   4.731   -7.168  1.00 48.52  ? 155 LEU A CA    1 
ATOM   787  C C     . LEU A 1 109 ? 1.625   6.248   -7.071  1.00 46.62  ? 155 LEU A C     1 
ATOM   788  O O     . LEU A 1 109 ? 2.520   6.911   -6.575  1.00 46.36  ? 155 LEU A O     1 
ATOM   789  C CB    . LEU A 1 109 ? 1.682   4.122   -5.762  1.00 45.38  ? 155 LEU A CB    1 
ATOM   790  C CG    . LEU A 1 109 ? 0.447   4.432   -4.941  1.00 44.81  ? 155 LEU A CG    1 
ATOM   791  C CD1   . LEU A 1 109 ? -0.663  3.456   -5.314  1.00 41.13  ? 155 LEU A CD1   1 
ATOM   792  C CD2   . LEU A 1 109 ? 0.794   4.353   -3.481  1.00 43.17  ? 155 LEU A CD2   1 
ATOM   793  N N     . SER A 1 110 ? 0.539   6.804   -7.584  1.00 48.73  ? 156 SER A N     1 
ATOM   794  C CA    . SER A 1 110 ? 0.341   8.247   -7.507  1.00 49.62  ? 156 SER A CA    1 
ATOM   795  C C     . SER A 1 110 ? -0.934  8.598   -6.739  1.00 49.12  ? 156 SER A C     1 
ATOM   796  O O     . SER A 1 110 ? -1.973  7.992   -6.936  1.00 47.13  ? 156 SER A O     1 
ATOM   797  C CB    . SER A 1 110 ? 0.291   8.855   -8.892  1.00 54.42  ? 156 SER A CB    1 
ATOM   798  O OG    . SER A 1 110 ? -0.768  8.295   -9.639  1.00 53.88  ? 156 SER A OG    1 
ATOM   799  N N     . ILE A 1 111 ? -0.835  9.550   -5.823  1.00 50.71  ? 157 ILE A N     1 
ATOM   800  C CA    . ILE A 1 111 ? -2.002  10.030  -5.113  1.00 50.62  ? 157 ILE A CA    1 
ATOM   801  C C     . ILE A 1 111 ? -2.175  11.481  -5.520  1.00 52.20  ? 157 ILE A C     1 
ATOM   802  O O     . ILE A 1 111 ? -1.348  12.319  -5.160  1.00 52.27  ? 157 ILE A O     1 
ATOM   803  C CB    . ILE A 1 111 ? -1.789  9.980   -3.592  1.00 54.21  ? 157 ILE A CB    1 
ATOM   804  C CG1   . ILE A 1 111 ? -1.491  8.556   -3.131  1.00 51.73  ? 157 ILE A CG1   1 
ATOM   805  C CG2   . ILE A 1 111 ? -3.010  10.507  -2.856  1.00 55.59  ? 157 ILE A CG2   1 
ATOM   806  C CD1   . ILE A 1 111 ? -1.357  8.426   -1.620  1.00 54.13  ? 157 ILE A CD1   1 
ATOM   807  N N     . LYS A 1 112 ? -3.227  11.778  -6.284  1.00 50.67  ? 158 LYS A N     1 
ATOM   808  C CA    . LYS A 1 112 ? -3.491  13.154  -6.716  1.00 54.60  ? 158 LYS A CA    1 
ATOM   809  C C     . LYS A 1 112 ? -4.883  13.640  -6.293  1.00 52.03  ? 158 LYS A C     1 
ATOM   810  O O     . LYS A 1 112 ? -5.844  12.873  -6.332  1.00 50.74  ? 158 LYS A O     1 
ATOM   811  C CB    . LYS A 1 112 ? -3.385  13.263  -8.230  1.00 50.19  ? 158 LYS A CB    1 
ATOM   812  C CG    . LYS A 1 112 ? -2.058  12.895  -8.827  1.00 56.16  ? 158 LYS A CG    1 
ATOM   813  C CD    . LYS A 1 112 ? -2.232  12.678  -10.336 1.00 64.32  ? 158 LYS A CD    1 
ATOM   814  C CE    . LYS A 1 112 ? -3.577  11.975  -10.613 1.00 66.80  ? 158 LYS A CE    1 
ATOM   815  N NZ    . LYS A 1 112 ? -4.357  12.519  -11.792 1.00 72.65  ? 158 LYS A NZ    1 
ATOM   816  N N     . PRO A 1 113 ? -4.992  14.924  -5.915  1.00 54.39  ? 159 PRO A N     1 
ATOM   817  C CA    . PRO A 1 113 ? -6.269  15.572  -5.564  1.00 56.83  ? 159 PRO A CA    1 
ATOM   818  C C     . PRO A 1 113 ? -7.156  15.591  -6.785  1.00 54.29  ? 159 PRO A C     1 
ATOM   819  O O     . PRO A 1 113 ? -6.643  15.909  -7.839  1.00 53.79  ? 159 PRO A O     1 
ATOM   820  C CB    . PRO A 1 113 ? -5.876  17.020  -5.260  1.00 51.48  ? 159 PRO A CB    1 
ATOM   821  C CG    . PRO A 1 113 ? -4.377  17.031  -5.158  1.00 53.99  ? 159 PRO A CG    1 
ATOM   822  C CD    . PRO A 1 113 ? -3.860  15.867  -5.928  1.00 54.15  ? 159 PRO A CD    1 
ATOM   823  N N     . ASN A 1 114 ? -8.426  15.228  -6.671  1.00 53.58  ? 160 ASN A N     1 
ATOM   824  C CA    . ASN A 1 114 ? -9.341  15.493  -7.761  1.00 65.46  ? 160 ASN A CA    1 
ATOM   825  C C     . ASN A 1 114 ? -9.659  16.992  -7.794  1.00 66.57  ? 160 ASN A C     1 
ATOM   826  O O     . ASN A 1 114 ? -9.467  17.705  -6.804  1.00 65.42  ? 160 ASN A O     1 
ATOM   827  C CB    . ASN A 1 114 ? -10.601 14.655  -7.664  1.00 61.30  ? 160 ASN A CB    1 
ATOM   828  C CG    . ASN A 1 114 ? -11.395 14.963  -6.446  1.00 72.05  ? 160 ASN A CG    1 
ATOM   829  O OD1   . ASN A 1 114 ? -11.859 16.096  -6.253  1.00 73.82  ? 160 ASN A OD1   1 
ATOM   830  N ND2   . ASN A 1 114 ? -11.567 13.952  -5.591  1.00 73.12  ? 160 ASN A ND2   1 
ATOM   831  N N     . ALA A 1 115 ? -10.112 17.461  -8.953  1.00 73.68  ? 161 ALA A N     1 
ATOM   832  C CA    . ALA A 1 115 ? -10.377 18.881  -9.190  1.00 75.17  ? 161 ALA A CA    1 
ATOM   833  C C     . ALA A 1 115 ? -11.264 19.498  -8.108  1.00 79.44  ? 161 ALA A C     1 
ATOM   834  O O     . ALA A 1 115 ? -10.973 20.580  -7.577  1.00 76.20  ? 161 ALA A O     1 
ATOM   835  C CB    . ALA A 1 115 ? -11.009 19.065  -10.552 1.00 76.94  ? 161 ALA A CB    1 
ATOM   836  N N     . ASP A 1 116 ? -12.352 18.802  -7.788  1.00 81.97  ? 162 ASP A N     1 
ATOM   837  C CA    . ASP A 1 116 ? -13.309 19.244  -6.774  1.00 81.98  ? 162 ASP A CA    1 
ATOM   838  C C     . ASP A 1 116 ? -12.666 19.463  -5.389  1.00 80.27  ? 162 ASP A C     1 
ATOM   839  O O     . ASP A 1 116 ? -13.080 20.344  -4.639  1.00 79.44  ? 162 ASP A O     1 
ATOM   840  C CB    . ASP A 1 116 ? -14.437 18.215  -6.662  1.00 75.92  ? 162 ASP A CB    1 
ATOM   841  C CG    . ASP A 1 116 ? -14.479 17.265  -7.857  1.00 83.97  ? 162 ASP A CG    1 
ATOM   842  O OD1   . ASP A 1 116 ? -14.256 17.721  -9.006  1.00 84.88  ? 162 ASP A OD1   1 
ATOM   843  O OD2   . ASP A 1 116 ? -14.717 16.052  -7.644  1.00 85.37  ? 162 ASP A OD2   1 
ATOM   844  N N     . GLY A 1 117 ? -11.645 18.675  -5.060  1.00 76.05  ? 163 GLY A N     1 
ATOM   845  C CA    . GLY A 1 117 ? -11.067 18.709  -3.726  1.00 75.52  ? 163 GLY A CA    1 
ATOM   846  C C     . GLY A 1 117 ? -11.900 17.782  -2.872  1.00 73.95  ? 163 GLY A C     1 
ATOM   847  O O     . GLY A 1 117 ? -11.757 17.715  -1.646  1.00 72.61  ? 163 GLY A O     1 
ATOM   848  N N     . SER A 1 118 ? -12.779 17.063  -3.563  1.00 68.96  ? 164 SER A N     1 
ATOM   849  C CA    . SER A 1 118 ? -13.698 16.128  -2.961  1.00 73.00  ? 164 SER A CA    1 
ATOM   850  C C     . SER A 1 118 ? -13.004 14.792  -2.661  1.00 67.40  ? 164 SER A C     1 
ATOM   851  O O     . SER A 1 118 ? -13.641 13.838  -2.209  1.00 68.80  ? 164 SER A O     1 
ATOM   852  C CB    . SER A 1 118 ? -14.869 15.900  -3.918  1.00 76.55  ? 164 SER A CB    1 
ATOM   853  O OG    . SER A 1 118 ? -14.399 15.453  -5.179  1.00 78.19  ? 164 SER A OG    1 
ATOM   854  N N     . GLY A 1 119 ? -11.707 14.720  -2.922  1.00 61.26  ? 165 GLY A N     1 
ATOM   855  C CA    . GLY A 1 119 ? -10.972 13.490  -2.699  1.00 61.17  ? 165 GLY A CA    1 
ATOM   856  C C     . GLY A 1 119 ? -9.665  13.409  -3.476  1.00 55.25  ? 165 GLY A C     1 
ATOM   857  O O     . GLY A 1 119 ? -8.938  14.390  -3.584  1.00 56.25  ? 165 GLY A O     1 
ATOM   858  N N     . TYR A 1 120 ? -9.380  12.236  -4.023  1.00 48.38  ? 166 TYR A N     1 
ATOM   859  C CA    . TYR A 1 120 ? -8.086  11.933  -4.613  1.00 51.26  ? 166 TYR A CA    1 
ATOM   860  C C     . TYR A 1 120 ? -8.248  10.796  -5.618  1.00 52.46  ? 166 TYR A C     1 
ATOM   861  O O     . TYR A 1 120 ? -9.210  10.035  -5.537  1.00 52.25  ? 166 TYR A O     1 
ATOM   862  C CB    . TYR A 1 120 ? -7.124  11.438  -3.546  1.00 48.94  ? 166 TYR A CB    1 
ATOM   863  C CG    . TYR A 1 120 ? -6.736  12.406  -2.451  1.00 48.21  ? 166 TYR A CG    1 
ATOM   864  C CD1   . TYR A 1 120 ? -7.416  12.425  -1.238  1.00 48.56  ? 166 TYR A CD1   1 
ATOM   865  C CD2   . TYR A 1 120 ? -5.655  13.263  -2.608  1.00 49.23  ? 166 TYR A CD2   1 
ATOM   866  C CE1   . TYR A 1 120 ? -7.047  13.310  -0.225  1.00 51.87  ? 166 TYR A CE1   1 
ATOM   867  C CE2   . TYR A 1 120 ? -5.278  14.140  -1.614  1.00 49.72  ? 166 TYR A CE2   1 
ATOM   868  C CZ    . TYR A 1 120 ? -5.971  14.160  -0.424  1.00 50.97  ? 166 TYR A CZ    1 
ATOM   869  O OH    . TYR A 1 120 ? -5.583  15.051  0.550   1.00 54.23  ? 166 TYR A OH    1 
ATOM   870  N N     . PHE A 1 121 ? -7.319  10.672  -6.558  1.00 50.26  ? 167 PHE A N     1 
ATOM   871  C CA    . PHE A 1 121 ? -7.225  9.446   -7.352  1.00 53.38  ? 167 PHE A CA    1 
ATOM   872  C C     . PHE A 1 121 ? -6.002  8.694   -6.911  1.00 49.23  ? 167 PHE A C     1 
ATOM   873  O O     . PHE A 1 121 ? -4.930  9.271   -6.784  1.00 52.17  ? 167 PHE A O     1 
ATOM   874  C CB    . PHE A 1 121 ? -7.121  9.741   -8.844  1.00 52.19  ? 167 PHE A CB    1 
ATOM   875  C CG    . PHE A 1 121 ? -8.291  10.480  -9.377  1.00 54.95  ? 167 PHE A CG    1 
ATOM   876  C CD1   . PHE A 1 121 ? -8.285  11.875  -9.430  1.00 60.77  ? 167 PHE A CD1   1 
ATOM   877  C CD2   . PHE A 1 121 ? -9.426  9.794   -9.783  1.00 57.61  ? 167 PHE A CD2   1 
ATOM   878  C CE1   . PHE A 1 121 ? -9.390  12.577  -9.905  1.00 60.02  ? 167 PHE A CE1   1 
ATOM   879  C CE2   . PHE A 1 121 ? -10.540 10.488  -10.257 1.00 61.05  ? 167 PHE A CE2   1 
ATOM   880  C CZ    . PHE A 1 121 ? -10.518 11.883  -10.315 1.00 62.67  ? 167 PHE A CZ    1 
ATOM   881  N N     . ILE A 1 122 ? -6.166  7.417   -6.628  1.00 48.01  ? 168 ILE A N     1 
ATOM   882  C CA    . ILE A 1 122 ? -5.019  6.602   -6.318  1.00 48.18  ? 168 ILE A CA    1 
ATOM   883  C C     . ILE A 1 122 ? -4.853  5.642   -7.471  1.00 53.37  ? 168 ILE A C     1 
ATOM   884  O O     . ILE A 1 122 ? -5.776  4.891   -7.797  1.00 52.95  ? 168 ILE A O     1 
ATOM   885  C CB    . ILE A 1 122 ? -5.212  5.856   -5.009  1.00 48.71  ? 168 ILE A CB    1 
ATOM   886  C CG1   . ILE A 1 122 ? -5.589  6.860   -3.921  1.00 49.37  ? 168 ILE A CG1   1 
ATOM   887  C CG2   . ILE A 1 122 ? -3.946  5.078   -4.635  1.00 44.69  ? 168 ILE A CG2   1 
ATOM   888  C CD1   . ILE A 1 122 ? -5.406  6.361   -2.500  1.00 44.99  ? 168 ILE A CD1   1 
ATOM   889  N N     . SER A 1 123 ? -3.705  5.686   -8.134  1.00 47.74  ? 169 SER A N     1 
ATOM   890  C CA    . SER A 1 123 ? -3.495  4.741   -9.216  1.00 51.95  ? 169 SER A CA    1 
ATOM   891  C C     . SER A 1 123 ? -2.167  4.024   -9.171  1.00 51.83  ? 169 SER A C     1 
ATOM   892  O O     . SER A 1 123 ? -1.139  4.576   -8.768  1.00 50.29  ? 169 SER A O     1 
ATOM   893  C CB    . SER A 1 123 ? -3.733  5.381   -10.581 1.00 51.64  ? 169 SER A CB    1 
ATOM   894  O OG    . SER A 1 123 ? -3.397  6.743   -10.522 1.00 63.68  ? 169 SER A OG    1 
ATOM   895  N N     . LEU A 1 124 ? -2.223  2.758   -9.556  1.00 48.82  ? 170 LEU A N     1 
ATOM   896  C CA    . LEU A 1 124 ? -1.042  1.942   -9.621  1.00 48.43  ? 170 LEU A CA    1 
ATOM   897  C C     . LEU A 1 124 ? -0.754  1.690   -11.064 1.00 50.89  ? 170 LEU A C     1 
ATOM   898  O O     . LEU A 1 124 ? -1.619  1.278   -11.828 1.00 46.64  ? 170 LEU A O     1 
ATOM   899  C CB    . LEU A 1 124 ? -1.255  0.605   -8.940  1.00 48.08  ? 170 LEU A CB    1 
ATOM   900  C CG    . LEU A 1 124 ? -0.009  -0.269  -8.916  1.00 44.91  ? 170 LEU A CG    1 
ATOM   901  C CD1   . LEU A 1 124 ? 1.179   0.454   -8.258  1.00 43.59  ? 170 LEU A CD1   1 
ATOM   902  C CD2   . LEU A 1 124 ? -0.354  -1.507  -8.135  1.00 46.48  ? 170 LEU A CD2   1 
ATOM   903  N N     . SER A 1 125 ? 0.482   1.947   -11.437 1.00 54.53  ? 171 SER A N     1 
ATOM   904  C CA    . SER A 1 125 ? 0.904   1.659   -12.774 1.00 51.41  ? 171 SER A CA    1 
ATOM   905  C C     . SER A 1 125 ? 1.989   0.598   -12.714 1.00 49.53  ? 171 SER A C     1 
ATOM   906  O O     . SER A 1 125 ? 2.932   0.701   -11.929 1.00 47.35  ? 171 SER A O     1 
ATOM   907  C CB    . SER A 1 125 ? 1.414   2.922   -13.417 1.00 50.47  ? 171 SER A CB    1 
ATOM   908  O OG    . SER A 1 125 ? 1.970   2.617   -14.680 1.00 69.29  ? 171 SER A OG    1 
ATOM   909  N N     . VAL A 1 126 ? 1.839   -0.446  -13.519 1.00 50.51  ? 172 VAL A N     1 
ATOM   910  C CA    . VAL A 1 126 ? 2.844   -1.502  -13.551 1.00 52.88  ? 172 VAL A CA    1 
ATOM   911  C C     . VAL A 1 126 ? 3.360   -1.710  -14.961 1.00 48.15  ? 172 VAL A C     1 
ATOM   912  O O     . VAL A 1 126 ? 2.606   -2.030  -15.860 1.00 52.48  ? 172 VAL A O     1 
ATOM   913  C CB    . VAL A 1 126 ? 2.277   -2.838  -13.038 1.00 58.22  ? 172 VAL A CB    1 
ATOM   914  C CG1   . VAL A 1 126 ? 3.410   -3.890  -12.958 1.00 54.78  ? 172 VAL A CG1   1 
ATOM   915  C CG2   . VAL A 1 126 ? 1.554   -2.645  -11.681 1.00 53.51  ? 172 VAL A CG2   1 
ATOM   916  N N     . VAL A 1 127 ? 4.648   -1.520  -15.153 1.00 45.68  ? 173 VAL A N     1 
ATOM   917  C CA    . VAL A 1 127 ? 5.246   -1.798  -16.442 1.00 52.38  ? 173 VAL A CA    1 
ATOM   918  C C     . VAL A 1 127 ? 6.174   -3.003  -16.322 1.00 54.43  ? 173 VAL A C     1 
ATOM   919  O O     . VAL A 1 127 ? 7.164   -2.976  -15.584 1.00 55.44  ? 173 VAL A O     1 
ATOM   920  C CB    . VAL A 1 127 ? 6.023   -0.583  -16.986 1.00 51.81  ? 173 VAL A CB    1 
ATOM   921  C CG1   . VAL A 1 127 ? 6.949   -1.004  -18.112 1.00 53.62  ? 173 VAL A CG1   1 
ATOM   922  C CG2   . VAL A 1 127 ? 5.054   0.476   -17.465 1.00 53.34  ? 173 VAL A CG2   1 
ATOM   923  N N     . ASN A 1 128 ? 5.844   -4.068  -17.038 1.00 55.91  ? 174 ASN A N     1 
ATOM   924  C CA    . ASN A 1 128 ? 6.665   -5.261  -17.011 1.00 60.29  ? 174 ASN A CA    1 
ATOM   925  C C     . ASN A 1 128 ? 7.375   -5.463  -18.340 1.00 63.09  ? 174 ASN A C     1 
ATOM   926  O O     . ASN A 1 128 ? 6.746   -5.762  -19.351 1.00 63.77  ? 174 ASN A O     1 
ATOM   927  C CB    . ASN A 1 128 ? 5.814   -6.473  -16.672 1.00 63.24  ? 174 ASN A CB    1 
ATOM   928  C CG    . ASN A 1 128 ? 6.647   -7.703  -16.412 1.00 66.38  ? 174 ASN A CG    1 
ATOM   929  O OD1   . ASN A 1 128 ? 7.692   -7.905  -17.038 1.00 62.81  ? 174 ASN A OD1   1 
ATOM   930  N ND2   . ASN A 1 128 ? 6.193   -8.533  -15.485 1.00 63.43  ? 174 ASN A ND2   1 
ATOM   931  N N     . ASN A 1 129 ? 8.690   -5.276  -18.333 1.00 62.62  ? 175 ASN A N     1 
ATOM   932  C CA    . ASN A 1 129 ? 9.491   -5.443  -19.539 1.00 63.62  ? 175 ASN A CA    1 
ATOM   933  C C     . ASN A 1 129 ? 9.838   -6.906  -19.843 1.00 70.22  ? 175 ASN A C     1 
ATOM   934  O O     . ASN A 1 129 ? 10.336  -7.205  -20.925 1.00 66.99  ? 175 ASN A O     1 
ATOM   935  C CB    . ASN A 1 129 ? 10.761  -4.588  -19.461 1.00 65.18  ? 175 ASN A CB    1 
ATOM   936  C CG    . ASN A 1 129 ? 10.500  -3.116  -19.791 1.00 66.36  ? 175 ASN A CG    1 
ATOM   937  O OD1   . ASN A 1 129 ? 9.582   -2.790  -20.549 1.00 57.80  ? 175 ASN A OD1   1 
ATOM   938  N ND2   . ASN A 1 129 ? 11.314  -2.226  -19.230 1.00 64.02  ? 175 ASN A ND2   1 
ATOM   939  N N     . ASN A 1 130 ? 9.575   -7.807  -18.898 1.00 65.87  ? 176 ASN A N     1 
ATOM   940  C CA    . ASN A 1 130 ? 9.708   -9.240  -19.164 1.00 71.48  ? 176 ASN A CA    1 
ATOM   941  C C     . ASN A 1 130 ? 8.525   -9.781  -19.941 1.00 71.14  ? 176 ASN A C     1 
ATOM   942  O O     . ASN A 1 130 ? 8.690   -10.483 -20.933 1.00 73.45  ? 176 ASN A O     1 
ATOM   943  C CB    . ASN A 1 130 ? 9.849   -10.039 -17.874 1.00 73.25  ? 176 ASN A CB    1 
ATOM   944  C CG    . ASN A 1 130 ? 11.121  -9.722  -17.138 1.00 82.19  ? 176 ASN A CG    1 
ATOM   945  O OD1   . ASN A 1 130 ? 12.058  -9.156  -17.707 1.00 79.72  ? 176 ASN A OD1   1 
ATOM   946  N ND2   . ASN A 1 130 ? 11.166  -10.079 -15.856 1.00 86.68  ? 176 ASN A ND2   1 
ATOM   947  N N     . LEU A 1 131 ? 7.327   -9.442  -19.485 1.00 67.85  ? 177 LEU A N     1 
ATOM   948  C CA    . LEU A 1 131 ? 6.113   -9.974  -20.075 1.00 66.55  ? 177 LEU A CA    1 
ATOM   949  C C     . LEU A 1 131 ? 5.558   -8.978  -21.072 1.00 69.76  ? 177 LEU A C     1 
ATOM   950  O O     . LEU A 1 131 ? 4.501   -9.196  -21.668 1.00 67.09  ? 177 LEU A O     1 
ATOM   951  C CB    . LEU A 1 131 ? 5.097   -10.261 -18.976 1.00 70.28  ? 177 LEU A CB    1 
ATOM   952  C CG    . LEU A 1 131 ? 5.705   -11.136 -17.869 1.00 74.53  ? 177 LEU A CG    1 
ATOM   953  C CD1   . LEU A 1 131 ? 4.692   -11.442 -16.764 1.00 72.18  ? 177 LEU A CD1   1 
ATOM   954  C CD2   . LEU A 1 131 ? 6.270   -12.427 -18.468 1.00 71.32  ? 177 LEU A CD2   1 
ATOM   955  N N     . LYS A 1 132 ? 6.275   -7.872  -21.243 1.00 69.20  ? 178 LYS A N     1 
ATOM   956  C CA    . LYS A 1 132 ? 5.887   -6.880  -22.240 1.00 65.31  ? 178 LYS A CA    1 
ATOM   957  C C     . LYS A 1 132 ? 4.477   -6.333  -21.983 1.00 68.27  ? 178 LYS A C     1 
ATOM   958  O O     . LYS A 1 132 ? 3.716   -6.121  -22.924 1.00 71.72  ? 178 LYS A O     1 
ATOM   959  C CB    . LYS A 1 132 ? 5.914   -7.530  -23.626 1.00 68.25  ? 178 LYS A CB    1 
ATOM   960  C CG    . LYS A 1 132 ? 7.208   -7.380  -24.422 1.00 64.98  ? 178 LYS A CG    1 
ATOM   961  C CD    . LYS A 1 132 ? 8.433   -7.351  -23.555 1.00 68.77  ? 178 LYS A CD    1 
ATOM   962  C CE    . LYS A 1 132 ? 9.646   -6.909  -24.366 1.00 75.38  ? 178 LYS A CE    1 
ATOM   963  N NZ    . LYS A 1 132 ? 10.783  -6.450  -23.490 1.00 77.91  ? 178 LYS A NZ    1 
ATOM   964  N N     . THR A 1 133 ? 4.112   -6.127  -20.723 1.00 63.81  ? 179 THR A N     1 
ATOM   965  C CA    . THR A 1 133 ? 2.781   -5.615  -20.412 1.00 62.81  ? 179 THR A CA    1 
ATOM   966  C C     . THR A 1 133 ? 2.835   -4.264  -19.709 1.00 61.68  ? 179 THR A C     1 
ATOM   967  O O     . THR A 1 133 ? 3.889   -3.839  -19.205 1.00 57.79  ? 179 THR A O     1 
ATOM   968  C CB    . THR A 1 133 ? 1.986   -6.571  -19.511 1.00 64.89  ? 179 THR A CB    1 
ATOM   969  O OG1   . THR A 1 133 ? 2.763   -6.881  -18.343 1.00 69.33  ? 179 THR A OG1   1 
ATOM   970  C CG2   . THR A 1 133 ? 1.654   -7.842  -20.254 1.00 72.50  ? 179 THR A CG2   1 
ATOM   971  N N     . ASN A 1 134 ? 1.680   -3.613  -19.666 1.00 55.41  ? 180 ASN A N     1 
ATOM   972  C CA    . ASN A 1 134 ? 1.549   -2.294  -19.068 1.00 58.09  ? 180 ASN A CA    1 
ATOM   973  C C     . ASN A 1 134 ? 0.160   -2.147  -18.469 1.00 58.21  ? 180 ASN A C     1 
ATOM   974  O O     . ASN A 1 134 ? -0.815  -1.963  -19.196 1.00 58.32  ? 180 ASN A O     1 
ATOM   975  C CB    . ASN A 1 134 ? 1.786   -1.210  -20.122 1.00 60.65  ? 180 ASN A CB    1 
ATOM   976  C CG    . ASN A 1 134 ? 1.544   0.208   -19.585 1.00 65.79  ? 180 ASN A CG    1 
ATOM   977  O OD1   . ASN A 1 134 ? 0.764   0.416   -18.640 1.00 60.49  ? 180 ASN A OD1   1 
ATOM   978  N ND2   . ASN A 1 134 ? 2.217   1.192   -20.197 1.00 52.46  ? 180 ASN A ND2   1 
ATOM   979  N N     . ASP A 1 135 ? 0.077   -2.230  -17.145 1.00 54.58  ? 181 ASP A N     1 
ATOM   980  C CA    . ASP A 1 135 ? -1.194  -2.179  -16.449 1.00 56.05  ? 181 ASP A CA    1 
ATOM   981  C C     . ASP A 1 135 ? -1.369  -0.886  -15.677 1.00 58.77  ? 181 ASP A C     1 
ATOM   982  O O     . ASP A 1 135 ? -0.406  -0.297  -15.195 1.00 60.69  ? 181 ASP A O     1 
ATOM   983  C CB    . ASP A 1 135 ? -1.311  -3.362  -15.504 1.00 58.24  ? 181 ASP A CB    1 
ATOM   984  C CG    . ASP A 1 135 ? -1.544  -4.668  -16.244 1.00 71.69  ? 181 ASP A CG    1 
ATOM   985  O OD1   . ASP A 1 135 ? -2.648  -4.846  -16.812 1.00 77.56  ? 181 ASP A OD1   1 
ATOM   986  O OD2   . ASP A 1 135 ? -0.629  -5.520  -16.274 1.00 73.42  ? 181 ASP A OD2   1 
ATOM   987  N N     . ARG A 1 136 ? -2.610  -0.439  -15.575 1.00 54.93  ? 182 ARG A N     1 
ATOM   988  C CA    . ARG A 1 136 ? -2.903  0.726   -14.777 1.00 56.79  ? 182 ARG A CA    1 
ATOM   989  C C     . ARG A 1 136 ? -4.284  0.642   -14.165 1.00 58.83  ? 182 ARG A C     1 
ATOM   990  O O     . ARG A 1 136 ? -5.285  0.568   -14.876 1.00 59.91  ? 182 ARG A O     1 
ATOM   991  C CB    . ARG A 1 136 ? -2.755  2.010   -15.589 1.00 58.22  ? 182 ARG A CB    1 
ATOM   992  C CG    . ARG A 1 136 ? -3.458  3.182   -14.956 1.00 60.84  ? 182 ARG A CG    1 
ATOM   993  C CD    . ARG A 1 136 ? -2.950  4.511   -15.486 1.00 65.09  ? 182 ARG A CD    1 
ATOM   994  N NE    . ARG A 1 136 ? -1.967  5.076   -14.563 1.00 80.95  ? 182 ARG A NE    1 
ATOM   995  C CZ    . ARG A 1 136 ? -0.661  5.183   -14.809 1.00 78.71  ? 182 ARG A CZ    1 
ATOM   996  N NH1   . ARG A 1 136 ? -0.157  4.790   -15.977 1.00 76.85  ? 182 ARG A NH1   1 
ATOM   997  N NH2   . ARG A 1 136 ? 0.140   5.699   -13.887 1.00 73.28  ? 182 ARG A NH2   1 
ATOM   998  N N     . PHE A 1 137 ? -4.328  0.661   -12.839 1.00 58.08  ? 183 PHE A N     1 
ATOM   999  C CA    . PHE A 1 137 ? -5.587  0.660   -12.126 1.00 55.49  ? 183 PHE A CA    1 
ATOM   1000 C C     . PHE A 1 137 ? -5.709  1.991   -11.423 1.00 56.73  ? 183 PHE A C     1 
ATOM   1001 O O     . PHE A 1 137 ? -4.761  2.439   -10.777 1.00 55.90  ? 183 PHE A O     1 
ATOM   1002 C CB    . PHE A 1 137 ? -5.619  -0.454  -11.085 1.00 52.87  ? 183 PHE A CB    1 
ATOM   1003 C CG    . PHE A 1 137 ? -5.097  -1.764  -11.576 1.00 50.99  ? 183 PHE A CG    1 
ATOM   1004 C CD1   . PHE A 1 137 ? -5.954  -2.738  -12.027 1.00 60.06  ? 183 PHE A CD1   1 
ATOM   1005 C CD2   . PHE A 1 137 ? -3.750  -2.028  -11.566 1.00 60.25  ? 183 PHE A CD2   1 
ATOM   1006 C CE1   . PHE A 1 137 ? -5.479  -3.953  -12.475 1.00 61.19  ? 183 PHE A CE1   1 
ATOM   1007 C CE2   . PHE A 1 137 ? -3.270  -3.238  -12.015 1.00 64.30  ? 183 PHE A CE2   1 
ATOM   1008 C CZ    . PHE A 1 137 ? -4.140  -4.201  -12.468 1.00 58.20  ? 183 PHE A CZ    1 
ATOM   1009 N N     . THR A 1 138 ? -6.878  2.612   -11.526 1.00 57.19  ? 184 THR A N     1 
ATOM   1010 C CA    . THR A 1 138 ? -7.128  3.869   -10.833 1.00 56.24  ? 184 THR A CA    1 
ATOM   1011 C C     . THR A 1 138 ? -8.399  3.778   -10.012 1.00 55.48  ? 184 THR A C     1 
ATOM   1012 O O     . THR A 1 138 ? -9.418  3.288   -10.496 1.00 57.94  ? 184 THR A O     1 
ATOM   1013 C CB    . THR A 1 138 ? -7.252  5.026   -11.836 1.00 62.62  ? 184 THR A CB    1 
ATOM   1014 O OG1   . THR A 1 138 ? -5.999  5.200   -12.515 1.00 64.53  ? 184 THR A OG1   1 
ATOM   1015 C CG2   . THR A 1 138 ? -7.644  6.319   -11.126 1.00 58.21  ? 184 THR A CG2   1 
ATOM   1016 N N     . VAL A 1 139 ? -8.339  4.246   -8.772  1.00 55.79  ? 185 VAL A N     1 
ATOM   1017 C CA    . VAL A 1 139 ? -9.499  4.226   -7.885  1.00 50.05  ? 185 VAL A CA    1 
ATOM   1018 C C     . VAL A 1 139 ? -9.688  5.597   -7.246  1.00 53.92  ? 185 VAL A C     1 
ATOM   1019 O O     . VAL A 1 139 ? -8.777  6.118   -6.600  1.00 54.60  ? 185 VAL A O     1 
ATOM   1020 C CB    . VAL A 1 139 ? -9.321  3.177   -6.765  1.00 58.69  ? 185 VAL A CB    1 
ATOM   1021 C CG1   . VAL A 1 139 ? -10.471 3.257   -5.753  1.00 55.01  ? 185 VAL A CG1   1 
ATOM   1022 C CG2   . VAL A 1 139 ? -9.200  1.768   -7.348  1.00 54.16  ? 185 VAL A CG2   1 
ATOM   1023 N N     . PRO A 1 140 ? -10.876 6.196   -7.418  1.00 53.55  ? 186 PRO A N     1 
ATOM   1024 C CA    . PRO A 1 140 ? -11.123 7.487   -6.780  1.00 51.46  ? 186 PRO A CA    1 
ATOM   1025 C C     . PRO A 1 140 ? -11.429 7.248   -5.315  1.00 51.27  ? 186 PRO A C     1 
ATOM   1026 O O     . PRO A 1 140 ? -12.085 6.261   -4.997  1.00 56.92  ? 186 PRO A O     1 
ATOM   1027 C CB    . PRO A 1 140 ? -12.379 8.006   -7.493  1.00 50.64  ? 186 PRO A CB    1 
ATOM   1028 C CG    . PRO A 1 140 ? -12.791 6.917   -8.462  1.00 52.50  ? 186 PRO A CG    1 
ATOM   1029 C CD    . PRO A 1 140 ? -12.084 5.676   -8.071  1.00 53.54  ? 186 PRO A CD    1 
ATOM   1030 N N     . VAL A 1 141 ? -10.968 8.132   -4.439  1.00 48.79  ? 187 VAL A N     1 
ATOM   1031 C CA    . VAL A 1 141 ? -11.169 7.982   -2.999  1.00 50.99  ? 187 VAL A CA    1 
ATOM   1032 C C     . VAL A 1 141 ? -11.759 9.269   -2.429  1.00 49.97  ? 187 VAL A C     1 
ATOM   1033 O O     . VAL A 1 141 ? -11.167 10.329  -2.556  1.00 51.22  ? 187 VAL A O     1 
ATOM   1034 C CB    . VAL A 1 141 ? -9.821  7.696   -2.298  1.00 50.81  ? 187 VAL A CB    1 
ATOM   1035 C CG1   . VAL A 1 141 ? -9.987  7.731   -0.800  1.00 46.15  ? 187 VAL A CG1   1 
ATOM   1036 C CG2   . VAL A 1 141 ? -9.242  6.349   -2.765  1.00 49.71  ? 187 VAL A CG2   1 
ATOM   1037 N N     . THR A 1 142 ? -12.922 9.188   -1.802  1.00 46.45  ? 188 THR A N     1 
ATOM   1038 C CA    . THR A 1 142 ? -13.559 10.392  -1.289  1.00 48.46  ? 188 THR A CA    1 
ATOM   1039 C C     . THR A 1 142 ? -12.778 10.966  -0.106  1.00 49.56  ? 188 THR A C     1 
ATOM   1040 O O     . THR A 1 142 ? -11.829 10.353  0.385   1.00 44.13  ? 188 THR A O     1 
ATOM   1041 C CB    . THR A 1 142 ? -14.977 10.090  -0.823  1.00 48.29  ? 188 THR A CB    1 
ATOM   1042 O OG1   . THR A 1 142 ? -14.913 9.084   0.195   1.00 45.38  ? 188 THR A OG1   1 
ATOM   1043 C CG2   . THR A 1 142 ? -15.810 9.548   -1.980  1.00 47.29  ? 188 THR A CG2   1 
ATOM   1044 N N     . THR A 1 143 ? -13.180 12.139  0.362   1.00 44.80  ? 189 THR A N     1 
ATOM   1045 C CA    . THR A 1 143 ? -12.548 12.705  1.538   1.00 48.45  ? 189 THR A CA    1 
ATOM   1046 C C     . THR A 1 143 ? -12.747 11.798  2.735   1.00 49.79  ? 189 THR A C     1 
ATOM   1047 O O     . THR A 1 143 ? -11.823 11.627  3.534   1.00 50.26  ? 189 THR A O     1 
ATOM   1048 C CB    . THR A 1 143 ? -13.095 14.105  1.870   1.00 45.92  ? 189 THR A CB    1 
ATOM   1049 O OG1   . THR A 1 143 ? -12.765 14.987  0.801   1.00 54.50  ? 189 THR A OG1   1 
ATOM   1050 C CG2   . THR A 1 143 ? -12.446 14.660  3.123   1.00 42.44  ? 189 THR A CG2   1 
ATOM   1051 N N     . ALA A 1 144 ? -13.947 11.224  2.864   1.00 43.15  ? 190 ALA A N     1 
ATOM   1052 C CA    . ALA A 1 144 ? -14.255 10.317  3.977   1.00 45.75  ? 190 ALA A CA    1 
ATOM   1053 C C     . ALA A 1 144 ? -13.394 9.052   3.950   1.00 43.53  ? 190 ALA A C     1 
ATOM   1054 O O     . ALA A 1 144 ? -12.800 8.691   4.963   1.00 48.47  ? 190 ALA A O     1 
ATOM   1055 C CB    . ALA A 1 144 ? -15.735 9.972   3.994   1.00 43.34  ? 190 ALA A CB    1 
ATOM   1056 N N     . GLU A 1 145 ? -13.306 8.398   2.797   1.00 41.79  ? 191 GLU A N     1 
ATOM   1057 C CA    . GLU A 1 145 ? -12.478 7.208   2.619   1.00 43.91  ? 191 GLU A CA    1 
ATOM   1058 C C     . GLU A 1 145 ? -11.017 7.465   2.898   1.00 44.58  ? 191 GLU A C     1 
ATOM   1059 O O     . GLU A 1 145 ? -10.358 6.717   3.607   1.00 47.20  ? 191 GLU A O     1 
ATOM   1060 C CB    . GLU A 1 145 ? -12.673 6.653   1.188   1.00 43.60  ? 191 GLU A CB    1 
ATOM   1061 C CG    . GLU A 1 145 ? -14.093 6.176   0.965   1.00 44.40  ? 191 GLU A CG    1 
ATOM   1062 C CD    . GLU A 1 145 ? -14.447 5.779   -0.471  1.00 53.34  ? 191 GLU A CD    1 
ATOM   1063 O OE1   . GLU A 1 145 ? -13.925 6.372   -1.456  1.00 53.63  ? 191 GLU A OE1   1 
ATOM   1064 O OE2   . GLU A 1 145 ? -15.314 4.887   -0.621  1.00 53.33  ? 191 GLU A OE2   1 
ATOM   1065 N N     . PHE A 1 146 ? -10.504 8.546   2.352   1.00 40.42  ? 192 PHE A N     1 
ATOM   1066 C CA    . PHE A 1 146 ? -9.120  8.874   2.615   1.00 42.19  ? 192 PHE A CA    1 
ATOM   1067 C C     . PHE A 1 146 ? -8.955  9.229   4.092   1.00 39.61  ? 192 PHE A C     1 
ATOM   1068 O O     . PHE A 1 146 ? -7.885  9.042   4.666   1.00 39.56  ? 192 PHE A O     1 
ATOM   1069 C CB    . PHE A 1 146 ? -8.659  10.015  1.718   1.00 46.02  ? 192 PHE A CB    1 
ATOM   1070 C CG    . PHE A 1 146 ? -7.171  10.164  1.643   1.00 43.65  ? 192 PHE A CG    1 
ATOM   1071 C CD1   . PHE A 1 146 ? -6.408  9.282   0.903   1.00 40.89  ? 192 PHE A CD1   1 
ATOM   1072 C CD2   . PHE A 1 146 ? -6.539  11.200  2.300   1.00 42.48  ? 192 PHE A CD2   1 
ATOM   1073 C CE1   . PHE A 1 146 ? -5.020  9.434   0.821   1.00 43.70  ? 192 PHE A CE1   1 
ATOM   1074 C CE2   . PHE A 1 146 ? -5.153  11.355  2.232   1.00 48.10  ? 192 PHE A CE2   1 
ATOM   1075 C CZ    . PHE A 1 146 ? -4.390  10.479  1.491   1.00 43.70  ? 192 PHE A CZ    1 
ATOM   1076 N N     . ALA A 1 147 ? -9.997  9.754   4.727   1.00 36.59  ? 193 ALA A N     1 
ATOM   1077 C CA    . ALA A 1 147 ? -9.912  9.952   6.172   1.00 41.20  ? 193 ALA A CA    1 
ATOM   1078 C C     . ALA A 1 147 ? -9.802  8.604   6.904   1.00 40.72  ? 193 ALA A C     1 
ATOM   1079 O O     . ALA A 1 147 ? -9.080  8.489   7.884   1.00 40.23  ? 193 ALA A O     1 
ATOM   1080 C CB    . ALA A 1 147 ? -11.095 10.759  6.695   1.00 41.77  ? 193 ALA A CB    1 
ATOM   1081 N N     . VAL A 1 148 ? -10.491 7.570   6.427   1.00 41.02  ? 194 VAL A N     1 
ATOM   1082 C CA    . VAL A 1 148 ? -10.361 6.274   7.096   1.00 37.59  ? 194 VAL A CA    1 
ATOM   1083 C C     . VAL A 1 148 ? -8.927  5.811   6.936   1.00 38.94  ? 194 VAL A C     1 
ATOM   1084 O O     . VAL A 1 148 ? -8.308  5.371   7.903   1.00 41.53  ? 194 VAL A O     1 
ATOM   1085 C CB    . VAL A 1 148 ? -11.329 5.182   6.558   1.00 39.75  ? 194 VAL A CB    1 
ATOM   1086 C CG1   . VAL A 1 148 ? -11.132 3.916   7.322   1.00 37.64  ? 194 VAL A CG1   1 
ATOM   1087 C CG2   . VAL A 1 148 ? -12.779 5.603   6.693   1.00 35.99  ? 194 VAL A CG2   1 
ATOM   1088 N N     . MET A 1 149 ? -8.380  5.922   5.731   1.00 40.13  ? 195 MET A N     1 
ATOM   1089 C CA    . MET A 1 149 ? -7.017  5.490   5.497   1.00 42.02  ? 195 MET A CA    1 
ATOM   1090 C C     . MET A 1 149 ? -6.037  6.277   6.332   1.00 45.19  ? 195 MET A C     1 
ATOM   1091 O O     . MET A 1 149 ? -5.071  5.726   6.868   1.00 46.04  ? 195 MET A O     1 
ATOM   1092 C CB    . MET A 1 149 ? -6.640  5.666   4.023   1.00 33.50  ? 195 MET A CB    1 
ATOM   1093 C CG    . MET A 1 149 ? -7.599  4.991   3.052   1.00 46.45  ? 195 MET A CG    1 
ATOM   1094 S SD    . MET A 1 149 ? -6.929  5.081   1.383   1.00 61.09  ? 195 MET A SD    1 
ATOM   1095 C CE    . MET A 1 149 ? -8.338  4.575   0.394   1.00 56.79  ? 195 MET A CE    1 
ATOM   1096 N N     . ARG A 1 150 ? -6.230  7.580   6.415   1.00 40.75  ? 196 ARG A N     1 
ATOM   1097 C CA    . ARG A 1 150 ? -5.270  8.362   7.183   1.00 48.85  ? 196 ARG A CA    1 
ATOM   1098 C C     . ARG A 1 150 ? -5.263  7.890   8.633   1.00 42.17  ? 196 ARG A C     1 
ATOM   1099 O O     . ARG A 1 150 ? -4.206  7.667   9.216   1.00 44.17  ? 196 ARG A O     1 
ATOM   1100 C CB    . ARG A 1 150 ? -5.584  9.856   7.118   1.00 46.09  ? 196 ARG A CB    1 
ATOM   1101 C CG    . ARG A 1 150 ? -4.482  10.716  7.711   1.00 54.37  ? 196 ARG A CG    1 
ATOM   1102 C CD    . ARG A 1 150 ? -4.944  12.170  8.018   1.00 56.21  ? 196 ARG A CD    1 
ATOM   1103 N NE    . ARG A 1 150 ? -5.699  12.795  6.925   1.00 61.39  ? 196 ARG A NE    1 
ATOM   1104 C CZ    . ARG A 1 150 ? -5.152  13.472  5.913   1.00 63.49  ? 196 ARG A CZ    1 
ATOM   1105 N NH1   . ARG A 1 150 ? -3.829  13.615  5.820   1.00 64.95  ? 196 ARG A NH1   1 
ATOM   1106 N NH2   . ARG A 1 150 ? -5.925  14.007  4.985   1.00 58.51  ? 196 ARG A NH2   1 
ATOM   1107 N N     . THR A 1 151 ? -6.453  7.744   9.207   1.00 43.77  ? 197 THR A N     1 
ATOM   1108 C CA    . THR A 1 151 ? -6.598  7.358   10.616  1.00 44.33  ? 197 THR A CA    1 
ATOM   1109 C C     . THR A 1 151 ? -6.158  5.916   10.800  1.00 43.22  ? 197 THR A C     1 
ATOM   1110 O O     . THR A 1 151 ? -5.465  5.596   11.758  1.00 43.07  ? 197 THR A O     1 
ATOM   1111 C CB    . THR A 1 151 ? -8.058  7.438   11.087  1.00 47.32  ? 197 THR A CB    1 
ATOM   1112 O OG1   . THR A 1 151 ? -8.533  8.765   10.856  1.00 52.86  ? 197 THR A OG1   1 
ATOM   1113 C CG2   . THR A 1 151 ? -8.162  7.106   12.564  1.00 42.65  ? 197 THR A CG2   1 
ATOM   1114 N N     . ALA A 1 152 ? -6.545  5.042   9.881   1.00 40.70  ? 198 ALA A N     1 
ATOM   1115 C CA    . ALA A 1 152 ? -6.126  3.649   10.004  1.00 41.79  ? 198 ALA A CA    1 
ATOM   1116 C C     . ALA A 1 152 ? -4.631  3.498   9.785   1.00 42.81  ? 198 ALA A C     1 
ATOM   1117 O O     . ALA A 1 152 ? -3.983  2.717   10.475  1.00 40.77  ? 198 ALA A O     1 
ATOM   1118 C CB    . ALA A 1 152 ? -6.908  2.774   9.069   1.00 38.52  ? 198 ALA A CB    1 
ATOM   1119 N N     . PHE A 1 153 ? -4.062  4.252   8.853   1.00 39.79  ? 199 PHE A N     1 
ATOM   1120 C CA    . PHE A 1 153 ? -2.624  4.160   8.643   1.00 40.28  ? 199 PHE A CA    1 
ATOM   1121 C C     . PHE A 1 153 ? -1.862  4.709   9.836   1.00 45.42  ? 199 PHE A C     1 
ATOM   1122 O O     . PHE A 1 153 ? -0.831  4.165   10.190  1.00 42.37  ? 199 PHE A O     1 
ATOM   1123 C CB    . PHE A 1 153 ? -2.182  4.884   7.375   1.00 45.29  ? 199 PHE A CB    1 
ATOM   1124 C CG    . PHE A 1 153 ? -2.615  4.204   6.090   1.00 44.58  ? 199 PHE A CG    1 
ATOM   1125 C CD1   . PHE A 1 153 ? -3.611  3.250   6.098   1.00 44.30  ? 199 PHE A CD1   1 
ATOM   1126 C CD2   . PHE A 1 153 ? -2.047  4.542   4.870   1.00 43.76  ? 199 PHE A CD2   1 
ATOM   1127 C CE1   . PHE A 1 153 ? -4.028  2.637   4.925   1.00 43.24  ? 199 PHE A CE1   1 
ATOM   1128 C CE2   . PHE A 1 153 ? -2.472  3.919   3.687   1.00 46.44  ? 199 PHE A CE2   1 
ATOM   1129 C CZ    . PHE A 1 153 ? -3.465  2.973   3.723   1.00 44.87  ? 199 PHE A CZ    1 
ATOM   1130 N N     . SER A 1 154 ? -2.364  5.769   10.472  1.00 43.13  ? 200 SER A N     1 
ATOM   1131 C CA    . SER A 1 154 ? -1.624  6.354   11.580  1.00 46.86  ? 200 SER A CA    1 
ATOM   1132 C C     . SER A 1 154 ? -1.633  5.380   12.719  1.00 39.07  ? 200 SER A C     1 
ATOM   1133 O O     . SER A 1 154 ? -0.640  5.250   13.401  1.00 39.59  ? 200 SER A O     1 
ATOM   1134 C CB    . SER A 1 154 ? -2.216  7.709   12.044  1.00 41.80  ? 200 SER A CB    1 
ATOM   1135 O OG    . SER A 1 154 ? -2.316  8.565   10.953  1.00 52.64  ? 200 SER A OG    1 
ATOM   1136 N N     . PHE A 1 155 ? -2.778  4.744   12.948  1.00 43.29  ? 201 PHE A N     1 
ATOM   1137 C CA    . PHE A 1 155 ? -2.904  3.709   13.973  1.00 43.71  ? 201 PHE A CA    1 
ATOM   1138 C C     . PHE A 1 155 ? -1.896  2.613   13.704  1.00 44.27  ? 201 PHE A C     1 
ATOM   1139 O O     . PHE A 1 155 ? -1.203  2.166   14.613  1.00 46.05  ? 201 PHE A O     1 
ATOM   1140 C CB    . PHE A 1 155 ? -4.316  3.102   13.967  1.00 47.06  ? 201 PHE A CB    1 
ATOM   1141 C CG    . PHE A 1 155 ? -4.469  1.921   14.879  1.00 47.18  ? 201 PHE A CG    1 
ATOM   1142 C CD1   . PHE A 1 155 ? -4.609  2.101   16.239  1.00 47.63  ? 201 PHE A CD1   1 
ATOM   1143 C CD2   . PHE A 1 155 ? -4.424  0.631   14.381  1.00 49.57  ? 201 PHE A CD2   1 
ATOM   1144 C CE1   . PHE A 1 155 ? -4.727  1.027   17.090  1.00 51.33  ? 201 PHE A CE1   1 
ATOM   1145 C CE2   . PHE A 1 155 ? -4.541  -0.454  15.230  1.00 47.65  ? 201 PHE A CE2   1 
ATOM   1146 C CZ    . PHE A 1 155 ? -4.701  -0.255  16.583  1.00 49.02  ? 201 PHE A CZ    1 
ATOM   1147 N N     . ALA A 1 156 ? -1.789  2.216   12.438  1.00 42.78  ? 202 ALA A N     1 
ATOM   1148 C CA    . ALA A 1 156 ? -0.956  1.086   12.049  1.00 42.20  ? 202 ALA A CA    1 
ATOM   1149 C C     . ALA A 1 156 ? 0.544   1.386   12.036  1.00 48.61  ? 202 ALA A C     1 
ATOM   1150 O O     . ALA A 1 156 ? 1.375   0.466   12.168  1.00 44.08  ? 202 ALA A O     1 
ATOM   1151 C CB    . ALA A 1 156 ? -1.400  0.543   10.683  1.00 39.24  ? 202 ALA A CB    1 
ATOM   1152 N N     . LEU A 1 157 ? 0.899   2.660   11.862  1.00 41.77  ? 203 LEU A N     1 
ATOM   1153 C CA    . LEU A 1 157 ? 2.301   3.012   11.644  1.00 43.28  ? 203 LEU A CA    1 
ATOM   1154 C C     . LEU A 1 157 ? 3.229   2.464   12.748  1.00 46.99  ? 203 LEU A C     1 
ATOM   1155 O O     . LEU A 1 157 ? 4.223   1.794   12.457  1.00 43.92  ? 203 LEU A O     1 
ATOM   1156 C CB    . LEU A 1 157 ? 2.461   4.529   11.530  1.00 41.49  ? 203 LEU A CB    1 
ATOM   1157 C CG    . LEU A 1 157 ? 3.843   5.043   11.158  1.00 43.75  ? 203 LEU A CG    1 
ATOM   1158 C CD1   . LEU A 1 157 ? 4.350   4.246   9.942   1.00 43.03  ? 203 LEU A CD1   1 
ATOM   1159 C CD2   . LEU A 1 157 ? 3.796   6.547   10.849  1.00 45.95  ? 203 LEU A CD2   1 
ATOM   1160 N N     . PRO A 1 158 ? 2.907   2.748   14.023  1.00 45.76  ? 204 PRO A N     1 
ATOM   1161 C CA    . PRO A 1 158 ? 3.747   2.265   15.119  1.00 44.35  ? 204 PRO A CA    1 
ATOM   1162 C C     . PRO A 1 158 ? 3.874   0.751   15.065  1.00 47.31  ? 204 PRO A C     1 
ATOM   1163 O O     . PRO A 1 158 ? 4.940   0.200   15.320  1.00 45.27  ? 204 PRO A O     1 
ATOM   1164 C CB    . PRO A 1 158 ? 2.947   2.637   16.368  1.00 44.75  ? 204 PRO A CB    1 
ATOM   1165 C CG    . PRO A 1 158 ? 2.039   3.718   15.947  1.00 48.62  ? 204 PRO A CG    1 
ATOM   1166 C CD    . PRO A 1 158 ? 1.706   3.456   14.513  1.00 44.44  ? 204 PRO A CD    1 
ATOM   1167 N N     . HIS A 1 159 ? 2.773   0.092   14.738  1.00 44.12  ? 205 HIS A N     1 
ATOM   1168 C CA    . HIS A 1 159 ? 2.748   -1.361  14.658  1.00 49.02  ? 205 HIS A CA    1 
ATOM   1169 C C     . HIS A 1 159 ? 3.638   -1.912  13.549  1.00 48.60  ? 205 HIS A C     1 
ATOM   1170 O O     . HIS A 1 159 ? 4.355   -2.865  13.775  1.00 50.14  ? 205 HIS A O     1 
ATOM   1171 C CB    . HIS A 1 159 ? 1.323   -1.875  14.485  1.00 49.12  ? 205 HIS A CB    1 
ATOM   1172 C CG    . HIS A 1 159 ? 0.456   -1.649  15.677  1.00 55.35  ? 205 HIS A CG    1 
ATOM   1173 N ND1   . HIS A 1 159 ? -0.236  -0.471  15.882  1.00 57.70  ? 205 HIS A ND1   1 
ATOM   1174 C CD2   . HIS A 1 159 ? 0.165   -2.435  16.740  1.00 62.55  ? 205 HIS A CD2   1 
ATOM   1175 C CE1   . HIS A 1 159 ? -0.915  -0.546  17.011  1.00 56.75  ? 205 HIS A CE1   1 
ATOM   1176 N NE2   . HIS A 1 159 ? -0.692  -1.733  17.549  1.00 61.50  ? 205 HIS A NE2   1 
ATOM   1177 N N     . ILE A 1 160 ? 3.622   -1.335  12.353  1.00 45.34  ? 206 ILE A N     1 
ATOM   1178 C CA    . ILE A 1 160 ? 4.498   -1.886  11.334  1.00 46.17  ? 206 ILE A CA    1 
ATOM   1179 C C     . ILE A 1 160 ? 5.939   -1.547  11.619  1.00 48.19  ? 206 ILE A C     1 
ATOM   1180 O O     . ILE A 1 160 ? 6.842   -2.129  11.011  1.00 51.08  ? 206 ILE A O     1 
ATOM   1181 C CB    . ILE A 1 160 ? 4.164   -1.436  9.902   1.00 44.96  ? 206 ILE A CB    1 
ATOM   1182 C CG1   . ILE A 1 160 ? 4.297   0.072   9.765   1.00 44.33  ? 206 ILE A CG1   1 
ATOM   1183 C CG2   . ILE A 1 160 ? 2.808   -1.915  9.497   1.00 45.51  ? 206 ILE A CG2   1 
ATOM   1184 C CD1   . ILE A 1 160 ? 4.414   0.521   8.336   1.00 45.87  ? 206 ILE A CD1   1 
ATOM   1185 N N     . MET A 1 161 ? 6.173   -0.617  12.542  1.00 44.50  ? 207 MET A N     1 
ATOM   1186 C CA    . MET A 1 161 ? 7.547   -0.231  12.855  1.00 47.94  ? 207 MET A CA    1 
ATOM   1187 C C     . MET A 1 161 ? 8.021   -1.080  14.015  1.00 45.61  ? 207 MET A C     1 
ATOM   1188 O O     . MET A 1 161 ? 9.186   -1.036  14.376  1.00 45.75  ? 207 MET A O     1 
ATOM   1189 C CB    . MET A 1 161 ? 7.636   1.248   13.267  1.00 45.30  ? 207 MET A CB    1 
ATOM   1190 C CG    . MET A 1 161 ? 7.411   2.295   12.159  1.00 50.30  ? 207 MET A CG    1 
ATOM   1191 S SD    . MET A 1 161 ? 7.077   3.930   12.901  1.00 44.84  ? 207 MET A SD    1 
ATOM   1192 C CE    . MET A 1 161 ? 8.579   4.205   13.836  1.00 35.96  ? 207 MET A CE    1 
ATOM   1193 N N     . GLY A 1 162 ? 7.097   -1.838  14.601  1.00 47.65  ? 208 GLY A N     1 
ATOM   1194 C CA    . GLY A 1 162 ? 7.385   -2.683  15.746  1.00 49.01  ? 208 GLY A CA    1 
ATOM   1195 C C     . GLY A 1 162 ? 7.454   -1.966  17.087  1.00 52.43  ? 208 GLY A C     1 
ATOM   1196 O O     . GLY A 1 162 ? 8.042   -2.458  18.045  1.00 54.62  ? 208 GLY A O     1 
ATOM   1197 N N     . TRP A 1 163 ? 6.845   -0.792  17.172  1.00 51.29  ? 209 TRP A N     1 
ATOM   1198 C CA    . TRP A 1 163 ? 6.888   -0.012  18.399  1.00 45.37  ? 209 TRP A CA    1 
ATOM   1199 C C     . TRP A 1 163 ? 5.818   -0.436  19.376  1.00 50.43  ? 209 TRP A C     1 
ATOM   1200 O O     . TRP A 1 163 ? 5.847   -0.018  20.527  1.00 51.59  ? 209 TRP A O     1 
ATOM   1201 C CB    . TRP A 1 163 ? 6.760   1.483   18.083  1.00 48.11  ? 209 TRP A CB    1 
ATOM   1202 C CG    . TRP A 1 163 ? 8.044   2.053   17.686  1.00 42.78  ? 209 TRP A CG    1 
ATOM   1203 C CD1   . TRP A 1 163 ? 9.017   1.425   16.970  1.00 46.08  ? 209 TRP A CD1   1 
ATOM   1204 C CD2   . TRP A 1 163 ? 8.547   3.355   17.992  1.00 46.28  ? 209 TRP A CD2   1 
ATOM   1205 N NE1   . TRP A 1 163 ? 10.092  2.257   16.798  1.00 44.94  ? 209 TRP A NE1   1 
ATOM   1206 C CE2   . TRP A 1 163 ? 9.834   3.454   17.428  1.00 41.33  ? 209 TRP A CE2   1 
ATOM   1207 C CE3   . TRP A 1 163 ? 8.038   4.459   18.687  1.00 43.87  ? 209 TRP A CE3   1 
ATOM   1208 C CZ2   . TRP A 1 163 ? 10.617  4.595   17.523  1.00 42.96  ? 209 TRP A CZ2   1 
ATOM   1209 C CZ3   . TRP A 1 163 ? 8.820   5.594   18.794  1.00 39.88  ? 209 TRP A CZ3   1 
ATOM   1210 C CH2   . TRP A 1 163 ? 10.098  5.653   18.214  1.00 44.88  ? 209 TRP A CH2   1 
ATOM   1211 N N     . ASP A 1 164 ? 4.872   -1.262  18.935  1.00 50.91  ? 210 ASP A N     1 
ATOM   1212 C CA    . ASP A 1 164 ? 3.890   -1.811  19.874  1.00 56.16  ? 210 ASP A CA    1 
ATOM   1213 C C     . ASP A 1 164 ? 4.479   -2.877  20.823  1.00 59.22  ? 210 ASP A C     1 
ATOM   1214 O O     . ASP A 1 164 ? 3.780   -3.389  21.700  1.00 61.02  ? 210 ASP A O     1 
ATOM   1215 C CB    . ASP A 1 164 ? 2.674   -2.375  19.140  1.00 56.96  ? 210 ASP A CB    1 
ATOM   1216 C CG    . ASP A 1 164 ? 3.039   -3.469  18.146  1.00 65.83  ? 210 ASP A CG    1 
ATOM   1217 O OD1   . ASP A 1 164 ? 4.135   -3.400  17.546  1.00 61.97  ? 210 ASP A OD1   1 
ATOM   1218 O OD2   . ASP A 1 164 ? 2.228   -4.407  17.962  1.00 70.90  ? 210 ASP A OD2   1 
ATOM   1219 N N     . ARG A 1 165 ? 5.756   -3.208  20.633  1.00 57.37  ? 211 ARG A N     1 
ATOM   1220 C CA    . ARG A 1 165 ? 6.479   -4.103  21.538  1.00 63.96  ? 211 ARG A CA    1 
ATOM   1221 C C     . ARG A 1 165 ? 7.016   -3.358  22.766  1.00 65.74  ? 211 ARG A C     1 
ATOM   1222 O O     . ARG A 1 165 ? 7.346   -3.966  23.779  1.00 67.87  ? 211 ARG A O     1 
ATOM   1223 C CB    . ARG A 1 165 ? 7.648   -4.781  20.823  1.00 63.82  ? 211 ARG A CB    1 
ATOM   1224 C CG    . ARG A 1 165 ? 7.254   -5.836  19.823  1.00 64.22  ? 211 ARG A CG    1 
ATOM   1225 C CD    . ARG A 1 165 ? 6.446   -6.924  20.493  1.00 78.87  ? 211 ARG A CD    1 
ATOM   1226 N NE    . ARG A 1 165 ? 6.511   -8.185  19.753  1.00 86.83  ? 211 ARG A NE    1 
ATOM   1227 C CZ    . ARG A 1 165 ? 7.300   -9.206  20.084  1.00 88.74  ? 211 ARG A CZ    1 
ATOM   1228 N NH1   . ARG A 1 165 ? 8.090   -9.123  21.148  1.00 85.07  ? 211 ARG A NH1   1 
ATOM   1229 N NH2   . ARG A 1 165 ? 7.294   -10.312 19.355  1.00 88.64  ? 211 ARG A NH2   1 
ATOM   1230 N N     . PHE A 1 166 ? 7.133   -2.042  22.671  1.00 65.33  ? 212 PHE A N     1 
ATOM   1231 C CA    . PHE A 1 166 ? 7.492   -1.262  23.846  1.00 64.63  ? 212 PHE A CA    1 
ATOM   1232 C C     . PHE A 1 166 ? 6.249   -1.007  24.702  1.00 68.96  ? 212 PHE A C     1 
ATOM   1233 O O     . PHE A 1 166 ? 5.593   0.020   24.551  1.00 71.04  ? 212 PHE A O     1 
ATOM   1234 C CB    . PHE A 1 166 ? 8.116   0.060   23.432  1.00 56.24  ? 212 PHE A CB    1 
ATOM   1235 C CG    . PHE A 1 166 ? 9.362   -0.086  22.606  1.00 56.76  ? 212 PHE A CG    1 
ATOM   1236 C CD1   . PHE A 1 166 ? 9.334   0.144   21.240  1.00 54.72  ? 212 PHE A CD1   1 
ATOM   1237 C CD2   . PHE A 1 166 ? 10.576  -0.414  23.196  1.00 55.35  ? 212 PHE A CD2   1 
ATOM   1238 C CE1   . PHE A 1 166 ? 10.498  0.012   20.472  1.00 54.25  ? 212 PHE A CE1   1 
ATOM   1239 C CE2   . PHE A 1 166 ? 11.736  -0.533  22.439  1.00 54.81  ? 212 PHE A CE2   1 
ATOM   1240 C CZ    . PHE A 1 166 ? 11.695  -0.324  21.080  1.00 52.71  ? 212 PHE A CZ    1 
ATOM   1241 N N     . THR A 1 167 ? 5.918   -1.931  25.600  1.00 75.82  ? 213 THR A N     1 
ATOM   1242 C CA    . THR A 1 167 ? 4.754   -1.743  26.474  1.00 76.97  ? 213 THR A CA    1 
ATOM   1243 C C     . THR A 1 167 ? 5.088   -2.033  27.938  1.00 81.77  ? 213 THR A C     1 
ATOM   1244 O O     . THR A 1 167 ? 5.877   -2.942  28.232  1.00 84.85  ? 213 THR A O     1 
ATOM   1245 C CB    . THR A 1 167 ? 3.551   -2.622  26.036  1.00 77.02  ? 213 THR A CB    1 
ATOM   1246 O OG1   . THR A 1 167 ? 3.434   -2.610  24.604  1.00 79.82  ? 213 THR A OG1   1 
ATOM   1247 C CG2   . THR A 1 167 ? 2.251   -2.113  26.670  1.00 79.00  ? 213 THR A CG2   1 
ATOM   1248 N N     . ASN A 1 168 ? 4.485   -1.254  28.842  1.00 78.50  ? 214 ASN A N     1 
ATOM   1249 C CA    . ASN A 1 168 ? 4.584   -1.488  30.283  1.00 77.31  ? 214 ASN A CA    1 
ATOM   1250 C C     . ASN A 1 168 ? 3.617   -2.595  30.754  1.00 86.64  ? 214 ASN A C     1 
ATOM   1251 O O     . ASN A 1 168 ? 2.409   -2.373  30.877  1.00 87.25  ? 214 ASN A O     1 
ATOM   1252 C CB    . ASN A 1 168 ? 4.317   -0.191  31.049  1.00 73.24  ? 214 ASN A CB    1 
ATOM   1253 C CG    . ASN A 1 168 ? 5.396   0.865   30.818  1.00 74.20  ? 214 ASN A CG    1 
ATOM   1254 O OD1   . ASN A 1 168 ? 6.592   0.601   30.991  1.00 72.02  ? 214 ASN A OD1   1 
ATOM   1255 N ND2   . ASN A 1 168 ? 4.975   2.078   30.437  1.00 63.93  ? 214 ASN A ND2   1 
ATOM   1256 N N     . ARG A 1 169 ? 4.154   -3.788  30.998  1.00 93.56  ? 215 ARG A N     1 
ATOM   1257 C CA    . ARG A 1 169 ? 3.349   -4.942  31.396  1.00 96.39  ? 215 ARG A CA    1 
ATOM   1258 C C     . ARG A 1 169 ? 2.361   -5.333  30.299  1.00 98.20  ? 215 ARG A C     1 
ATOM   1259 O O     . ARG A 1 169 ? 2.209   -4.615  29.307  1.00 98.95  ? 215 ARG A O     1 
ATOM   1260 C CB    . ARG A 1 169 ? 2.609   -4.673  32.716  1.00 96.39  ? 215 ARG A CB    1 
ATOM   1261 C CG    . ARG A 1 169 ? 2.057   -5.928  33.377  1.00 100.50 ? 215 ARG A CG    1 
ATOM   1262 C CD    . ARG A 1 169 ? 3.159   -6.964  33.603  1.00 105.55 ? 215 ARG A CD    1 
ATOM   1263 N NE    . ARG A 1 169 ? 4.237   -6.457  34.460  1.00 108.13 ? 215 ARG A NE    1 
ATOM   1264 C CZ    . ARG A 1 169 ? 5.457   -6.122  34.032  1.00 107.23 ? 215 ARG A CZ    1 
ATOM   1265 N NH1   . ARG A 1 169 ? 5.781   -6.240  32.749  1.00 102.26 ? 215 ARG A NH1   1 
ATOM   1266 N NH2   . ARG A 1 169 ? 6.361   -5.674  34.893  1.00 102.55 ? 215 ARG A NH2   1 
ATOM   1267 P P     . DA  B 2 1   ? 2.637   -15.744 -5.383  0.70 110.05 ? 1   DA  B P     1 
ATOM   1268 O OP1   . DA  B 2 1   ? 2.801   -15.983 -6.836  0.70 105.86 ? 1   DA  B OP1   1 
ATOM   1269 O OP2   . DA  B 2 1   ? 1.388   -16.141 -4.692  0.70 99.19  ? 1   DA  B OP2   1 
ATOM   1270 O "O5'" . DA  B 2 1   ? 2.874   -14.186 -5.125  0.70 102.99 ? 1   DA  B "O5'" 1 
ATOM   1271 C "C5'" . DA  B 2 1   ? 3.091   -13.330 -6.245  0.70 96.84  ? 1   DA  B "C5'" 1 
ATOM   1272 C "C4'" . DA  B 2 1   ? 3.004   -11.874 -5.840  0.70 91.71  ? 1   DA  B "C4'" 1 
ATOM   1273 O "O4'" . DA  B 2 1   ? 2.879   -11.783 -4.402  0.70 91.58  ? 1   DA  B "O4'" 1 
ATOM   1274 C "C3'" . DA  B 2 1   ? 4.266   -11.084 -6.142  0.70 88.81  ? 1   DA  B "C3'" 1 
ATOM   1275 O "O3'" . DA  B 2 1   ? 4.100   -9.686  -6.016  0.70 77.87  ? 1   DA  B "O3'" 1 
ATOM   1276 C "C2'" . DA  B 2 1   ? 5.152   -11.564 -5.009  0.70 87.50  ? 1   DA  B "C2'" 1 
ATOM   1277 C "C1'" . DA  B 2 1   ? 4.165   -11.532 -3.859  0.70 89.90  ? 1   DA  B "C1'" 1 
ATOM   1278 N N9    . DA  B 2 1   ? 4.504   -12.610 -2.957  0.70 96.11  ? 1   DA  B N9    1 
ATOM   1279 C C8    . DA  B 2 1   ? 4.975   -13.840 -3.333  0.70 96.80  ? 1   DA  B C8    1 
ATOM   1280 N N7    . DA  B 2 1   ? 5.210   -14.636 -2.322  0.70 99.43  ? 1   DA  B N7    1 
ATOM   1281 C C5    . DA  B 2 1   ? 4.874   -13.868 -1.215  0.70 98.51  ? 1   DA  B C5    1 
ATOM   1282 C C6    . DA  B 2 1   ? 4.904   -14.145 0.163   0.70 97.91  ? 1   DA  B C6    1 
ATOM   1283 N N6    . DA  B 2 1   ? 5.307   -15.320 0.665   0.70 96.83  ? 1   DA  B N6    1 
ATOM   1284 N N1    . DA  B 2 1   ? 4.501   -13.158 0.999   0.70 100.10 ? 1   DA  B N1    1 
ATOM   1285 C C2    . DA  B 2 1   ? 4.100   -11.981 0.491   0.70 96.49  ? 1   DA  B C2    1 
ATOM   1286 N N3    . DA  B 2 1   ? 4.027   -11.608 -0.787  0.70 93.91  ? 1   DA  B N3    1 
ATOM   1287 C C4    . DA  B 2 1   ? 4.435   -12.610 -1.588  0.70 95.83  ? 1   DA  B C4    1 
ATOM   1288 P P     . DA  B 2 2   ? 5.430   -8.788  -6.018  0.70 80.86  ? 2   DA  B P     1 
ATOM   1289 O OP1   . DA  B 2 2   ? 5.226   -7.739  -7.044  0.70 73.66  ? 2   DA  B OP1   1 
ATOM   1290 O OP2   . DA  B 2 2   ? 6.636   -9.644  -6.129  0.70 84.53  ? 2   DA  B OP2   1 
ATOM   1291 O "O5'" . DA  B 2 2   ? 5.453   -8.171  -4.544  0.70 74.60  ? 2   DA  B "O5'" 1 
ATOM   1292 C "C5'" . DA  B 2 2   ? 4.392   -7.389  -4.069  0.70 69.23  ? 2   DA  B "C5'" 1 
ATOM   1293 C "C4'" . DA  B 2 2   ? 4.956   -6.570  -2.948  0.70 64.10  ? 2   DA  B "C4'" 1 
ATOM   1294 O "O4'" . DA  B 2 2   ? 5.131   -7.489  -1.863  0.70 64.49  ? 2   DA  B "O4'" 1 
ATOM   1295 C "C3'" . DA  B 2 2   ? 6.327   -6.006  -3.276  0.70 62.01  ? 2   DA  B "C3'" 1 
ATOM   1296 O "O3'" . DA  B 2 2   ? 6.336   -4.615  -3.029  0.70 55.21  ? 2   DA  B "O3'" 1 
ATOM   1297 C "C2'" . DA  B 2 2   ? 7.278   -6.720  -2.328  0.70 64.23  ? 2   DA  B "C2'" 1 
ATOM   1298 C "C1'" . DA  B 2 2   ? 6.371   -7.284  -1.245  0.70 69.59  ? 2   DA  B "C1'" 1 
ATOM   1299 N N9    . DA  B 2 2   ? 6.796   -8.590  -0.754  0.70 79.15  ? 2   DA  B N9    1 
ATOM   1300 C C8    . DA  B 2 2   ? 6.748   -9.055  0.532   0.70 82.16  ? 2   DA  B C8    1 
ATOM   1301 N N7    . DA  B 2 2   ? 7.204   -10.281 0.657   0.70 88.49  ? 2   DA  B N7    1 
ATOM   1302 C C5    . DA  B 2 2   ? 7.574   -10.646 -0.627  0.70 88.68  ? 2   DA  B C5    1 
ATOM   1303 C C6    . DA  B 2 2   ? 8.125   -11.829 -1.164  0.70 90.57  ? 2   DA  B C6    1 
ATOM   1304 N N6    . DA  B 2 2   ? 8.415   -12.911 -0.431  0.70 90.68  ? 2   DA  B N6    1 
ATOM   1305 N N1    . DA  B 2 2   ? 8.367   -11.851 -2.494  0.70 93.18  ? 2   DA  B N1    1 
ATOM   1306 C C2    . DA  B 2 2   ? 8.082   -10.770 -3.235  0.70 88.23  ? 2   DA  B C2    1 
ATOM   1307 N N3    . DA  B 2 2   ? 7.562   -9.610  -2.841  0.70 83.51  ? 2   DA  B N3    1 
ATOM   1308 C C4    . DA  B 2 2   ? 7.327   -9.611  -1.513  0.70 83.34  ? 2   DA  B C4    1 
ATOM   1309 P P     . DA  B 2 3   ? 6.458   -3.515  -4.165  0.70 52.57  ? 3   DA  B P     1 
ATOM   1310 O OP1   . DA  B 2 3   ? 5.775   -2.304  -3.671  0.70 47.50  ? 3   DA  B OP1   1 
ATOM   1311 O OP2   . DA  B 2 3   ? 6.138   -4.080  -5.488  0.70 55.94  ? 3   DA  B OP2   1 
ATOM   1312 O "O5'" . DA  B 2 3   ? 7.991   -3.258  -4.076  0.70 56.25  ? 3   DA  B "O5'" 1 
ATOM   1313 C "C5'" . DA  B 2 3   ? 8.561   -3.401  -2.808  0.70 59.20  ? 3   DA  B "C5'" 1 
ATOM   1314 C "C4'" . DA  B 2 3   ? 10.024  -3.478  -3.068  0.70 61.51  ? 3   DA  B "C4'" 1 
ATOM   1315 O "O4'" . DA  B 2 3   ? 10.329  -2.277  -3.776  0.70 55.82  ? 3   DA  B "O4'" 1 
ATOM   1316 C "C3'" . DA  B 2 3   ? 10.927  -3.483  -1.841  0.70 61.35  ? 3   DA  B "C3'" 1 
ATOM   1317 O "O3'" . DA  B 2 3   ? 11.390  -4.756  -1.580  0.70 57.75  ? 3   DA  B "O3'" 1 
ATOM   1318 C "C2'" . DA  B 2 3   ? 12.138  -2.696  -2.270  0.70 58.46  ? 3   DA  B "C2'" 1 
ATOM   1319 C "C1'" . DA  B 2 3   ? 11.650  -1.931  -3.479  0.70 59.17  ? 3   DA  B "C1'" 1 
ATOM   1320 N N9    . DA  B 2 3   ? 11.583  -0.552  -3.116  0.70 64.06  ? 3   DA  B N9    1 
ATOM   1321 C C8    . DA  B 2 3   ? 11.102  0.003   -1.963  0.70 62.55  ? 3   DA  B C8    1 
ATOM   1322 N N7    . DA  B 2 3   ? 11.209  1.303   -1.946  0.70 61.28  ? 3   DA  B N7    1 
ATOM   1323 C C5    . DA  B 2 3   ? 11.787  1.582   -3.170  0.70 62.48  ? 3   DA  B C5    1 
ATOM   1324 C C6    . DA  B 2 3   ? 12.161  2.772   -3.786  0.70 63.38  ? 3   DA  B C6    1 
ATOM   1325 N N6    . DA  B 2 3   ? 12.007  3.970   -3.221  0.70 64.34  ? 3   DA  B N6    1 
ATOM   1326 N N1    . DA  B 2 3   ? 12.709  2.666   -5.008  0.70 64.02  ? 3   DA  B N1    1 
ATOM   1327 C C2    . DA  B 2 3   ? 12.870  1.472   -5.584  0.70 61.49  ? 3   DA  B C2    1 
ATOM   1328 N N3    . DA  B 2 3   ? 12.558  0.291   -5.111  0.70 60.35  ? 3   DA  B N3    1 
ATOM   1329 C C4    . DA  B 2 3   ? 12.023  0.444   -3.903  0.70 61.66  ? 3   DA  B C4    1 
ATOM   1330 P P     . DA  B 2 4   ? 12.289  -4.883  -0.310  0.70 61.85  ? 4   DA  B P     1 
ATOM   1331 O OP1   . DA  B 2 4   ? 12.377  -6.353  -0.076  0.70 71.60  ? 4   DA  B OP1   1 
ATOM   1332 O OP2   . DA  B 2 4   ? 11.779  -3.988  0.767   0.70 61.97  ? 4   DA  B OP2   1 
ATOM   1333 O "O5'" . DA  B 2 4   ? 13.730  -4.318  -0.727  0.70 60.80  ? 4   DA  B "O5'" 1 
ATOM   1334 C "C5'" . DA  B 2 4   ? 14.622  -5.198  -1.368  0.70 65.48  ? 4   DA  B "C5'" 1 
ATOM   1335 C "C4'" . DA  B 2 4   ? 16.055  -4.859  -1.045  0.70 67.06  ? 4   DA  B "C4'" 1 
ATOM   1336 O "O4'" . DA  B 2 4   ? 16.328  -3.509  -1.454  0.70 71.97  ? 4   DA  B "O4'" 1 
ATOM   1337 C "C3'" . DA  B 2 4   ? 16.460  -4.890  0.417   0.70 69.00  ? 4   DA  B "C3'" 1 
ATOM   1338 O "O3'" . DA  B 2 4   ? 17.781  -5.322  0.431   0.70 70.27  ? 4   DA  B "O3'" 1 
ATOM   1339 C "C2'" . DA  B 2 4   ? 16.412  -3.431  0.828   0.70 67.72  ? 4   DA  B "C2'" 1 
ATOM   1340 C "C1'" . DA  B 2 4   ? 17.052  -2.875  -0.430  0.70 69.99  ? 4   DA  B "C1'" 1 
ATOM   1341 N N9    . DA  B 2 4   ? 16.897  -1.455  -0.669  0.70 71.12  ? 4   DA  B N9    1 
ATOM   1342 C C8    . DA  B 2 4   ? 17.749  -0.633  -1.354  0.70 73.95  ? 4   DA  B C8    1 
ATOM   1343 N N7    . DA  B 2 4   ? 17.324  0.609   -1.416  0.70 74.03  ? 4   DA  B N7    1 
ATOM   1344 C C5    . DA  B 2 4   ? 16.121  0.589   -0.738  0.70 71.73  ? 4   DA  B C5    1 
ATOM   1345 C C6    . DA  B 2 4   ? 15.180  1.588   -0.453  0.70 72.37  ? 4   DA  B C6    1 
ATOM   1346 N N6    . DA  B 2 4   ? 15.318  2.858   -0.839  0.70 72.32  ? 4   DA  B N6    1 
ATOM   1347 N N1    . DA  B 2 4   ? 14.087  1.225   0.253   0.70 72.89  ? 4   DA  B N1    1 
ATOM   1348 C C2    . DA  B 2 4   ? 13.945  -0.048  0.641   0.70 70.57  ? 4   DA  B C2    1 
ATOM   1349 N N3    . DA  B 2 4   ? 14.766  -1.069  0.428   0.70 70.46  ? 4   DA  B N3    1 
ATOM   1350 C C4    . DA  B 2 4   ? 15.842  -0.677  -0.272  0.70 71.25  ? 4   DA  B C4    1 
ATOM   1351 P P     . DA  B 2 5   ? 18.404  -5.845  1.786   0.70 76.78  ? 5   DA  B P     1 
ATOM   1352 O OP1   . DA  B 2 5   ? 19.111  -7.116  1.472   0.70 71.52  ? 5   DA  B OP1   1 
ATOM   1353 O OP2   . DA  B 2 5   ? 17.360  -5.759  2.840   0.70 71.69  ? 5   DA  B OP2   1 
ATOM   1354 O "O5'" . DA  B 2 5   ? 19.496  -4.729  2.085   0.70 70.81  ? 5   DA  B "O5'" 1 
ATOM   1355 C "C5'" . DA  B 2 5   ? 20.330  -4.375  1.025   0.70 70.02  ? 5   DA  B "C5'" 1 
ATOM   1356 C "C4'" . DA  B 2 5   ? 21.350  -3.398  1.546   0.70 75.47  ? 5   DA  B "C4'" 1 
ATOM   1357 O "O4'" . DA  B 2 5   ? 20.913  -2.062  1.258   0.70 74.67  ? 5   DA  B "O4'" 1 
ATOM   1358 C "C3'" . DA  B 2 5   ? 21.543  -3.463  3.052   0.70 74.68  ? 5   DA  B "C3'" 1 
ATOM   1359 O "O3'" . DA  B 2 5   ? 22.911  -3.313  3.348   0.70 76.26  ? 5   DA  B "O3'" 1 
ATOM   1360 C "C2'" . DA  B 2 5   ? 20.728  -2.286  3.558   0.70 73.15  ? 5   DA  B "C2'" 1 
ATOM   1361 C "C1'" . DA  B 2 5   ? 20.953  -1.292  2.435   0.70 71.47  ? 5   DA  B "C1'" 1 
ATOM   1362 N N9    . DA  B 2 5   ? 19.915  -0.290  2.255   0.70 71.11  ? 5   DA  B N9    1 
ATOM   1363 C C8    . DA  B 2 5   ? 20.068  0.897   1.593   0.70 69.52  ? 5   DA  B C8    1 
ATOM   1364 N N7    . DA  B 2 5   ? 18.970  1.617   1.559   0.70 71.15  ? 5   DA  B N7    1 
ATOM   1365 C C5    . DA  B 2 5   ? 18.043  0.845   2.229   0.70 68.72  ? 5   DA  B C5    1 
ATOM   1366 C C6    . DA  B 2 5   ? 16.701  1.077   2.519   0.70 69.53  ? 5   DA  B C6    1 
ATOM   1367 N N6    . DA  B 2 5   ? 16.084  2.201   2.142   0.70 68.45  ? 5   DA  B N6    1 
ATOM   1368 N N1    . DA  B 2 5   ? 16.049  0.118   3.209   0.70 73.51  ? 5   DA  B N1    1 
ATOM   1369 C C2    . DA  B 2 5   ? 16.705  -0.992  3.579   0.70 71.15  ? 5   DA  B C2    1 
ATOM   1370 N N3    . DA  B 2 5   ? 17.978  -1.312  3.360   0.70 69.81  ? 5   DA  B N3    1 
ATOM   1371 C C4    . DA  B 2 5   ? 18.600  -0.340  2.669   0.70 69.10  ? 5   DA  B C4    1 
ATOM   1372 P P     . DA  B 2 6   ? 23.417  -3.749  4.791   0.70 80.44  ? 6   DA  B P     1 
ATOM   1373 O OP1   . DA  B 2 6   ? 24.584  -4.653  4.649   0.70 74.15  ? 6   DA  B OP1   1 
ATOM   1374 O OP2   . DA  B 2 6   ? 22.221  -4.182  5.564   0.70 68.99  ? 6   DA  B OP2   1 
ATOM   1375 O "O5'" . DA  B 2 6   ? 23.921  -2.344  5.364   0.70 71.48  ? 6   DA  B "O5'" 1 
ATOM   1376 C "C5'" . DA  B 2 6   ? 24.792  -1.575  4.566   0.70 67.53  ? 6   DA  B "C5'" 1 
ATOM   1377 C "C4'" . DA  B 2 6   ? 25.078  -0.269  5.273   0.70 68.00  ? 6   DA  B "C4'" 1 
ATOM   1378 O "O4'" . DA  B 2 6   ? 24.037  0.686   4.989   0.70 67.01  ? 6   DA  B "O4'" 1 
ATOM   1379 C "C3'" . DA  B 2 6   ? 25.127  -0.394  6.783   0.70 66.34  ? 6   DA  B "C3'" 1 
ATOM   1380 O "O3'" . DA  B 2 6   ? 26.128  0.425   7.265   0.70 67.49  ? 6   DA  B "O3'" 1 
ATOM   1381 C "C2'" . DA  B 2 6   ? 23.794  0.138   7.259   0.70 63.77  ? 6   DA  B "C2'" 1 
ATOM   1382 C "C1'" . DA  B 2 6   ? 23.494  1.171   6.195   0.70 64.73  ? 6   DA  B "C1'" 1 
ATOM   1383 N N9    . DA  B 2 6   ? 22.063  1.298   6.008   0.70 63.58  ? 6   DA  B N9    1 
ATOM   1384 C C8    . DA  B 2 6   ? 21.104  0.528   6.590   0.70 63.02  ? 6   DA  B C8    1 
ATOM   1385 N N7    . DA  B 2 6   ? 19.892  0.863   6.231   0.70 66.07  ? 6   DA  B N7    1 
ATOM   1386 C C5    . DA  B 2 6   ? 20.077  1.916   5.362   0.70 63.61  ? 6   DA  B C5    1 
ATOM   1387 C C6    . DA  B 2 6   ? 19.175  2.706   4.645   0.70 65.08  ? 6   DA  B C6    1 
ATOM   1388 N N6    . DA  B 2 6   ? 17.851  2.536   4.717   0.70 66.12  ? 6   DA  B N6    1 
ATOM   1389 N N1    . DA  B 2 6   ? 19.692  3.672   3.858   0.70 67.32  ? 6   DA  B N1    1 
ATOM   1390 C C2    . DA  B 2 6   ? 21.020  3.836   3.801   0.70 65.31  ? 6   DA  B C2    1 
ATOM   1391 N N3    . DA  B 2 6   ? 21.964  3.149   4.433   0.70 66.09  ? 6   DA  B N3    1 
ATOM   1392 C C4    . DA  B 2 6   ? 21.414  2.197   5.204   0.70 63.54  ? 6   DA  B C4    1 
ATOM   1393 P P     . DA  B 2 7   ? 27.266  -0.278  8.106   0.70 67.23  ? 7   DA  B P     1 
ATOM   1394 O OP1   . DA  B 2 7   ? 28.233  0.779   8.480   0.70 69.58  ? 7   DA  B OP1   1 
ATOM   1395 O OP2   . DA  B 2 7   ? 27.699  -1.477  7.347   0.70 74.42  ? 7   DA  B OP2   1 
ATOM   1396 O "O5'" . DA  B 2 7   ? 26.480  -0.783  9.407   0.70 63.00  ? 7   DA  B "O5'" 1 
ATOM   1397 C "C5'" . DA  B 2 7   ? 25.896  0.145   10.264  0.70 65.46  ? 7   DA  B "C5'" 1 
ATOM   1398 C "C4'" . DA  B 2 7   ? 26.573  0.087   11.605  0.70 66.10  ? 7   DA  B "C4'" 1 
ATOM   1399 O "O4'" . DA  B 2 7   ? 25.720  0.715   12.586  0.70 67.77  ? 7   DA  B "O4'" 1 
ATOM   1400 C "C3'" . DA  B 2 7   ? 26.774  -1.320  12.124  0.70 71.00  ? 7   DA  B "C3'" 1 
ATOM   1401 O "O3'" . DA  B 2 7   ? 27.868  -1.324  13.025  0.70 75.99  ? 7   DA  B "O3'" 1 
ATOM   1402 C "C2'" . DA  B 2 7   ? 25.480  -1.599  12.877  0.70 68.74  ? 7   DA  B "C2'" 1 
ATOM   1403 C "C1'" . DA  B 2 7   ? 25.245  -0.238  13.516  0.70 68.98  ? 7   DA  B "C1'" 1 
ATOM   1404 N N9    . DA  B 2 7   ? 23.847  0.089   13.741  0.70 66.48  ? 7   DA  B N9    1 
ATOM   1405 C C8    . DA  B 2 7   ? 23.278  0.576   14.878  0.70 66.57  ? 7   DA  B C8    1 
ATOM   1406 N N7    . DA  B 2 7   ? 21.990  0.788   14.769  0.70 62.59  ? 7   DA  B N7    1 
ATOM   1407 C C5    . DA  B 2 7   ? 21.698  0.413   13.473  0.70 62.88  ? 7   DA  B C5    1 
ATOM   1408 C C6    . DA  B 2 7   ? 20.500  0.390   12.745  0.70 62.99  ? 7   DA  B C6    1 
ATOM   1409 N N6    . DA  B 2 7   ? 19.324  0.783   13.260  0.70 59.18  ? 7   DA  B N6    1 
ATOM   1410 N N1    . DA  B 2 7   ? 20.560  -0.047  11.474  0.70 62.68  ? 7   DA  B N1    1 
ATOM   1411 C C2    . DA  B 2 7   ? 21.733  -0.434  10.971  0.70 63.49  ? 7   DA  B C2    1 
ATOM   1412 N N3    . DA  B 2 7   ? 22.921  -0.457  11.561  0.70 62.28  ? 7   DA  B N3    1 
ATOM   1413 C C4    . DA  B 2 7   ? 22.829  -0.018  12.824  0.70 64.43  ? 7   DA  B C4    1 
ATOM   1414 P P     . DA  B 2 8   ? 28.392  -2.755  13.515  0.70 77.87  ? 8   DA  B P     1 
ATOM   1415 O OP1   . DA  B 2 8   ? 29.779  -2.560  13.977  0.70 77.28  ? 8   DA  B OP1   1 
ATOM   1416 O OP2   . DA  B 2 8   ? 28.079  -3.708  12.440  0.70 78.55  ? 8   DA  B OP2   1 
ATOM   1417 O "O5'" . DA  B 2 8   ? 27.452  -3.130  14.754  0.70 71.46  ? 8   DA  B "O5'" 1 
ATOM   1418 C "C5'" . DA  B 2 8   ? 27.888  -2.796  16.059  0.70 78.58  ? 8   DA  B "C5'" 1 
ATOM   1419 C "C4'" . DA  B 2 8   ? 26.751  -2.877  17.059  0.70 79.09  ? 8   DA  B "C4'" 1 
ATOM   1420 O "O4'" . DA  B 2 8   ? 25.568  -2.365  16.423  0.70 74.86  ? 8   DA  B "O4'" 1 
ATOM   1421 C "C3'" . DA  B 2 8   ? 26.381  -4.279  17.514  0.70 85.60  ? 8   DA  B "C3'" 1 
ATOM   1422 O "O3'" . DA  B 2 8   ? 26.996  -4.481  18.766  0.70 91.94  ? 8   DA  B "O3'" 1 
ATOM   1423 C "C2'" . DA  B 2 8   ? 24.858  -4.269  17.670  0.70 83.11  ? 8   DA  B "C2'" 1 
ATOM   1424 C "C1'" . DA  B 2 8   ? 24.426  -3.000  16.949  0.70 76.07  ? 8   DA  B "C1'" 1 
ATOM   1425 N N9    . DA  B 2 8   ? 23.618  -3.219  15.769  0.70 74.97  ? 8   DA  B N9    1 
ATOM   1426 C C8    . DA  B 2 8   ? 24.022  -3.822  14.614  0.70 75.99  ? 8   DA  B C8    1 
ATOM   1427 N N7    . DA  B 2 8   ? 23.091  -3.871  13.696  0.70 72.28  ? 8   DA  B N7    1 
ATOM   1428 C C5    . DA  B 2 8   ? 22.015  -3.243  14.303  0.70 69.47  ? 8   DA  B C5    1 
ATOM   1429 C C6    . DA  B 2 8   ? 20.713  -2.967  13.854  0.70 71.67  ? 8   DA  B C6    1 
ATOM   1430 N N6    . DA  B 2 8   ? 20.293  -3.313  12.629  0.70 69.74  ? 8   DA  B N6    1 
ATOM   1431 N N1    . DA  B 2 8   ? 19.874  -2.325  14.704  0.70 69.52  ? 8   DA  B N1    1 
ATOM   1432 C C2    . DA  B 2 8   ? 20.319  -1.990  15.921  0.70 70.00  ? 8   DA  B C2    1 
ATOM   1433 N N3    . DA  B 2 8   ? 21.527  -2.198  16.454  0.70 73.23  ? 8   DA  B N3    1 
ATOM   1434 C C4    . DA  B 2 8   ? 22.324  -2.831  15.580  0.70 70.38  ? 8   DA  B C4    1 
ATOM   1435 P P     . DA  B 2 9   ? 27.503  -5.936  19.165  0.70 99.60  ? 9   DA  B P     1 
ATOM   1436 O OP1   . DA  B 2 9   ? 28.942  -5.790  19.503  0.70 92.64  ? 9   DA  B OP1   1 
ATOM   1437 O OP2   . DA  B 2 9   ? 27.060  -6.888  18.116  0.70 85.43  ? 9   DA  B OP2   1 
ATOM   1438 O "O5'" . DA  B 2 9   ? 26.661  -6.256  20.492  0.70 94.84  ? 9   DA  B "O5'" 1 
ATOM   1439 C "C5'" . DA  B 2 9   ? 26.845  -5.496  21.685  0.70 90.09  ? 9   DA  B "C5'" 1 
ATOM   1440 C "C4'" . DA  B 2 9   ? 25.535  -5.368  22.450  0.70 94.85  ? 9   DA  B "C4'" 1 
ATOM   1441 O "O4'" . DA  B 2 9   ? 24.526  -4.816  21.567  0.70 96.01  ? 9   DA  B "O4'" 1 
ATOM   1442 C "C3'" . DA  B 2 9   ? 24.940  -6.668  23.006  0.70 97.83  ? 9   DA  B "C3'" 1 
ATOM   1443 O "O3'" . DA  B 2 9   ? 24.819  -6.560  24.424  0.70 96.11  ? 9   DA  B "O3'" 1 
ATOM   1444 C "C2'" . DA  B 2 9   ? 23.574  -6.802  22.324  0.70 94.06  ? 9   DA  B "C2'" 1 
ATOM   1445 C "C1'" . DA  B 2 9   ? 23.274  -5.354  21.942  0.70 92.90  ? 9   DA  B "C1'" 1 
ATOM   1446 N N9    . DA  B 2 9   ? 22.308  -5.159  20.852  0.70 91.44  ? 9   DA  B N9    1 
ATOM   1447 C C8    . DA  B 2 9   ? 21.237  -4.303  20.866  0.70 89.93  ? 9   DA  B C8    1 
ATOM   1448 N N7    . DA  B 2 9   ? 20.523  -4.310  19.761  0.70 88.39  ? 9   DA  B N7    1 
ATOM   1449 C C5    . DA  B 2 9   ? 21.168  -5.235  18.954  0.70 87.10  ? 9   DA  B C5    1 
ATOM   1450 C C6    . DA  B 2 9   ? 20.904  -5.704  17.647  0.70 82.90  ? 9   DA  B C6    1 
ATOM   1451 N N6    . DA  B 2 9   ? 19.880  -5.284  16.902  0.70 81.37  ? 9   DA  B N6    1 
ATOM   1452 N N1    . DA  B 2 9   ? 21.740  -6.630  17.135  0.70 87.09  ? 9   DA  B N1    1 
ATOM   1453 C C2    . DA  B 2 9   ? 22.767  -7.054  17.882  0.70 87.89  ? 9   DA  B C2    1 
ATOM   1454 N N3    . DA  B 2 9   ? 23.119  -6.689  19.116  0.70 89.65  ? 9   DA  B N3    1 
ATOM   1455 C C4    . DA  B 2 9   ? 22.270  -5.769  19.608  0.70 90.03  ? 9   DA  B C4    1 
HETATM 1456 O O     . HOH C 3 .   ? -16.413 4.926   -9.777  1.00 58.49  ? 1   HOH A O     1 
HETATM 1457 O O     . HOH C 3 .   ? -16.934 7.696   -7.838  1.00 57.87  ? 2   HOH A O     1 
HETATM 1458 O O     . HOH C 3 .   ? -3.868  -5.392  0.450   1.00 52.93  ? 3   HOH A O     1 
HETATM 1459 O O     . HOH C 3 .   ? 8.554   0.025   6.319   1.00 53.66  ? 4   HOH A O     1 
HETATM 1460 O O     . HOH C 3 .   ? 2.242   -7.322  -7.720  1.00 63.62  ? 5   HOH A O     1 
HETATM 1461 O O     . HOH C 3 .   ? 8.323   -1.009  0.998   1.00 59.78  ? 7   HOH A O     1 
HETATM 1462 O O     . HOH C 3 .   ? 10.577  3.438   5.924   1.00 42.57  ? 8   HOH A O     1 
HETATM 1463 O O     . HOH C 3 .   ? 9.630   6.467   -4.643  1.00 63.65  ? 9   HOH A O     1 
HETATM 1464 O O     . HOH C 3 .   ? -4.974  20.575  4.226   1.00 64.76  ? 10  HOH A O     1 
HETATM 1465 O O     . HOH C 3 .   ? -8.694  16.576  -2.198  1.00 59.39  ? 11  HOH A O     1 
HETATM 1466 O O     . HOH C 3 .   ? 5.175   2.245   -13.815 1.00 44.94  ? 12  HOH A O     1 
HETATM 1467 O O     . HOH C 3 .   ? 18.193  -2.216  -7.835  1.00 72.39  ? 13  HOH A O     1 
HETATM 1468 O O     . HOH C 3 .   ? -5.385  6.805   14.111  1.00 42.55  ? 14  HOH A O     1 
HETATM 1469 O O     . HOH C 3 .   ? -1.266  3.204   16.996  1.00 53.17  ? 15  HOH A O     1 
HETATM 1470 O O     . HOH C 3 .   ? -16.485 12.316  1.526   1.00 48.08  ? 16  HOH A O     1 
HETATM 1471 O O     . HOH C 3 .   ? -17.590 8.573   1.129   1.00 47.03  ? 17  HOH A O     1 
HETATM 1472 O O     . HOH C 3 .   ? -7.178  11.879  -13.781 1.00 64.97  ? 18  HOH A O     1 
HETATM 1473 O O     . HOH C 3 .   ? -3.025  9.393   -9.206  1.00 55.56  ? 19  HOH A O     1 
HETATM 1474 O O     . HOH C 3 .   ? -9.203  13.233  4.192   1.00 53.25  ? 20  HOH A O     1 
HETATM 1475 O O     . HOH C 3 .   ? -9.834  15.590  0.039   1.00 64.49  ? 21  HOH A O     1 
HETATM 1476 O O     . HOH C 3 .   ? -19.443 8.721   3.767   1.00 45.81  ? 22  HOH A O     1 
HETATM 1477 O O     . HOH C 3 .   ? 6.088   12.194  -3.701  1.00 60.81  ? 23  HOH A O     1 
HETATM 1478 O O     . HOH C 3 .   ? 10.439  4.207   1.388   1.00 62.91  ? 24  HOH A O     1 
HETATM 1479 O O     . HOH C 3 .   ? 9.517   -2.009  3.409   1.00 60.82  ? 25  HOH A O     1 
HETATM 1480 O O     . HOH C 3 .   ? 8.972   9.446   -5.045  1.00 62.28  ? 26  HOH A O     1 
HETATM 1481 O O     . HOH C 3 .   ? 14.204  -5.362  -18.746 1.00 76.97  ? 27  HOH A O     1 
HETATM 1482 O O     . HOH C 3 .   ? 11.412  2.495   -9.982  1.00 62.75  ? 28  HOH A O     1 
HETATM 1483 O O     . HOH C 3 .   ? -8.075  15.278  2.911   1.00 61.06  ? 29  HOH A O     1 
HETATM 1484 O O     . HOH C 3 .   ? -3.208  21.037  0.820   1.00 60.51  ? 30  HOH A O     1 
HETATM 1485 O O     . HOH C 3 .   ? -15.586 8.173   -5.480  1.00 55.33  ? 31  HOH A O     1 
HETATM 1486 O O     . HOH C 3 .   ? -12.002 11.321  -6.353  1.00 61.74  ? 32  HOH A O     1 
HETATM 1487 O O     . HOH C 3 .   ? -13.976 4.785   -11.512 1.00 58.61  ? 33  HOH A O     1 
HETATM 1488 O O     . HOH C 3 .   ? -12.275 2.928   -10.372 1.00 64.12  ? 34  HOH A O     1 
HETATM 1489 O O     . HOH C 3 .   ? 0.669   6.217   -10.864 1.00 58.92  ? 35  HOH A O     1 
HETATM 1490 O O     . HOH C 3 .   ? 2.496   18.170  -2.908  1.00 59.94  ? 36  HOH A O     1 
HETATM 1491 O O     . HOH C 3 .   ? 11.844  -6.289  -11.557 1.00 75.34  ? 37  HOH A O     1 
HETATM 1492 O O     . HOH C 3 .   ? 17.085  -9.022  27.795  1.00 90.61  ? 38  HOH A O     1 
HETATM 1493 O O     . HOH C 3 .   ? 6.872   -6.860  2.274   1.00 69.29  ? 39  HOH A O     1 
HETATM 1494 O O     . HOH C 3 .   ? -16.118 13.786  -1.020  1.00 58.75  ? 40  HOH A O     1 
HETATM 1495 O O     . HOH C 3 .   ? -15.174 -7.802  -18.392 1.00 72.86  ? 41  HOH A O     1 
HETATM 1496 O O     . HOH C 3 .   ? -17.409 5.720   -1.608  1.00 55.37  ? 42  HOH A O     1 
HETATM 1497 O O     . HOH C 3 .   ? -1.324  10.799  12.220  1.00 58.96  ? 43  HOH A O     1 
HETATM 1498 O O     . HOH C 3 .   ? -7.118  5.703   15.978  1.00 49.95  ? 44  HOH A O     1 
HETATM 1499 O O     . HOH C 3 .   ? -16.616 0.100   -1.085  1.00 65.20  ? 45  HOH A O     1 
HETATM 1500 O O     . HOH C 3 .   ? -19.099 2.211   -5.880  1.00 73.05  ? 46  HOH A O     1 
HETATM 1501 O O     . HOH C 3 .   ? 7.200   -12.229 -23.140 1.00 69.46  ? 225 HOH A O     1 
HETATM 1502 O O     . HOH C 3 .   ? -4.388  -15.824 -8.050  1.00 77.86  ? 226 HOH A O     1 
HETATM 1503 O O     . HOH C 3 .   ? -3.465  -9.108  -1.543  1.00 54.21  ? 227 HOH A O     1 
HETATM 1504 O O     . HOH C 3 .   ? -8.493  1.970   -13.995 1.00 63.58  ? 228 HOH A O     1 
HETATM 1505 O O     . HOH C 3 .   ? -4.294  16.859  6.737   1.00 76.00  ? 229 HOH A O     1 
HETATM 1506 O O     . HOH C 3 .   ? -8.572  13.797  7.354   1.00 59.16  ? 230 HOH A O     1 
HETATM 1507 O O     . HOH C 3 .   ? 19.408  -8.571  25.307  1.00 87.90  ? 231 HOH A O     1 
HETATM 1508 O O     . HOH C 3 .   ? 14.057  -2.760  -20.766 1.00 73.64  ? 232 HOH A O     1 
HETATM 1509 O O     . HOH C 3 .   ? 7.679   -11.403 -14.915 1.00 66.64  ? 233 HOH A O     1 
HETATM 1510 O O     . HOH C 3 .   ? 10.077  -7.961  1.907   1.00 73.41  ? 234 HOH A O     1 
HETATM 1511 O O     . HOH C 3 .   ? 0.602   -9.690  9.259   1.00 70.33  ? 235 HOH A O     1 
HETATM 1512 O O     . HOH C 3 .   ? -13.252 -4.915  2.615   1.00 61.21  ? 236 HOH A O     1 
HETATM 1513 O O     . HOH D 3 .   ? 4.935   -7.527  -10.055 1.00 59.91  ? 10  HOH B O     1 
HETATM 1514 O O     . HOH D 3 .   ? 19.987  2.303   16.491  1.00 53.05  ? 53  HOH B O     1 
HETATM 1515 O O     . HOH D 3 .   ? 9.779   1.171   0.302   1.00 66.44  ? 55  HOH B O     1 
# 
loop_
_pdbx_poly_seq_scheme.asym_id 
_pdbx_poly_seq_scheme.entity_id 
_pdbx_poly_seq_scheme.seq_id 
_pdbx_poly_seq_scheme.mon_id 
_pdbx_poly_seq_scheme.ndb_seq_num 
_pdbx_poly_seq_scheme.pdb_seq_num 
_pdbx_poly_seq_scheme.auth_seq_num 
_pdbx_poly_seq_scheme.pdb_mon_id 
_pdbx_poly_seq_scheme.auth_mon_id 
_pdbx_poly_seq_scheme.pdb_strand_id 
_pdbx_poly_seq_scheme.pdb_ins_code 
_pdbx_poly_seq_scheme.hetero 
A 1 1   MET 1   47  ?   ?   ?   A . n 
A 1 2   ALA 2   48  ?   ?   ?   A . n 
A 1 3   ASP 3   49  ?   ?   ?   A . n 
A 1 4   ALA 4   50  ?   ?   ?   A . n 
A 1 5   GLY 5   51  ?   ?   ?   A . n 
A 1 6   LYS 6   52  ?   ?   ?   A . n 
A 1 7   ARG 7   53  ?   ?   ?   A . n 
A 1 8   GLU 8   54  ?   ?   ?   A . n 
A 1 9   GLY 9   55  55  GLY GLY A . n 
A 1 10  ARG 10  56  56  ARG ARG A . n 
A 1 11  VAL 11  57  57  VAL VAL A . n 
A 1 12  PHE 12  58  58  PHE PHE A . n 
A 1 13  ALA 13  59  59  ALA ALA A . n 
A 1 14  PRO 14  60  60  PRO PRO A . n 
A 1 15  TYR 15  61  61  TYR TYR A . n 
A 1 16  SER 16  62  62  SER SER A . n 
A 1 17  VAL 17  63  63  VAL VAL A . n 
A 1 18  PHE 18  64  64  PHE PHE A . n 
A 1 19  LYS 19  65  65  LYS LYS A . n 
A 1 20  GLY 20  66  66  GLY GLY A . n 
A 1 21  LYS 21  67  67  LYS LYS A . n 
A 1 22  ALA 22  68  68  ALA ALA A . n 
A 1 23  ALA 23  69  69  ALA ALA A . n 
A 1 24  LEU 24  70  70  LEU LEU A . n 
A 1 25  SER 25  71  71  SER SER A . n 
A 1 26  ALA 26  72  72  ALA ALA A . n 
A 1 27  GLU 27  73  73  GLU GLU A . n 
A 1 28  PRO 28  74  74  PRO PRO A . n 
A 1 29  ARG 29  75  75  ARG ARG A . n 
A 1 30  LEU 30  76  76  LEU LEU A . n 
A 1 31  PRO 31  77  77  PRO PRO A . n 
A 1 32  THR 32  78  78  THR THR A . n 
A 1 33  PHE 33  79  79  PHE PHE A . n 
A 1 34  ASN 34  80  80  ASN ASN A . n 
A 1 35  ARG 35  81  81  ARG ARG A . n 
A 1 36  LEU 36  82  82  LEU LEU A . n 
A 1 37  ASP 37  83  83  ASP ASP A . n 
A 1 38  SER 38  84  84  SER SER A . n 
A 1 39  GLY 39  85  85  GLY GLY A . n 
A 1 40  GLY 40  86  86  GLY GLY A . n 
A 1 41  VAL 41  87  87  VAL VAL A . n 
A 1 42  LYS 42  88  88  LYS LYS A . n 
A 1 43  LEU 43  89  89  LEU LEU A . n 
A 1 44  ASN 44  90  90  ASN ASN A . n 
A 1 45  ARG 45  91  91  ARG ARG A . n 
A 1 46  ARG 46  92  92  ARG ARG A . n 
A 1 47  GLY 47  93  93  GLY GLY A . n 
A 1 48  VAL 48  94  94  VAL VAL A . n 
A 1 49  ILE 49  95  95  ILE ILE A . n 
A 1 50  MET 50  96  96  MET MET A . n 
A 1 51  LEU 51  97  97  LEU LEU A . n 
A 1 52  THR 52  98  98  THR THR A . n 
A 1 53  PHE 53  99  99  PHE PHE A . n 
A 1 54  TRP 54  100 100 TRP TRP A . n 
A 1 55  PRO 55  101 101 PRO PRO A . n 
A 1 56  SER 56  102 102 SER SER A . n 
A 1 57  VAL 57  103 103 VAL VAL A . n 
A 1 58  GLY 58  104 104 GLY GLY A . n 
A 1 59  GLU 59  105 105 GLU GLU A . n 
A 1 60  ARG 60  106 106 ARG ARG A . n 
A 1 61  LYS 61  107 107 LYS LYS A . n 
A 1 62  TYR 62  108 108 TYR TYR A . n 
A 1 63  ASP 63  109 109 ASP ASP A . n 
A 1 64  TRP 64  110 110 TRP TRP A . n 
A 1 65  GLU 65  111 111 GLU GLU A . n 
A 1 66  LYS 66  112 112 LYS LYS A . n 
A 1 67  ARG 67  113 113 ARG ARG A . n 
A 1 68  GLN 68  114 114 GLN GLN A . n 
A 1 69  LEU 69  115 115 LEU LEU A . n 
A 1 70  PHE 70  116 116 PHE PHE A . n 
A 1 71  ALA 71  117 117 ALA ALA A . n 
A 1 72  LEU 72  118 118 LEU LEU A . n 
A 1 73  SER 73  119 119 SER SER A . n 
A 1 74  ALA 74  120 120 ALA ALA A . n 
A 1 75  THR 75  121 121 THR THR A . n 
A 1 76  GLU 76  122 122 GLU GLU A . n 
A 1 77  VAL 77  123 123 VAL VAL A . n 
A 1 78  GLY 78  124 124 GLY GLY A . n 
A 1 79  SER 79  125 125 SER SER A . n 
A 1 80  LEU 80  126 126 LEU LEU A . n 
A 1 81  ILE 81  127 127 ILE ILE A . n 
A 1 82  SER 82  128 128 SER SER A . n 
A 1 83  MET 83  129 129 MET MET A . n 
A 1 84  GLY 84  130 130 GLY GLY A . n 
A 1 85  THR 85  131 131 THR THR A . n 
A 1 86  ARG 86  132 132 ARG ARG A . n 
A 1 87  ASP 87  133 133 ASP ASP A . n 
A 1 88  SER 88  134 134 SER SER A . n 
A 1 89  SER 89  135 135 SER SER A . n 
A 1 90  GLU 90  136 136 GLU GLU A . n 
A 1 91  PHE 91  137 137 PHE PHE A . n 
A 1 92  PHE 92  138 138 PHE PHE A . n 
A 1 93  HIS 93  139 139 HIS HIS A . n 
A 1 94  ASP 94  140 140 ASP ASP A . n 
A 1 95  PRO 95  141 141 PRO PRO A . n 
A 1 96  SER 96  142 142 SER SER A . n 
A 1 97  MET 97  143 143 MET MET A . n 
A 1 98  LEU 98  144 144 LEU LEU A . n 
A 1 99  SER 99  145 145 SER SER A . n 
A 1 100 SER 100 146 146 SER SER A . n 
A 1 101 ASN 101 147 147 ASN ASN A . n 
A 1 102 ALA 102 148 148 ALA ALA A . n 
A 1 103 GLY 103 149 149 GLY GLY A . n 
A 1 104 GLN 104 150 150 GLN GLN A . n 
A 1 105 VAL 105 151 151 VAL VAL A . n 
A 1 106 ARG 106 152 152 ARG ARG A . n 
A 1 107 LYS 107 153 153 LYS LYS A . n 
A 1 108 SER 108 154 154 SER SER A . n 
A 1 109 LEU 109 155 155 LEU LEU A . n 
A 1 110 SER 110 156 156 SER SER A . n 
A 1 111 ILE 111 157 157 ILE ILE A . n 
A 1 112 LYS 112 158 158 LYS LYS A . n 
A 1 113 PRO 113 159 159 PRO PRO A . n 
A 1 114 ASN 114 160 160 ASN ASN A . n 
A 1 115 ALA 115 161 161 ALA ALA A . n 
A 1 116 ASP 116 162 162 ASP ASP A . n 
A 1 117 GLY 117 163 163 GLY GLY A . n 
A 1 118 SER 118 164 164 SER SER A . n 
A 1 119 GLY 119 165 165 GLY GLY A . n 
A 1 120 TYR 120 166 166 TYR TYR A . n 
A 1 121 PHE 121 167 167 PHE PHE A . n 
A 1 122 ILE 122 168 168 ILE ILE A . n 
A 1 123 SER 123 169 169 SER SER A . n 
A 1 124 LEU 124 170 170 LEU LEU A . n 
A 1 125 SER 125 171 171 SER SER A . n 
A 1 126 VAL 126 172 172 VAL VAL A . n 
A 1 127 VAL 127 173 173 VAL VAL A . n 
A 1 128 ASN 128 174 174 ASN ASN A . n 
A 1 129 ASN 129 175 175 ASN ASN A . n 
A 1 130 ASN 130 176 176 ASN ASN A . n 
A 1 131 LEU 131 177 177 LEU LEU A . n 
A 1 132 LYS 132 178 178 LYS LYS A . n 
A 1 133 THR 133 179 179 THR THR A . n 
A 1 134 ASN 134 180 180 ASN ASN A . n 
A 1 135 ASP 135 181 181 ASP ASP A . n 
A 1 136 ARG 136 182 182 ARG ARG A . n 
A 1 137 PHE 137 183 183 PHE PHE A . n 
A 1 138 THR 138 184 184 THR THR A . n 
A 1 139 VAL 139 185 185 VAL VAL A . n 
A 1 140 PRO 140 186 186 PRO PRO A . n 
A 1 141 VAL 141 187 187 VAL VAL A . n 
A 1 142 THR 142 188 188 THR THR A . n 
A 1 143 THR 143 189 189 THR THR A . n 
A 1 144 ALA 144 190 190 ALA ALA A . n 
A 1 145 GLU 145 191 191 GLU GLU A . n 
A 1 146 PHE 146 192 192 PHE PHE A . n 
A 1 147 ALA 147 193 193 ALA ALA A . n 
A 1 148 VAL 148 194 194 VAL VAL A . n 
A 1 149 MET 149 195 195 MET MET A . n 
A 1 150 ARG 150 196 196 ARG ARG A . n 
A 1 151 THR 151 197 197 THR THR A . n 
A 1 152 ALA 152 198 198 ALA ALA A . n 
A 1 153 PHE 153 199 199 PHE PHE A . n 
A 1 154 SER 154 200 200 SER SER A . n 
A 1 155 PHE 155 201 201 PHE PHE A . n 
A 1 156 ALA 156 202 202 ALA ALA A . n 
A 1 157 LEU 157 203 203 LEU LEU A . n 
A 1 158 PRO 158 204 204 PRO PRO A . n 
A 1 159 HIS 159 205 205 HIS HIS A . n 
A 1 160 ILE 160 206 206 ILE ILE A . n 
A 1 161 MET 161 207 207 MET MET A . n 
A 1 162 GLY 162 208 208 GLY GLY A . n 
A 1 163 TRP 163 209 209 TRP TRP A . n 
A 1 164 ASP 164 210 210 ASP ASP A . n 
A 1 165 ARG 165 211 211 ARG ARG A . n 
A 1 166 PHE 166 212 212 PHE PHE A . n 
A 1 167 THR 167 213 213 THR THR A . n 
A 1 168 ASN 168 214 214 ASN ASN A . n 
A 1 169 ARG 169 215 215 ARG ARG A . n 
A 1 170 PRO 170 216 ?   ?   ?   A . n 
A 1 171 LEU 171 217 ?   ?   ?   A . n 
A 1 172 GLU 172 218 ?   ?   ?   A . n 
A 1 173 HIS 173 219 ?   ?   ?   A . n 
A 1 174 HIS 174 220 ?   ?   ?   A . n 
A 1 175 HIS 175 221 ?   ?   ?   A . n 
A 1 176 HIS 176 222 ?   ?   ?   A . n 
A 1 177 HIS 177 223 ?   ?   ?   A . n 
A 1 178 HIS 178 224 ?   ?   ?   A . n 
B 2 1   DA  1   1   1   DA  DA  B . n 
B 2 2   DA  2   2   2   DA  DA  B . n 
B 2 3   DA  3   3   3   DA  DA  B . n 
B 2 4   DA  4   4   4   DA  DA  B . n 
B 2 5   DA  5   5   5   DA  DA  B . n 
B 2 6   DA  6   6   6   DA  DA  B . n 
B 2 7   DA  7   7   7   DA  DA  B . n 
B 2 8   DA  8   8   8   DA  DA  B . n 
B 2 9   DA  9   9   9   DA  DA  B . n 
# 
loop_
_pdbx_nonpoly_scheme.asym_id 
_pdbx_nonpoly_scheme.entity_id 
_pdbx_nonpoly_scheme.mon_id 
_pdbx_nonpoly_scheme.ndb_seq_num 
_pdbx_nonpoly_scheme.pdb_seq_num 
_pdbx_nonpoly_scheme.auth_seq_num 
_pdbx_nonpoly_scheme.pdb_mon_id 
_pdbx_nonpoly_scheme.auth_mon_id 
_pdbx_nonpoly_scheme.pdb_strand_id 
_pdbx_nonpoly_scheme.pdb_ins_code 
C 3 HOH 1  1   1  HOH HOH A . 
C 3 HOH 2  2   2  HOH HOH A . 
C 3 HOH 3  3   3  HOH HOH A . 
C 3 HOH 4  4   4  HOH HOH A . 
C 3 HOH 5  5   5  HOH HOH A . 
C 3 HOH 6  7   7  HOH HOH A . 
C 3 HOH 7  8   8  HOH HOH A . 
C 3 HOH 8  9   9  HOH HOH A . 
C 3 HOH 9  10  10 HOH HOH A . 
C 3 HOH 10 11  11 HOH HOH A . 
C 3 HOH 11 12  12 HOH HOH A . 
C 3 HOH 12 13  13 HOH HOH A . 
C 3 HOH 13 14  14 HOH HOH A . 
C 3 HOH 14 15  15 HOH HOH A . 
C 3 HOH 15 16  16 HOH HOH A . 
C 3 HOH 16 17  17 HOH HOH A . 
C 3 HOH 17 18  18 HOH HOH A . 
C 3 HOH 18 19  19 HOH HOH A . 
C 3 HOH 19 20  20 HOH HOH A . 
C 3 HOH 20 21  21 HOH HOH A . 
C 3 HOH 21 22  22 HOH HOH A . 
C 3 HOH 22 23  23 HOH HOH A . 
C 3 HOH 23 24  24 HOH HOH A . 
C 3 HOH 24 25  25 HOH HOH A . 
C 3 HOH 25 26  26 HOH HOH A . 
C 3 HOH 26 27  27 HOH HOH A . 
C 3 HOH 27 28  28 HOH HOH A . 
C 3 HOH 28 29  29 HOH HOH A . 
C 3 HOH 29 30  30 HOH HOH A . 
C 3 HOH 30 31  31 HOH HOH A . 
C 3 HOH 31 32  32 HOH HOH A . 
C 3 HOH 32 33  33 HOH HOH A . 
C 3 HOH 33 34  34 HOH HOH A . 
C 3 HOH 34 35  35 HOH HOH A . 
C 3 HOH 35 36  36 HOH HOH A . 
C 3 HOH 36 37  37 HOH HOH A . 
C 3 HOH 37 38  38 HOH HOH A . 
C 3 HOH 38 39  39 HOH HOH A . 
C 3 HOH 39 40  40 HOH HOH A . 
C 3 HOH 40 41  41 HOH HOH A . 
C 3 HOH 41 42  42 HOH HOH A . 
C 3 HOH 42 43  43 HOH HOH A . 
C 3 HOH 43 44  44 HOH HOH A . 
C 3 HOH 44 45  45 HOH HOH A . 
C 3 HOH 45 46  46 HOH HOH A . 
C 3 HOH 46 225 47 HOH HOH A . 
C 3 HOH 47 226 48 HOH HOH A . 
C 3 HOH 48 227 49 HOH HOH A . 
C 3 HOH 49 228 50 HOH HOH A . 
C 3 HOH 50 229 51 HOH HOH A . 
C 3 HOH 51 230 52 HOH HOH A . 
C 3 HOH 52 231 56 HOH HOH A . 
C 3 HOH 53 232 57 HOH HOH A . 
C 3 HOH 54 233 58 HOH HOH A . 
C 3 HOH 55 234 59 HOH HOH A . 
C 3 HOH 56 235 60 HOH HOH A . 
C 3 HOH 57 236 54 HOH HOH A . 
D 3 HOH 1  10  6  HOH HOH B . 
D 3 HOH 2  53  53 HOH HOH B . 
D 3 HOH 3  55  55 HOH HOH B . 
# 
_pdbx_struct_assembly.id                   1 
_pdbx_struct_assembly.details              author_defined_assembly 
_pdbx_struct_assembly.method_details       ? 
_pdbx_struct_assembly.oligomeric_details   octameric 
_pdbx_struct_assembly.oligomeric_count     8 
# 
_pdbx_struct_assembly_gen.assembly_id       1 
_pdbx_struct_assembly_gen.oper_expression   1,2,3,4 
_pdbx_struct_assembly_gen.asym_id_list      A,B,C,D 
# 
loop_
_pdbx_struct_oper_list.id 
_pdbx_struct_oper_list.type 
_pdbx_struct_oper_list.name 
_pdbx_struct_oper_list.symmetry_operation 
_pdbx_struct_oper_list.matrix[1][1] 
_pdbx_struct_oper_list.matrix[1][2] 
_pdbx_struct_oper_list.matrix[1][3] 
_pdbx_struct_oper_list.vector[1] 
_pdbx_struct_oper_list.matrix[2][1] 
_pdbx_struct_oper_list.matrix[2][2] 
_pdbx_struct_oper_list.matrix[2][3] 
_pdbx_struct_oper_list.vector[2] 
_pdbx_struct_oper_list.matrix[3][1] 
_pdbx_struct_oper_list.matrix[3][2] 
_pdbx_struct_oper_list.matrix[3][3] 
_pdbx_struct_oper_list.vector[3] 
1 'identity operation'         1_555  x,y,z       1.0000000000  0.0000000000  0.0000000000  0.0000000000   0.0000000000  1.0000000000 0.0000000000  0.0000000000  0.0000000000  0.0000000000  1.0000000000  0.0000000000  
2 'crystal symmetry operation' 3_654  -x+1,y,-z-1 -0.9941174513 -0.0972159339 0.0477446887  -7.8636263381  -0.0972159339 0.6066059486 -0.7890363016 17.3832828484 0.0477446887  -0.7890363016 -0.6124884974 36.3640498551 
3 'crystal symmetry operation' 21_655 z+1,y,-x    0.0029412744  -0.4887849215 -0.8723993635 16.1900816173  0.3915689876  0.8033029743 -0.4487516678 11.4084101295 0.9201440522  -0.3402846338 0.1937557513  21.2346195483 
4 'crystal symmetry operation' 23_554 -z,y,x-1    0.0029412744  0.3915689876  0.9201440522  -24.0537079554 -0.4887849215 0.8033029743 -0.3402846338 5.9748727189  -0.8723993635 -0.4487516678 0.1937557513  15.1294303068 
# 
loop_
_pdbx_audit_revision_history.ordinal 
_pdbx_audit_revision_history.data_content_type 
_pdbx_audit_revision_history.major_revision 
_pdbx_audit_revision_history.minor_revision 
_pdbx_audit_revision_history.revision_date 
1 'Structure model' 1 0 2010-08-11 
2 'Structure model' 1 1 2011-07-13 
3 'Structure model' 1 2 2019-07-17 
4 'Structure model' 1 3 2023-09-06 
# 
_pdbx_audit_revision_details.ordinal             1 
_pdbx_audit_revision_details.revision_ordinal    1 
_pdbx_audit_revision_details.data_content_type   'Structure model' 
_pdbx_audit_revision_details.provider            repository 
_pdbx_audit_revision_details.type                'Initial release' 
_pdbx_audit_revision_details.description         ? 
_pdbx_audit_revision_details.details             ? 
# 
loop_
_pdbx_audit_revision_group.ordinal 
_pdbx_audit_revision_group.revision_ordinal 
_pdbx_audit_revision_group.data_content_type 
_pdbx_audit_revision_group.group 
1 2 'Structure model' 'Version format compliance' 
2 3 'Structure model' 'Data collection'           
3 3 'Structure model' 'Refinement description'    
4 4 'Structure model' 'Data collection'           
5 4 'Structure model' 'Database references'       
6 4 'Structure model' 'Refinement description'    
# 
loop_
_pdbx_audit_revision_category.ordinal 
_pdbx_audit_revision_category.revision_ordinal 
_pdbx_audit_revision_category.data_content_type 
_pdbx_audit_revision_category.category 
1 3 'Structure model' software                      
2 4 'Structure model' chem_comp_atom                
3 4 'Structure model' chem_comp_bond                
4 4 'Structure model' database_2                    
5 4 'Structure model' pdbx_initial_refinement_model 
# 
loop_
_pdbx_audit_revision_item.ordinal 
_pdbx_audit_revision_item.revision_ordinal 
_pdbx_audit_revision_item.data_content_type 
_pdbx_audit_revision_item.item 
1 3 'Structure model' '_software.classification'            
2 3 'Structure model' '_software.name'                      
3 3 'Structure model' '_software.version'                   
4 4 'Structure model' '_database_2.pdbx_DOI'                
5 4 'Structure model' '_database_2.pdbx_database_accession' 
# 
loop_
_software.name 
_software.classification 
_software.version 
_software.citation_id 
_software.pdbx_ordinal 
PHENIX   refinement        '(phenix.refine)' ? 1 
PHENIX   'model building'  .                 ? 2 
CNS      refinement        .                 ? 3 
CBASS    'data collection' .                 ? 4 
HKL-2000 'data reduction'  .                 ? 5 
HKL-2000 'data scaling'    .                 ? 6 
PHENIX   phasing           .                 ? 7 
CNS      phasing           .                 ? 8 
# 
_pdbx_entry_details.entry_id                 3N1L 
_pdbx_entry_details.nonpolymer_details       ? 
_pdbx_entry_details.sequence_details         
;THE SEQUENCE OF THE CRYSTALLIZED DNA IS A 32-MER OLIGONUCLEOTIDE WITH SEQUENCE ACAGTAAAAACAGTAAAAACAGTAAAAACAGT. ONLY 9 RESIDUES OF DEOXYADENOSINE WERE MODELED IN THE COORDINATES OF THE ASYMMETRIC UNIT. ACCORDING TO THE AUTHORS, THE 32-MER DNA BINDS A TETRAMER THAT INCLUDE FOUR MONOMERS OF FOUR ASYMMETRIC UNITS; THE STWHY2-DNA BINDING IS NOT SEQUENCE SPECIFIC THUS EACH TETRAMERIC PROTEIN BINDS A 32-MER DNA IN DIFFERENT SEQUENCE REGISTERS; AS A RESULT ONLY THREE OF THE FOUR DNA-BINDING SITES OF EACH TETRAMER WOULD BE PHYSICALLY OCCUPIED BY THE DNA.
;
_pdbx_entry_details.compound_details         ? 
_pdbx_entry_details.source_details           ? 
_pdbx_entry_details.has_ligand_of_interest   ? 
# 
loop_
_pdbx_validate_rmsd_bond.id 
_pdbx_validate_rmsd_bond.PDB_model_num 
_pdbx_validate_rmsd_bond.auth_atom_id_1 
_pdbx_validate_rmsd_bond.auth_asym_id_1 
_pdbx_validate_rmsd_bond.auth_comp_id_1 
_pdbx_validate_rmsd_bond.auth_seq_id_1 
_pdbx_validate_rmsd_bond.PDB_ins_code_1 
_pdbx_validate_rmsd_bond.label_alt_id_1 
_pdbx_validate_rmsd_bond.auth_atom_id_2 
_pdbx_validate_rmsd_bond.auth_asym_id_2 
_pdbx_validate_rmsd_bond.auth_comp_id_2 
_pdbx_validate_rmsd_bond.auth_seq_id_2 
_pdbx_validate_rmsd_bond.PDB_ins_code_2 
_pdbx_validate_rmsd_bond.label_alt_id_2 
_pdbx_validate_rmsd_bond.bond_value 
_pdbx_validate_rmsd_bond.bond_target_value 
_pdbx_validate_rmsd_bond.bond_deviation 
_pdbx_validate_rmsd_bond.bond_standard_deviation 
_pdbx_validate_rmsd_bond.linker_flag 
1 1 "O3'" B DA 3 ? ? "C3'" B DA 3 ? ? 1.379 1.419 -0.040 0.006 N 
2 1 "O3'" B DA 6 ? ? "C3'" B DA 6 ? ? 1.380 1.419 -0.039 0.006 N 
# 
loop_
_pdbx_validate_rmsd_angle.id 
_pdbx_validate_rmsd_angle.PDB_model_num 
_pdbx_validate_rmsd_angle.auth_atom_id_1 
_pdbx_validate_rmsd_angle.auth_asym_id_1 
_pdbx_validate_rmsd_angle.auth_comp_id_1 
_pdbx_validate_rmsd_angle.auth_seq_id_1 
_pdbx_validate_rmsd_angle.PDB_ins_code_1 
_pdbx_validate_rmsd_angle.label_alt_id_1 
_pdbx_validate_rmsd_angle.auth_atom_id_2 
_pdbx_validate_rmsd_angle.auth_asym_id_2 
_pdbx_validate_rmsd_angle.auth_comp_id_2 
_pdbx_validate_rmsd_angle.auth_seq_id_2 
_pdbx_validate_rmsd_angle.PDB_ins_code_2 
_pdbx_validate_rmsd_angle.label_alt_id_2 
_pdbx_validate_rmsd_angle.auth_atom_id_3 
_pdbx_validate_rmsd_angle.auth_asym_id_3 
_pdbx_validate_rmsd_angle.auth_comp_id_3 
_pdbx_validate_rmsd_angle.auth_seq_id_3 
_pdbx_validate_rmsd_angle.PDB_ins_code_3 
_pdbx_validate_rmsd_angle.label_alt_id_3 
_pdbx_validate_rmsd_angle.angle_value 
_pdbx_validate_rmsd_angle.angle_target_value 
_pdbx_validate_rmsd_angle.angle_deviation 
_pdbx_validate_rmsd_angle.angle_standard_deviation 
_pdbx_validate_rmsd_angle.linker_flag 
1 1 "O5'" B DA 3 ? ? "C5'" B DA 3 ? ? "C4'" B DA 3 ? ? 104.37 109.40 -5.03 0.80 N 
2 1 "O4'" B DA 3 ? ? "C1'" B DA 3 ? ? "C2'" B DA 3 ? ? 110.48 106.80 3.68  0.50 N 
3 1 "C3'" B DA 4 ? ? "C2'" B DA 4 ? ? "C1'" B DA 4 ? ? 96.56  102.40 -5.84 0.80 N 
4 1 "O4'" B DA 8 ? ? "C1'" B DA 8 ? ? N9    B DA 8 ? ? 102.47 108.00 -5.53 0.70 N 
# 
loop_
_pdbx_validate_torsion.id 
_pdbx_validate_torsion.PDB_model_num 
_pdbx_validate_torsion.auth_comp_id 
_pdbx_validate_torsion.auth_asym_id 
_pdbx_validate_torsion.auth_seq_id 
_pdbx_validate_torsion.PDB_ins_code 
_pdbx_validate_torsion.label_alt_id 
_pdbx_validate_torsion.phi 
_pdbx_validate_torsion.psi 
1 1 LEU A 82  ? ? -47.89  159.75  
2 1 ASN A 90  ? ? -104.86 -80.40  
3 1 ARG A 106 ? ? 34.42   61.72   
4 1 SER A 142 ? ? -100.77 53.77   
5 1 LEU A 144 ? ? 54.55   13.79   
6 1 SER A 145 ? ? -117.51 -166.47 
# 
loop_
_pdbx_unobs_or_zero_occ_residues.id 
_pdbx_unobs_or_zero_occ_residues.PDB_model_num 
_pdbx_unobs_or_zero_occ_residues.polymer_flag 
_pdbx_unobs_or_zero_occ_residues.occupancy_flag 
_pdbx_unobs_or_zero_occ_residues.auth_asym_id 
_pdbx_unobs_or_zero_occ_residues.auth_comp_id 
_pdbx_unobs_or_zero_occ_residues.auth_seq_id 
_pdbx_unobs_or_zero_occ_residues.PDB_ins_code 
_pdbx_unobs_or_zero_occ_residues.label_asym_id 
_pdbx_unobs_or_zero_occ_residues.label_comp_id 
_pdbx_unobs_or_zero_occ_residues.label_seq_id 
1  1 Y 1 A MET 47  ? A MET 1   
2  1 Y 1 A ALA 48  ? A ALA 2   
3  1 Y 1 A ASP 49  ? A ASP 3   
4  1 Y 1 A ALA 50  ? A ALA 4   
5  1 Y 1 A GLY 51  ? A GLY 5   
6  1 Y 1 A LYS 52  ? A LYS 6   
7  1 Y 1 A ARG 53  ? A ARG 7   
8  1 Y 1 A GLU 54  ? A GLU 8   
9  1 Y 1 A PRO 216 ? A PRO 170 
10 1 Y 1 A LEU 217 ? A LEU 171 
11 1 Y 1 A GLU 218 ? A GLU 172 
12 1 Y 1 A HIS 219 ? A HIS 173 
13 1 Y 1 A HIS 220 ? A HIS 174 
14 1 Y 1 A HIS 221 ? A HIS 175 
15 1 Y 1 A HIS 222 ? A HIS 176 
16 1 Y 1 A HIS 223 ? A HIS 177 
17 1 Y 1 A HIS 224 ? A HIS 178 
# 
loop_
_chem_comp_atom.comp_id 
_chem_comp_atom.atom_id 
_chem_comp_atom.type_symbol 
_chem_comp_atom.pdbx_aromatic_flag 
_chem_comp_atom.pdbx_stereo_config 
_chem_comp_atom.pdbx_ordinal 
ALA N      N N N 1   
ALA CA     C N S 2   
ALA C      C N N 3   
ALA O      O N N 4   
ALA CB     C N N 5   
ALA OXT    O N N 6   
ALA H      H N N 7   
ALA H2     H N N 8   
ALA HA     H N N 9   
ALA HB1    H N N 10  
ALA HB2    H N N 11  
ALA HB3    H N N 12  
ALA HXT    H N N 13  
ARG N      N N N 14  
ARG CA     C N S 15  
ARG C      C N N 16  
ARG O      O N N 17  
ARG CB     C N N 18  
ARG CG     C N N 19  
ARG CD     C N N 20  
ARG NE     N N N 21  
ARG CZ     C N N 22  
ARG NH1    N N N 23  
ARG NH2    N N N 24  
ARG OXT    O N N 25  
ARG H      H N N 26  
ARG H2     H N N 27  
ARG HA     H N N 28  
ARG HB2    H N N 29  
ARG HB3    H N N 30  
ARG HG2    H N N 31  
ARG HG3    H N N 32  
ARG HD2    H N N 33  
ARG HD3    H N N 34  
ARG HE     H N N 35  
ARG HH11   H N N 36  
ARG HH12   H N N 37  
ARG HH21   H N N 38  
ARG HH22   H N N 39  
ARG HXT    H N N 40  
ASN N      N N N 41  
ASN CA     C N S 42  
ASN C      C N N 43  
ASN O      O N N 44  
ASN CB     C N N 45  
ASN CG     C N N 46  
ASN OD1    O N N 47  
ASN ND2    N N N 48  
ASN OXT    O N N 49  
ASN H      H N N 50  
ASN H2     H N N 51  
ASN HA     H N N 52  
ASN HB2    H N N 53  
ASN HB3    H N N 54  
ASN HD21   H N N 55  
ASN HD22   H N N 56  
ASN HXT    H N N 57  
ASP N      N N N 58  
ASP CA     C N S 59  
ASP C      C N N 60  
ASP O      O N N 61  
ASP CB     C N N 62  
ASP CG     C N N 63  
ASP OD1    O N N 64  
ASP OD2    O N N 65  
ASP OXT    O N N 66  
ASP H      H N N 67  
ASP H2     H N N 68  
ASP HA     H N N 69  
ASP HB2    H N N 70  
ASP HB3    H N N 71  
ASP HD2    H N N 72  
ASP HXT    H N N 73  
DA  OP3    O N N 74  
DA  P      P N N 75  
DA  OP1    O N N 76  
DA  OP2    O N N 77  
DA  "O5'"  O N N 78  
DA  "C5'"  C N N 79  
DA  "C4'"  C N R 80  
DA  "O4'"  O N N 81  
DA  "C3'"  C N S 82  
DA  "O3'"  O N N 83  
DA  "C2'"  C N N 84  
DA  "C1'"  C N R 85  
DA  N9     N Y N 86  
DA  C8     C Y N 87  
DA  N7     N Y N 88  
DA  C5     C Y N 89  
DA  C6     C Y N 90  
DA  N6     N N N 91  
DA  N1     N Y N 92  
DA  C2     C Y N 93  
DA  N3     N Y N 94  
DA  C4     C Y N 95  
DA  HOP3   H N N 96  
DA  HOP2   H N N 97  
DA  "H5'"  H N N 98  
DA  "H5''" H N N 99  
DA  "H4'"  H N N 100 
DA  "H3'"  H N N 101 
DA  "HO3'" H N N 102 
DA  "H2'"  H N N 103 
DA  "H2''" H N N 104 
DA  "H1'"  H N N 105 
DA  H8     H N N 106 
DA  H61    H N N 107 
DA  H62    H N N 108 
DA  H2     H N N 109 
GLN N      N N N 110 
GLN CA     C N S 111 
GLN C      C N N 112 
GLN O      O N N 113 
GLN CB     C N N 114 
GLN CG     C N N 115 
GLN CD     C N N 116 
GLN OE1    O N N 117 
GLN NE2    N N N 118 
GLN OXT    O N N 119 
GLN H      H N N 120 
GLN H2     H N N 121 
GLN HA     H N N 122 
GLN HB2    H N N 123 
GLN HB3    H N N 124 
GLN HG2    H N N 125 
GLN HG3    H N N 126 
GLN HE21   H N N 127 
GLN HE22   H N N 128 
GLN HXT    H N N 129 
GLU N      N N N 130 
GLU CA     C N S 131 
GLU C      C N N 132 
GLU O      O N N 133 
GLU CB     C N N 134 
GLU CG     C N N 135 
GLU CD     C N N 136 
GLU OE1    O N N 137 
GLU OE2    O N N 138 
GLU OXT    O N N 139 
GLU H      H N N 140 
GLU H2     H N N 141 
GLU HA     H N N 142 
GLU HB2    H N N 143 
GLU HB3    H N N 144 
GLU HG2    H N N 145 
GLU HG3    H N N 146 
GLU HE2    H N N 147 
GLU HXT    H N N 148 
GLY N      N N N 149 
GLY CA     C N N 150 
GLY C      C N N 151 
GLY O      O N N 152 
GLY OXT    O N N 153 
GLY H      H N N 154 
GLY H2     H N N 155 
GLY HA2    H N N 156 
GLY HA3    H N N 157 
GLY HXT    H N N 158 
HIS N      N N N 159 
HIS CA     C N S 160 
HIS C      C N N 161 
HIS O      O N N 162 
HIS CB     C N N 163 
HIS CG     C Y N 164 
HIS ND1    N Y N 165 
HIS CD2    C Y N 166 
HIS CE1    C Y N 167 
HIS NE2    N Y N 168 
HIS OXT    O N N 169 
HIS H      H N N 170 
HIS H2     H N N 171 
HIS HA     H N N 172 
HIS HB2    H N N 173 
HIS HB3    H N N 174 
HIS HD1    H N N 175 
HIS HD2    H N N 176 
HIS HE1    H N N 177 
HIS HE2    H N N 178 
HIS HXT    H N N 179 
HOH O      O N N 180 
HOH H1     H N N 181 
HOH H2     H N N 182 
ILE N      N N N 183 
ILE CA     C N S 184 
ILE C      C N N 185 
ILE O      O N N 186 
ILE CB     C N S 187 
ILE CG1    C N N 188 
ILE CG2    C N N 189 
ILE CD1    C N N 190 
ILE OXT    O N N 191 
ILE H      H N N 192 
ILE H2     H N N 193 
ILE HA     H N N 194 
ILE HB     H N N 195 
ILE HG12   H N N 196 
ILE HG13   H N N 197 
ILE HG21   H N N 198 
ILE HG22   H N N 199 
ILE HG23   H N N 200 
ILE HD11   H N N 201 
ILE HD12   H N N 202 
ILE HD13   H N N 203 
ILE HXT    H N N 204 
LEU N      N N N 205 
LEU CA     C N S 206 
LEU C      C N N 207 
LEU O      O N N 208 
LEU CB     C N N 209 
LEU CG     C N N 210 
LEU CD1    C N N 211 
LEU CD2    C N N 212 
LEU OXT    O N N 213 
LEU H      H N N 214 
LEU H2     H N N 215 
LEU HA     H N N 216 
LEU HB2    H N N 217 
LEU HB3    H N N 218 
LEU HG     H N N 219 
LEU HD11   H N N 220 
LEU HD12   H N N 221 
LEU HD13   H N N 222 
LEU HD21   H N N 223 
LEU HD22   H N N 224 
LEU HD23   H N N 225 
LEU HXT    H N N 226 
LYS N      N N N 227 
LYS CA     C N S 228 
LYS C      C N N 229 
LYS O      O N N 230 
LYS CB     C N N 231 
LYS CG     C N N 232 
LYS CD     C N N 233 
LYS CE     C N N 234 
LYS NZ     N N N 235 
LYS OXT    O N N 236 
LYS H      H N N 237 
LYS H2     H N N 238 
LYS HA     H N N 239 
LYS HB2    H N N 240 
LYS HB3    H N N 241 
LYS HG2    H N N 242 
LYS HG3    H N N 243 
LYS HD2    H N N 244 
LYS HD3    H N N 245 
LYS HE2    H N N 246 
LYS HE3    H N N 247 
LYS HZ1    H N N 248 
LYS HZ2    H N N 249 
LYS HZ3    H N N 250 
LYS HXT    H N N 251 
MET N      N N N 252 
MET CA     C N S 253 
MET C      C N N 254 
MET O      O N N 255 
MET CB     C N N 256 
MET CG     C N N 257 
MET SD     S N N 258 
MET CE     C N N 259 
MET OXT    O N N 260 
MET H      H N N 261 
MET H2     H N N 262 
MET HA     H N N 263 
MET HB2    H N N 264 
MET HB3    H N N 265 
MET HG2    H N N 266 
MET HG3    H N N 267 
MET HE1    H N N 268 
MET HE2    H N N 269 
MET HE3    H N N 270 
MET HXT    H N N 271 
PHE N      N N N 272 
PHE CA     C N S 273 
PHE C      C N N 274 
PHE O      O N N 275 
PHE CB     C N N 276 
PHE CG     C Y N 277 
PHE CD1    C Y N 278 
PHE CD2    C Y N 279 
PHE CE1    C Y N 280 
PHE CE2    C Y N 281 
PHE CZ     C Y N 282 
PHE OXT    O N N 283 
PHE H      H N N 284 
PHE H2     H N N 285 
PHE HA     H N N 286 
PHE HB2    H N N 287 
PHE HB3    H N N 288 
PHE HD1    H N N 289 
PHE HD2    H N N 290 
PHE HE1    H N N 291 
PHE HE2    H N N 292 
PHE HZ     H N N 293 
PHE HXT    H N N 294 
PRO N      N N N 295 
PRO CA     C N S 296 
PRO C      C N N 297 
PRO O      O N N 298 
PRO CB     C N N 299 
PRO CG     C N N 300 
PRO CD     C N N 301 
PRO OXT    O N N 302 
PRO H      H N N 303 
PRO HA     H N N 304 
PRO HB2    H N N 305 
PRO HB3    H N N 306 
PRO HG2    H N N 307 
PRO HG3    H N N 308 
PRO HD2    H N N 309 
PRO HD3    H N N 310 
PRO HXT    H N N 311 
SER N      N N N 312 
SER CA     C N S 313 
SER C      C N N 314 
SER O      O N N 315 
SER CB     C N N 316 
SER OG     O N N 317 
SER OXT    O N N 318 
SER H      H N N 319 
SER H2     H N N 320 
SER HA     H N N 321 
SER HB2    H N N 322 
SER HB3    H N N 323 
SER HG     H N N 324 
SER HXT    H N N 325 
THR N      N N N 326 
THR CA     C N S 327 
THR C      C N N 328 
THR O      O N N 329 
THR CB     C N R 330 
THR OG1    O N N 331 
THR CG2    C N N 332 
THR OXT    O N N 333 
THR H      H N N 334 
THR H2     H N N 335 
THR HA     H N N 336 
THR HB     H N N 337 
THR HG1    H N N 338 
THR HG21   H N N 339 
THR HG22   H N N 340 
THR HG23   H N N 341 
THR HXT    H N N 342 
TRP N      N N N 343 
TRP CA     C N S 344 
TRP C      C N N 345 
TRP O      O N N 346 
TRP CB     C N N 347 
TRP CG     C Y N 348 
TRP CD1    C Y N 349 
TRP CD2    C Y N 350 
TRP NE1    N Y N 351 
TRP CE2    C Y N 352 
TRP CE3    C Y N 353 
TRP CZ2    C Y N 354 
TRP CZ3    C Y N 355 
TRP CH2    C Y N 356 
TRP OXT    O N N 357 
TRP H      H N N 358 
TRP H2     H N N 359 
TRP HA     H N N 360 
TRP HB2    H N N 361 
TRP HB3    H N N 362 
TRP HD1    H N N 363 
TRP HE1    H N N 364 
TRP HE3    H N N 365 
TRP HZ2    H N N 366 
TRP HZ3    H N N 367 
TRP HH2    H N N 368 
TRP HXT    H N N 369 
TYR N      N N N 370 
TYR CA     C N S 371 
TYR C      C N N 372 
TYR O      O N N 373 
TYR CB     C N N 374 
TYR CG     C Y N 375 
TYR CD1    C Y N 376 
TYR CD2    C Y N 377 
TYR CE1    C Y N 378 
TYR CE2    C Y N 379 
TYR CZ     C Y N 380 
TYR OH     O N N 381 
TYR OXT    O N N 382 
TYR H      H N N 383 
TYR H2     H N N 384 
TYR HA     H N N 385 
TYR HB2    H N N 386 
TYR HB3    H N N 387 
TYR HD1    H N N 388 
TYR HD2    H N N 389 
TYR HE1    H N N 390 
TYR HE2    H N N 391 
TYR HH     H N N 392 
TYR HXT    H N N 393 
VAL N      N N N 394 
VAL CA     C N S 395 
VAL C      C N N 396 
VAL O      O N N 397 
VAL CB     C N N 398 
VAL CG1    C N N 399 
VAL CG2    C N N 400 
VAL OXT    O N N 401 
VAL H      H N N 402 
VAL H2     H N N 403 
VAL HA     H N N 404 
VAL HB     H N N 405 
VAL HG11   H N N 406 
VAL HG12   H N N 407 
VAL HG13   H N N 408 
VAL HG21   H N N 409 
VAL HG22   H N N 410 
VAL HG23   H N N 411 
VAL HXT    H N N 412 
# 
loop_
_chem_comp_bond.comp_id 
_chem_comp_bond.atom_id_1 
_chem_comp_bond.atom_id_2 
_chem_comp_bond.value_order 
_chem_comp_bond.pdbx_aromatic_flag 
_chem_comp_bond.pdbx_stereo_config 
_chem_comp_bond.pdbx_ordinal 
ALA N     CA     sing N N 1   
ALA N     H      sing N N 2   
ALA N     H2     sing N N 3   
ALA CA    C      sing N N 4   
ALA CA    CB     sing N N 5   
ALA CA    HA     sing N N 6   
ALA C     O      doub N N 7   
ALA C     OXT    sing N N 8   
ALA CB    HB1    sing N N 9   
ALA CB    HB2    sing N N 10  
ALA CB    HB3    sing N N 11  
ALA OXT   HXT    sing N N 12  
ARG N     CA     sing N N 13  
ARG N     H      sing N N 14  
ARG N     H2     sing N N 15  
ARG CA    C      sing N N 16  
ARG CA    CB     sing N N 17  
ARG CA    HA     sing N N 18  
ARG C     O      doub N N 19  
ARG C     OXT    sing N N 20  
ARG CB    CG     sing N N 21  
ARG CB    HB2    sing N N 22  
ARG CB    HB3    sing N N 23  
ARG CG    CD     sing N N 24  
ARG CG    HG2    sing N N 25  
ARG CG    HG3    sing N N 26  
ARG CD    NE     sing N N 27  
ARG CD    HD2    sing N N 28  
ARG CD    HD3    sing N N 29  
ARG NE    CZ     sing N N 30  
ARG NE    HE     sing N N 31  
ARG CZ    NH1    sing N N 32  
ARG CZ    NH2    doub N N 33  
ARG NH1   HH11   sing N N 34  
ARG NH1   HH12   sing N N 35  
ARG NH2   HH21   sing N N 36  
ARG NH2   HH22   sing N N 37  
ARG OXT   HXT    sing N N 38  
ASN N     CA     sing N N 39  
ASN N     H      sing N N 40  
ASN N     H2     sing N N 41  
ASN CA    C      sing N N 42  
ASN CA    CB     sing N N 43  
ASN CA    HA     sing N N 44  
ASN C     O      doub N N 45  
ASN C     OXT    sing N N 46  
ASN CB    CG     sing N N 47  
ASN CB    HB2    sing N N 48  
ASN CB    HB3    sing N N 49  
ASN CG    OD1    doub N N 50  
ASN CG    ND2    sing N N 51  
ASN ND2   HD21   sing N N 52  
ASN ND2   HD22   sing N N 53  
ASN OXT   HXT    sing N N 54  
ASP N     CA     sing N N 55  
ASP N     H      sing N N 56  
ASP N     H2     sing N N 57  
ASP CA    C      sing N N 58  
ASP CA    CB     sing N N 59  
ASP CA    HA     sing N N 60  
ASP C     O      doub N N 61  
ASP C     OXT    sing N N 62  
ASP CB    CG     sing N N 63  
ASP CB    HB2    sing N N 64  
ASP CB    HB3    sing N N 65  
ASP CG    OD1    doub N N 66  
ASP CG    OD2    sing N N 67  
ASP OD2   HD2    sing N N 68  
ASP OXT   HXT    sing N N 69  
DA  OP3   P      sing N N 70  
DA  OP3   HOP3   sing N N 71  
DA  P     OP1    doub N N 72  
DA  P     OP2    sing N N 73  
DA  P     "O5'"  sing N N 74  
DA  OP2   HOP2   sing N N 75  
DA  "O5'" "C5'"  sing N N 76  
DA  "C5'" "C4'"  sing N N 77  
DA  "C5'" "H5'"  sing N N 78  
DA  "C5'" "H5''" sing N N 79  
DA  "C4'" "O4'"  sing N N 80  
DA  "C4'" "C3'"  sing N N 81  
DA  "C4'" "H4'"  sing N N 82  
DA  "O4'" "C1'"  sing N N 83  
DA  "C3'" "O3'"  sing N N 84  
DA  "C3'" "C2'"  sing N N 85  
DA  "C3'" "H3'"  sing N N 86  
DA  "O3'" "HO3'" sing N N 87  
DA  "C2'" "C1'"  sing N N 88  
DA  "C2'" "H2'"  sing N N 89  
DA  "C2'" "H2''" sing N N 90  
DA  "C1'" N9     sing N N 91  
DA  "C1'" "H1'"  sing N N 92  
DA  N9    C8     sing Y N 93  
DA  N9    C4     sing Y N 94  
DA  C8    N7     doub Y N 95  
DA  C8    H8     sing N N 96  
DA  N7    C5     sing Y N 97  
DA  C5    C6     sing Y N 98  
DA  C5    C4     doub Y N 99  
DA  C6    N6     sing N N 100 
DA  C6    N1     doub Y N 101 
DA  N6    H61    sing N N 102 
DA  N6    H62    sing N N 103 
DA  N1    C2     sing Y N 104 
DA  C2    N3     doub Y N 105 
DA  C2    H2     sing N N 106 
DA  N3    C4     sing Y N 107 
GLN N     CA     sing N N 108 
GLN N     H      sing N N 109 
GLN N     H2     sing N N 110 
GLN CA    C      sing N N 111 
GLN CA    CB     sing N N 112 
GLN CA    HA     sing N N 113 
GLN C     O      doub N N 114 
GLN C     OXT    sing N N 115 
GLN CB    CG     sing N N 116 
GLN CB    HB2    sing N N 117 
GLN CB    HB3    sing N N 118 
GLN CG    CD     sing N N 119 
GLN CG    HG2    sing N N 120 
GLN CG    HG3    sing N N 121 
GLN CD    OE1    doub N N 122 
GLN CD    NE2    sing N N 123 
GLN NE2   HE21   sing N N 124 
GLN NE2   HE22   sing N N 125 
GLN OXT   HXT    sing N N 126 
GLU N     CA     sing N N 127 
GLU N     H      sing N N 128 
GLU N     H2     sing N N 129 
GLU CA    C      sing N N 130 
GLU CA    CB     sing N N 131 
GLU CA    HA     sing N N 132 
GLU C     O      doub N N 133 
GLU C     OXT    sing N N 134 
GLU CB    CG     sing N N 135 
GLU CB    HB2    sing N N 136 
GLU CB    HB3    sing N N 137 
GLU CG    CD     sing N N 138 
GLU CG    HG2    sing N N 139 
GLU CG    HG3    sing N N 140 
GLU CD    OE1    doub N N 141 
GLU CD    OE2    sing N N 142 
GLU OE2   HE2    sing N N 143 
GLU OXT   HXT    sing N N 144 
GLY N     CA     sing N N 145 
GLY N     H      sing N N 146 
GLY N     H2     sing N N 147 
GLY CA    C      sing N N 148 
GLY CA    HA2    sing N N 149 
GLY CA    HA3    sing N N 150 
GLY C     O      doub N N 151 
GLY C     OXT    sing N N 152 
GLY OXT   HXT    sing N N 153 
HIS N     CA     sing N N 154 
HIS N     H      sing N N 155 
HIS N     H2     sing N N 156 
HIS CA    C      sing N N 157 
HIS CA    CB     sing N N 158 
HIS CA    HA     sing N N 159 
HIS C     O      doub N N 160 
HIS C     OXT    sing N N 161 
HIS CB    CG     sing N N 162 
HIS CB    HB2    sing N N 163 
HIS CB    HB3    sing N N 164 
HIS CG    ND1    sing Y N 165 
HIS CG    CD2    doub Y N 166 
HIS ND1   CE1    doub Y N 167 
HIS ND1   HD1    sing N N 168 
HIS CD2   NE2    sing Y N 169 
HIS CD2   HD2    sing N N 170 
HIS CE1   NE2    sing Y N 171 
HIS CE1   HE1    sing N N 172 
HIS NE2   HE2    sing N N 173 
HIS OXT   HXT    sing N N 174 
HOH O     H1     sing N N 175 
HOH O     H2     sing N N 176 
ILE N     CA     sing N N 177 
ILE N     H      sing N N 178 
ILE N     H2     sing N N 179 
ILE CA    C      sing N N 180 
ILE CA    CB     sing N N 181 
ILE CA    HA     sing N N 182 
ILE C     O      doub N N 183 
ILE C     OXT    sing N N 184 
ILE CB    CG1    sing N N 185 
ILE CB    CG2    sing N N 186 
ILE CB    HB     sing N N 187 
ILE CG1   CD1    sing N N 188 
ILE CG1   HG12   sing N N 189 
ILE CG1   HG13   sing N N 190 
ILE CG2   HG21   sing N N 191 
ILE CG2   HG22   sing N N 192 
ILE CG2   HG23   sing N N 193 
ILE CD1   HD11   sing N N 194 
ILE CD1   HD12   sing N N 195 
ILE CD1   HD13   sing N N 196 
ILE OXT   HXT    sing N N 197 
LEU N     CA     sing N N 198 
LEU N     H      sing N N 199 
LEU N     H2     sing N N 200 
LEU CA    C      sing N N 201 
LEU CA    CB     sing N N 202 
LEU CA    HA     sing N N 203 
LEU C     O      doub N N 204 
LEU C     OXT    sing N N 205 
LEU CB    CG     sing N N 206 
LEU CB    HB2    sing N N 207 
LEU CB    HB3    sing N N 208 
LEU CG    CD1    sing N N 209 
LEU CG    CD2    sing N N 210 
LEU CG    HG     sing N N 211 
LEU CD1   HD11   sing N N 212 
LEU CD1   HD12   sing N N 213 
LEU CD1   HD13   sing N N 214 
LEU CD2   HD21   sing N N 215 
LEU CD2   HD22   sing N N 216 
LEU CD2   HD23   sing N N 217 
LEU OXT   HXT    sing N N 218 
LYS N     CA     sing N N 219 
LYS N     H      sing N N 220 
LYS N     H2     sing N N 221 
LYS CA    C      sing N N 222 
LYS CA    CB     sing N N 223 
LYS CA    HA     sing N N 224 
LYS C     O      doub N N 225 
LYS C     OXT    sing N N 226 
LYS CB    CG     sing N N 227 
LYS CB    HB2    sing N N 228 
LYS CB    HB3    sing N N 229 
LYS CG    CD     sing N N 230 
LYS CG    HG2    sing N N 231 
LYS CG    HG3    sing N N 232 
LYS CD    CE     sing N N 233 
LYS CD    HD2    sing N N 234 
LYS CD    HD3    sing N N 235 
LYS CE    NZ     sing N N 236 
LYS CE    HE2    sing N N 237 
LYS CE    HE3    sing N N 238 
LYS NZ    HZ1    sing N N 239 
LYS NZ    HZ2    sing N N 240 
LYS NZ    HZ3    sing N N 241 
LYS OXT   HXT    sing N N 242 
MET N     CA     sing N N 243 
MET N     H      sing N N 244 
MET N     H2     sing N N 245 
MET CA    C      sing N N 246 
MET CA    CB     sing N N 247 
MET CA    HA     sing N N 248 
MET C     O      doub N N 249 
MET C     OXT    sing N N 250 
MET CB    CG     sing N N 251 
MET CB    HB2    sing N N 252 
MET CB    HB3    sing N N 253 
MET CG    SD     sing N N 254 
MET CG    HG2    sing N N 255 
MET CG    HG3    sing N N 256 
MET SD    CE     sing N N 257 
MET CE    HE1    sing N N 258 
MET CE    HE2    sing N N 259 
MET CE    HE3    sing N N 260 
MET OXT   HXT    sing N N 261 
PHE N     CA     sing N N 262 
PHE N     H      sing N N 263 
PHE N     H2     sing N N 264 
PHE CA    C      sing N N 265 
PHE CA    CB     sing N N 266 
PHE CA    HA     sing N N 267 
PHE C     O      doub N N 268 
PHE C     OXT    sing N N 269 
PHE CB    CG     sing N N 270 
PHE CB    HB2    sing N N 271 
PHE CB    HB3    sing N N 272 
PHE CG    CD1    doub Y N 273 
PHE CG    CD2    sing Y N 274 
PHE CD1   CE1    sing Y N 275 
PHE CD1   HD1    sing N N 276 
PHE CD2   CE2    doub Y N 277 
PHE CD2   HD2    sing N N 278 
PHE CE1   CZ     doub Y N 279 
PHE CE1   HE1    sing N N 280 
PHE CE2   CZ     sing Y N 281 
PHE CE2   HE2    sing N N 282 
PHE CZ    HZ     sing N N 283 
PHE OXT   HXT    sing N N 284 
PRO N     CA     sing N N 285 
PRO N     CD     sing N N 286 
PRO N     H      sing N N 287 
PRO CA    C      sing N N 288 
PRO CA    CB     sing N N 289 
PRO CA    HA     sing N N 290 
PRO C     O      doub N N 291 
PRO C     OXT    sing N N 292 
PRO CB    CG     sing N N 293 
PRO CB    HB2    sing N N 294 
PRO CB    HB3    sing N N 295 
PRO CG    CD     sing N N 296 
PRO CG    HG2    sing N N 297 
PRO CG    HG3    sing N N 298 
PRO CD    HD2    sing N N 299 
PRO CD    HD3    sing N N 300 
PRO OXT   HXT    sing N N 301 
SER N     CA     sing N N 302 
SER N     H      sing N N 303 
SER N     H2     sing N N 304 
SER CA    C      sing N N 305 
SER CA    CB     sing N N 306 
SER CA    HA     sing N N 307 
SER C     O      doub N N 308 
SER C     OXT    sing N N 309 
SER CB    OG     sing N N 310 
SER CB    HB2    sing N N 311 
SER CB    HB3    sing N N 312 
SER OG    HG     sing N N 313 
SER OXT   HXT    sing N N 314 
THR N     CA     sing N N 315 
THR N     H      sing N N 316 
THR N     H2     sing N N 317 
THR CA    C      sing N N 318 
THR CA    CB     sing N N 319 
THR CA    HA     sing N N 320 
THR C     O      doub N N 321 
THR C     OXT    sing N N 322 
THR CB    OG1    sing N N 323 
THR CB    CG2    sing N N 324 
THR CB    HB     sing N N 325 
THR OG1   HG1    sing N N 326 
THR CG2   HG21   sing N N 327 
THR CG2   HG22   sing N N 328 
THR CG2   HG23   sing N N 329 
THR OXT   HXT    sing N N 330 
TRP N     CA     sing N N 331 
TRP N     H      sing N N 332 
TRP N     H2     sing N N 333 
TRP CA    C      sing N N 334 
TRP CA    CB     sing N N 335 
TRP CA    HA     sing N N 336 
TRP C     O      doub N N 337 
TRP C     OXT    sing N N 338 
TRP CB    CG     sing N N 339 
TRP CB    HB2    sing N N 340 
TRP CB    HB3    sing N N 341 
TRP CG    CD1    doub Y N 342 
TRP CG    CD2    sing Y N 343 
TRP CD1   NE1    sing Y N 344 
TRP CD1   HD1    sing N N 345 
TRP CD2   CE2    doub Y N 346 
TRP CD2   CE3    sing Y N 347 
TRP NE1   CE2    sing Y N 348 
TRP NE1   HE1    sing N N 349 
TRP CE2   CZ2    sing Y N 350 
TRP CE3   CZ3    doub Y N 351 
TRP CE3   HE3    sing N N 352 
TRP CZ2   CH2    doub Y N 353 
TRP CZ2   HZ2    sing N N 354 
TRP CZ3   CH2    sing Y N 355 
TRP CZ3   HZ3    sing N N 356 
TRP CH2   HH2    sing N N 357 
TRP OXT   HXT    sing N N 358 
TYR N     CA     sing N N 359 
TYR N     H      sing N N 360 
TYR N     H2     sing N N 361 
TYR CA    C      sing N N 362 
TYR CA    CB     sing N N 363 
TYR CA    HA     sing N N 364 
TYR C     O      doub N N 365 
TYR C     OXT    sing N N 366 
TYR CB    CG     sing N N 367 
TYR CB    HB2    sing N N 368 
TYR CB    HB3    sing N N 369 
TYR CG    CD1    doub Y N 370 
TYR CG    CD2    sing Y N 371 
TYR CD1   CE1    sing Y N 372 
TYR CD1   HD1    sing N N 373 
TYR CD2   CE2    doub Y N 374 
TYR CD2   HD2    sing N N 375 
TYR CE1   CZ     doub Y N 376 
TYR CE1   HE1    sing N N 377 
TYR CE2   CZ     sing Y N 378 
TYR CE2   HE2    sing N N 379 
TYR CZ    OH     sing N N 380 
TYR OH    HH     sing N N 381 
TYR OXT   HXT    sing N N 382 
VAL N     CA     sing N N 383 
VAL N     H      sing N N 384 
VAL N     H2     sing N N 385 
VAL CA    C      sing N N 386 
VAL CA    CB     sing N N 387 
VAL CA    HA     sing N N 388 
VAL C     O      doub N N 389 
VAL C     OXT    sing N N 390 
VAL CB    CG1    sing N N 391 
VAL CB    CG2    sing N N 392 
VAL CB    HB     sing N N 393 
VAL CG1   HG11   sing N N 394 
VAL CG1   HG12   sing N N 395 
VAL CG1   HG13   sing N N 396 
VAL CG2   HG21   sing N N 397 
VAL CG2   HG22   sing N N 398 
VAL CG2   HG23   sing N N 399 
VAL OXT   HXT    sing N N 400 
# 
_pdbx_entity_nonpoly.entity_id   3 
_pdbx_entity_nonpoly.name        water 
_pdbx_entity_nonpoly.comp_id     HOH 
# 
_pdbx_initial_refinement_model.id               1 
_pdbx_initial_refinement_model.entity_id_list   ? 
_pdbx_initial_refinement_model.type             'experimental model' 
_pdbx_initial_refinement_model.source_name      PDB 
_pdbx_initial_refinement_model.accession_code   1L3A 
_pdbx_initial_refinement_model.details          'PDB ENTRY 1L3A' 
# 
